data_6IA5
#
_entry.id   6IA5
#
_cell.length_a   90.612
_cell.length_b   126.028
_cell.length_c   151.458
_cell.angle_alpha   90.00
_cell.angle_beta   90.00
_cell.angle_gamma   90.00
#
_symmetry.space_group_name_H-M   'P 21 21 21'
#
loop_
_entity.id
_entity.type
_entity.pdbx_description
1 polymer 'Phage-like element PBSX protein XepA'
2 non-polymer GLYCEROL
3 non-polymer 'ACETATE ION'
4 water water
#
_entity_poly.entity_id   1
_entity_poly.type   'polypeptide(L)'
_entity_poly.pdbx_seq_one_letter_code
;MVKYQYEFPLDKAGKAGAVKPYRGGKNDFVTPVSNLSGVAEILTNAALKATEAYSQLGQDRLGAVLISKVKGWAYADREG
TLFIEESDNNNVWTTTAAVNVAAGVLTATDWVYLSKRYYRFRYVNGNLQQSEFVLYQSVGAGEMDVRVNEKTPLQIDFAE
NQTHDGRLKVEARKTFDFVFHENAESASEGAALPVDGAAHLLVEVYGTAEMSEVKFWGKSVSGQKLPIRGVKTDDATTAS
STLGKAEAWAFDIKGFKEIIMEIISITGGTLSVKGTAVS
;
_entity_poly.pdbx_strand_id   D,A,C,B,E
#
loop_
_chem_comp.id
_chem_comp.type
_chem_comp.name
_chem_comp.formula
ACT non-polymer 'ACETATE ION' 'C2 H3 O2 -1'
GOL non-polymer GLYCEROL 'C3 H8 O3'
#
# COMPACT_ATOMS: atom_id res chain seq x y z
N LYS A 3 -46.21 -7.00 19.23
CA LYS A 3 -45.99 -5.58 19.70
C LYS A 3 -44.79 -5.58 20.65
N TYR A 4 -43.77 -4.75 20.38
CA TYR A 4 -42.46 -4.90 20.99
C TYR A 4 -42.27 -3.88 22.10
N GLN A 5 -41.10 -3.93 22.75
CA GLN A 5 -40.78 -3.17 23.94
C GLN A 5 -40.23 -1.78 23.61
N TYR A 6 -39.82 -1.54 22.35
CA TYR A 6 -39.30 -0.22 22.02
C TYR A 6 -40.48 0.72 21.74
N GLU A 7 -40.24 2.02 21.84
CA GLU A 7 -41.27 2.99 21.57
C GLU A 7 -40.70 4.12 20.72
N PHE A 8 -41.37 4.44 19.62
CA PHE A 8 -40.94 5.55 18.80
C PHE A 8 -41.16 6.85 19.56
N PRO A 9 -40.15 7.77 19.61
CA PRO A 9 -40.35 9.09 20.19
C PRO A 9 -41.34 9.89 19.34
N LEU A 10 -41.87 10.96 19.93
CA LEU A 10 -42.75 11.89 19.25
C LEU A 10 -41.97 13.18 19.10
N ASP A 11 -42.15 13.88 17.97
CA ASP A 11 -41.57 15.21 17.83
C ASP A 11 -42.41 16.23 18.61
N LYS A 12 -42.04 17.51 18.48
CA LYS A 12 -42.63 18.62 19.21
C LYS A 12 -44.14 18.67 18.94
N ALA A 13 -44.55 18.32 17.70
CA ALA A 13 -45.93 18.38 17.28
C ALA A 13 -46.64 17.06 17.56
N GLY A 14 -46.00 16.14 18.30
CA GLY A 14 -46.60 14.85 18.61
C GLY A 14 -46.55 13.83 17.47
N LYS A 15 -45.71 14.03 16.45
CA LYS A 15 -45.55 13.04 15.38
C LYS A 15 -44.52 11.98 15.74
N ALA A 16 -44.92 10.70 15.66
CA ALA A 16 -44.05 9.56 15.88
C ALA A 16 -43.09 9.41 14.71
N GLY A 17 -41.89 8.89 14.98
CA GLY A 17 -40.92 8.61 13.94
C GLY A 17 -39.88 7.63 14.45
N ALA A 18 -39.31 6.81 13.56
CA ALA A 18 -38.27 5.87 13.96
C ALA A 18 -36.92 6.60 13.95
N VAL A 19 -36.78 7.58 14.85
CA VAL A 19 -35.64 8.49 14.89
C VAL A 19 -35.11 8.53 16.33
N LYS A 20 -33.90 9.07 16.46
CA LYS A 20 -33.33 9.45 17.73
C LYS A 20 -33.03 10.95 17.70
N PRO A 21 -33.16 11.66 18.86
CA PRO A 21 -32.77 13.07 18.93
C PRO A 21 -31.26 13.18 19.09
N TYR A 22 -30.69 14.33 18.68
CA TYR A 22 -29.28 14.58 18.94
C TYR A 22 -29.02 16.09 18.90
N ARG A 23 -27.76 16.45 19.19
CA ARG A 23 -27.30 17.80 19.47
C ARG A 23 -27.60 18.13 20.93
N GLY A 24 -26.94 19.17 21.45
CA GLY A 24 -26.96 19.46 22.87
C GLY A 24 -28.38 19.63 23.40
N GLY A 25 -29.20 20.34 22.63
CA GLY A 25 -30.58 20.60 22.96
C GLY A 25 -31.57 19.58 22.40
N LYS A 26 -31.10 18.45 21.87
CA LYS A 26 -31.95 17.37 21.39
CA LYS A 26 -31.95 17.37 21.39
C LYS A 26 -33.00 17.90 20.41
N ASN A 27 -32.58 18.86 19.59
CA ASN A 27 -33.48 19.54 18.67
C ASN A 27 -33.26 19.08 17.24
N ASP A 28 -32.54 17.97 17.04
CA ASP A 28 -32.33 17.45 15.70
C ASP A 28 -32.68 15.97 15.75
N PHE A 29 -32.89 15.35 14.57
CA PHE A 29 -33.34 13.96 14.55
C PHE A 29 -32.52 13.17 13.52
N VAL A 30 -32.38 11.87 13.75
CA VAL A 30 -31.67 11.01 12.80
C VAL A 30 -32.32 9.62 12.87
N THR A 31 -32.44 8.97 11.70
CA THR A 31 -33.01 7.63 11.61
C THR A 31 -31.91 6.58 11.75
N PRO A 32 -31.94 5.73 12.81
CA PRO A 32 -30.98 4.63 12.94
C PRO A 32 -31.26 3.59 11.87
N VAL A 33 -30.17 3.15 11.20
CA VAL A 33 -30.30 2.18 10.13
C VAL A 33 -29.24 1.10 10.30
N SER A 34 -29.45 0.00 9.57
CA SER A 34 -28.49 -1.09 9.49
C SER A 34 -28.63 -1.70 8.12
N ASN A 35 -27.47 -1.90 7.47
CA ASN A 35 -27.44 -2.66 6.25
C ASN A 35 -28.13 -4.00 6.53
N LEU A 36 -28.82 -4.58 5.53
CA LEU A 36 -29.56 -5.82 5.75
C LEU A 36 -28.62 -6.97 6.13
N SER A 37 -27.30 -6.84 5.87
CA SER A 37 -26.34 -7.87 6.25
C SER A 37 -26.26 -8.02 7.77
N GLY A 38 -26.75 -7.02 8.53
CA GLY A 38 -26.74 -7.07 9.98
C GLY A 38 -27.99 -7.74 10.57
N VAL A 39 -28.98 -8.04 9.70
CA VAL A 39 -30.22 -8.69 10.12
C VAL A 39 -30.02 -10.21 10.01
N ALA A 40 -30.68 -10.99 10.87
CA ALA A 40 -30.62 -12.43 10.76
C ALA A 40 -32.04 -13.03 10.85
N GLU A 41 -32.19 -14.20 10.25
CA GLU A 41 -33.37 -15.05 10.42
C GLU A 41 -32.97 -16.27 11.23
N ILE A 42 -33.81 -16.68 12.19
CA ILE A 42 -33.60 -17.98 12.81
C ILE A 42 -34.19 -19.05 11.89
N LEU A 43 -33.35 -20.01 11.47
CA LEU A 43 -33.81 -21.03 10.54
C LEU A 43 -34.53 -22.16 11.28
N THR A 44 -34.00 -22.54 12.45
CA THR A 44 -34.53 -23.67 13.21
C THR A 44 -34.06 -23.57 14.65
N ASN A 45 -34.88 -24.10 15.57
CA ASN A 45 -34.38 -24.38 16.91
C ASN A 45 -34.76 -25.79 17.36
N ALA A 46 -35.07 -26.68 16.40
CA ALA A 46 -35.50 -28.04 16.73
C ALA A 46 -34.27 -28.93 16.96
N ALA A 47 -34.18 -29.48 18.18
CA ALA A 47 -33.09 -30.36 18.61
C ALA A 47 -33.04 -31.61 17.73
N LEU A 48 -31.83 -32.01 17.31
CA LEU A 48 -31.65 -33.11 16.38
C LEU A 48 -31.18 -34.33 17.16
N LYS A 49 -31.59 -35.53 16.72
CA LYS A 49 -31.07 -36.76 17.28
C LYS A 49 -29.64 -36.97 16.77
N ALA A 50 -28.91 -37.90 17.36
CA ALA A 50 -27.57 -38.24 16.90
C ALA A 50 -27.61 -38.53 15.40
N THR A 51 -26.69 -37.89 14.64
CA THR A 51 -26.50 -38.05 13.20
C THR A 51 -27.64 -37.46 12.37
N GLU A 52 -28.71 -36.93 12.99
CA GLU A 52 -29.79 -36.33 12.22
C GLU A 52 -29.34 -34.99 11.62
N ALA A 53 -29.86 -34.66 10.44
CA ALA A 53 -29.51 -33.44 9.71
C ALA A 53 -30.72 -32.51 9.64
N TYR A 54 -30.46 -31.21 9.72
CA TYR A 54 -31.40 -30.19 9.29
C TYR A 54 -30.99 -29.69 7.92
N SER A 55 -31.94 -29.59 6.97
CA SER A 55 -31.68 -29.07 5.63
C SER A 55 -32.65 -27.95 5.33
N GLN A 56 -32.14 -26.72 5.15
CA GLN A 56 -32.98 -25.60 4.80
C GLN A 56 -33.52 -25.82 3.38
N LEU A 57 -34.76 -25.42 3.10
CA LEU A 57 -35.20 -25.45 1.71
C LEU A 57 -34.34 -24.47 0.91
N GLY A 58 -34.05 -24.81 -0.34
CA GLY A 58 -33.27 -23.97 -1.22
C GLY A 58 -33.85 -22.55 -1.29
N GLN A 59 -32.97 -21.56 -1.16
CA GLN A 59 -33.34 -20.15 -1.18
C GLN A 59 -32.93 -19.56 -2.52
N ASP A 60 -33.88 -19.03 -3.28
CA ASP A 60 -33.59 -18.43 -4.58
C ASP A 60 -32.95 -17.05 -4.35
N ARG A 61 -31.76 -16.81 -4.93
CA ARG A 61 -31.11 -15.52 -4.77
C ARG A 61 -31.77 -14.45 -5.65
N LEU A 62 -32.45 -14.87 -6.72
CA LEU A 62 -33.04 -13.95 -7.68
C LEU A 62 -34.38 -13.42 -7.15
N GLY A 63 -34.52 -12.11 -7.14
CA GLY A 63 -35.72 -11.47 -6.62
C GLY A 63 -35.52 -9.97 -6.64
N ALA A 64 -36.45 -9.25 -6.00
CA ALA A 64 -36.35 -7.80 -5.87
C ALA A 64 -35.07 -7.43 -5.11
N VAL A 65 -34.66 -8.25 -4.15
CA VAL A 65 -33.38 -8.06 -3.49
C VAL A 65 -32.44 -9.15 -3.99
N LEU A 66 -31.35 -8.76 -4.66
CA LEU A 66 -30.49 -9.76 -5.26
CA LEU A 66 -30.49 -9.75 -5.28
C LEU A 66 -29.43 -10.17 -4.25
N ILE A 67 -29.63 -11.34 -3.65
CA ILE A 67 -28.74 -11.82 -2.59
C ILE A 67 -27.36 -12.13 -3.18
N SER A 68 -26.31 -11.54 -2.60
CA SER A 68 -24.93 -11.72 -3.08
C SER A 68 -24.11 -12.60 -2.13
N LYS A 69 -24.50 -12.70 -0.86
CA LYS A 69 -23.65 -13.35 0.14
C LYS A 69 -24.49 -13.83 1.32
N VAL A 70 -23.93 -14.77 2.09
CA VAL A 70 -24.67 -15.36 3.20
C VAL A 70 -23.67 -15.67 4.30
N LYS A 71 -24.16 -15.62 5.55
CA LYS A 71 -23.32 -15.97 6.69
C LYS A 71 -24.21 -16.68 7.71
N GLY A 72 -23.60 -17.61 8.46
CA GLY A 72 -24.36 -18.38 9.44
C GLY A 72 -23.73 -18.40 10.82
N TRP A 73 -24.61 -18.61 11.83
CA TRP A 73 -24.17 -18.85 13.20
C TRP A 73 -24.94 -20.05 13.73
N ALA A 74 -24.20 -20.94 14.40
CA ALA A 74 -24.78 -22.15 14.98
C ALA A 74 -24.38 -22.22 16.45
N TYR A 75 -25.36 -22.62 17.26
CA TYR A 75 -25.11 -22.91 18.65
C TYR A 75 -25.86 -24.18 19.01
N ALA A 76 -25.17 -25.17 19.57
CA ALA A 76 -25.77 -26.41 20.05
C ALA A 76 -25.02 -26.93 21.27
N ASP A 77 -25.71 -27.71 22.10
CA ASP A 77 -25.11 -28.24 23.32
C ASP A 77 -24.25 -29.46 23.00
N ARG A 78 -24.29 -29.96 21.76
CA ARG A 78 -23.41 -31.06 21.34
C ARG A 78 -22.80 -30.72 19.98
N GLU A 79 -21.72 -31.40 19.61
CA GLU A 79 -21.00 -31.02 18.41
C GLU A 79 -21.75 -31.46 17.16
N GLY A 80 -21.49 -30.73 16.07
CA GLY A 80 -22.06 -30.98 14.76
C GLY A 80 -21.25 -30.27 13.68
N THR A 81 -21.80 -30.21 12.47
CA THR A 81 -21.13 -29.56 11.35
C THR A 81 -22.17 -28.75 10.58
N LEU A 82 -21.81 -27.48 10.29
CA LEU A 82 -22.64 -26.61 9.48
C LEU A 82 -22.05 -26.50 8.08
N PHE A 83 -22.89 -26.69 7.06
CA PHE A 83 -22.51 -26.58 5.67
C PHE A 83 -23.30 -25.45 5.03
N ILE A 84 -22.62 -24.64 4.22
CA ILE A 84 -23.29 -23.69 3.34
C ILE A 84 -23.19 -24.26 1.93
N GLU A 85 -24.34 -24.39 1.26
CA GLU A 85 -24.37 -25.13 0.01
C GLU A 85 -25.11 -24.35 -1.06
N GLU A 86 -24.82 -24.68 -2.32
CA GLU A 86 -25.37 -23.95 -3.45
C GLU A 86 -25.83 -24.94 -4.51
N SER A 87 -26.78 -24.51 -5.33
CA SER A 87 -27.33 -25.35 -6.37
C SER A 87 -27.85 -24.45 -7.50
N ASP A 88 -27.63 -24.88 -8.75
CA ASP A 88 -28.22 -24.18 -9.87
C ASP A 88 -29.61 -24.72 -10.20
N ASN A 89 -29.97 -25.90 -9.69
CA ASN A 89 -31.27 -26.47 -10.05
C ASN A 89 -32.16 -26.72 -8.83
N ASN A 90 -31.69 -26.37 -7.62
CA ASN A 90 -32.46 -26.57 -6.40
C ASN A 90 -32.72 -28.05 -6.18
N ASN A 91 -31.79 -28.89 -6.64
CA ASN A 91 -31.94 -30.34 -6.55
C ASN A 91 -30.59 -30.97 -6.21
N VAL A 92 -29.55 -30.64 -6.98
CA VAL A 92 -28.22 -31.16 -6.70
C VAL A 92 -27.41 -30.03 -6.06
N TRP A 93 -26.79 -30.32 -4.92
CA TRP A 93 -26.17 -29.35 -4.03
C TRP A 93 -24.66 -29.57 -3.99
N THR A 94 -23.90 -28.48 -4.03
CA THR A 94 -22.47 -28.56 -3.75
C THR A 94 -22.18 -27.76 -2.49
N THR A 95 -21.18 -28.20 -1.71
CA THR A 95 -20.81 -27.52 -0.47
C THR A 95 -19.83 -26.40 -0.78
N THR A 96 -20.15 -25.17 -0.35
CA THR A 96 -19.26 -24.05 -0.61
C THR A 96 -18.39 -23.81 0.61
N ALA A 97 -18.94 -24.06 1.80
CA ALA A 97 -18.16 -23.88 3.03
C ALA A 97 -18.70 -24.84 4.08
N ALA A 98 -17.85 -25.15 5.06
CA ALA A 98 -18.19 -26.10 6.10
C ALA A 98 -17.43 -25.70 7.35
N VAL A 99 -18.08 -25.75 8.50
CA VAL A 99 -17.43 -25.42 9.76
C VAL A 99 -17.84 -26.49 10.79
N ASN A 100 -16.85 -26.97 11.56
CA ASN A 100 -17.11 -27.80 12.73
C ASN A 100 -17.69 -26.93 13.84
N VAL A 101 -18.74 -27.41 14.49
CA VAL A 101 -19.38 -26.66 15.56
C VAL A 101 -19.16 -27.45 16.85
N ALA A 102 -18.33 -26.91 17.76
CA ALA A 102 -18.07 -27.53 19.05
C ALA A 102 -19.28 -27.38 19.96
N ALA A 103 -19.41 -28.31 20.93
CA ALA A 103 -20.47 -28.29 21.91
C ALA A 103 -20.41 -27.01 22.73
N GLY A 104 -21.54 -26.29 22.82
CA GLY A 104 -21.66 -25.15 23.71
C GLY A 104 -20.80 -23.94 23.30
N VAL A 105 -20.39 -23.87 22.02
CA VAL A 105 -19.56 -22.78 21.53
C VAL A 105 -20.24 -22.14 20.32
N LEU A 106 -20.64 -20.86 20.43
CA LEU A 106 -21.18 -20.19 19.26
C LEU A 106 -20.14 -20.22 18.15
N THR A 107 -20.56 -20.67 16.96
CA THR A 107 -19.67 -20.84 15.84
C THR A 107 -20.26 -20.12 14.62
N ALA A 108 -19.43 -19.30 13.97
CA ALA A 108 -19.85 -18.51 12.81
C ALA A 108 -19.11 -19.03 11.58
N THR A 109 -19.77 -19.01 10.41
CA THR A 109 -19.05 -19.15 9.15
C THR A 109 -18.44 -17.78 8.81
N ASP A 110 -17.64 -17.71 7.74
CA ASP A 110 -17.36 -16.41 7.13
C ASP A 110 -18.54 -15.98 6.27
N TRP A 111 -18.52 -14.74 5.79
CA TRP A 111 -19.35 -14.36 4.66
C TRP A 111 -18.97 -15.22 3.47
N VAL A 112 -19.97 -15.88 2.88
CA VAL A 112 -19.78 -16.67 1.67
C VAL A 112 -20.45 -15.93 0.51
N TYR A 113 -19.65 -15.59 -0.51
CA TYR A 113 -20.14 -14.90 -1.70
C TYR A 113 -20.68 -15.95 -2.66
N LEU A 114 -21.93 -15.77 -3.09
CA LEU A 114 -22.66 -16.83 -3.76
C LEU A 114 -22.47 -16.72 -5.28
N SER A 115 -22.60 -17.85 -5.97
CA SER A 115 -22.53 -17.83 -7.42
C SER A 115 -23.68 -18.56 -8.11
N LYS A 116 -24.15 -19.68 -7.53
CA LYS A 116 -25.25 -20.41 -8.14
C LYS A 116 -26.58 -19.76 -7.75
N ARG A 117 -27.67 -20.25 -8.31
CA ARG A 117 -28.96 -19.61 -8.14
C ARG A 117 -29.53 -19.76 -6.72
N TYR A 118 -29.33 -20.94 -6.10
CA TYR A 118 -29.96 -21.27 -4.82
C TYR A 118 -28.90 -21.53 -3.78
N TYR A 119 -29.18 -21.13 -2.52
CA TYR A 119 -28.30 -21.39 -1.40
C TYR A 119 -29.12 -22.07 -0.30
N ARG A 120 -28.43 -22.78 0.61
CA ARG A 120 -29.07 -23.32 1.80
C ARG A 120 -28.00 -23.58 2.85
N PHE A 121 -28.45 -23.68 4.11
CA PHE A 121 -27.67 -24.27 5.17
C PHE A 121 -28.13 -25.71 5.35
N ARG A 122 -27.17 -26.60 5.60
CA ARG A 122 -27.46 -27.95 6.06
C ARG A 122 -26.57 -28.19 7.28
N TYR A 123 -27.21 -28.63 8.38
CA TYR A 123 -26.49 -28.89 9.62
C TYR A 123 -26.63 -30.37 9.95
N VAL A 124 -25.49 -31.05 10.13
CA VAL A 124 -25.48 -32.47 10.48
C VAL A 124 -25.03 -32.61 11.94
N ASN A 125 -25.91 -33.13 12.80
CA ASN A 125 -25.59 -33.35 14.20
C ASN A 125 -24.58 -34.49 14.32
N GLY A 126 -23.68 -34.43 15.31
CA GLY A 126 -22.72 -35.50 15.55
C GLY A 126 -23.37 -36.66 16.33
N ASN A 127 -22.56 -37.40 17.10
CA ASN A 127 -22.94 -38.70 17.63
CA ASN A 127 -22.93 -38.70 17.65
C ASN A 127 -23.78 -38.60 18.91
N LEU A 128 -24.11 -37.39 19.37
CA LEU A 128 -24.94 -37.26 20.56
C LEU A 128 -26.13 -36.36 20.25
N GLN A 129 -27.30 -36.79 20.74
CA GLN A 129 -28.55 -36.04 20.58
CA GLN A 129 -28.53 -36.03 20.57
C GLN A 129 -28.41 -34.64 21.19
N GLN A 130 -28.92 -33.63 20.50
CA GLN A 130 -28.87 -32.27 21.03
C GLN A 130 -30.03 -32.08 22.00
N SER A 131 -29.84 -31.23 23.01
CA SER A 131 -30.95 -30.77 23.81
C SER A 131 -31.22 -29.29 23.54
N GLU A 132 -30.26 -28.59 22.94
CA GLU A 132 -30.43 -27.17 22.62
C GLU A 132 -29.71 -26.88 21.29
N PHE A 133 -30.40 -26.17 20.38
CA PHE A 133 -29.87 -25.86 19.06
C PHE A 133 -30.56 -24.63 18.48
N VAL A 134 -29.78 -23.67 17.96
CA VAL A 134 -30.31 -22.58 17.14
C VAL A 134 -29.37 -22.38 15.96
N LEU A 135 -29.98 -22.00 14.82
CA LEU A 135 -29.22 -21.73 13.61
C LEU A 135 -29.74 -20.44 12.99
N TYR A 136 -28.84 -19.45 12.81
CA TYR A 136 -29.19 -18.12 12.30
C TYR A 136 -28.51 -17.88 10.96
N GLN A 137 -29.19 -17.10 10.09
CA GLN A 137 -28.72 -16.85 8.74
C GLN A 137 -28.87 -15.38 8.42
N SER A 138 -27.77 -14.75 7.97
CA SER A 138 -27.78 -13.38 7.45
C SER A 138 -27.43 -13.41 5.98
N VAL A 139 -28.01 -12.48 5.20
CA VAL A 139 -27.75 -12.35 3.77
C VAL A 139 -27.44 -10.87 3.51
N GLY A 140 -26.71 -10.61 2.43
CA GLY A 140 -26.42 -9.24 2.02
C GLY A 140 -26.63 -9.09 0.52
N ALA A 141 -26.40 -7.88 0.02
CA ALA A 141 -26.67 -7.53 -1.37
C ALA A 141 -25.97 -6.22 -1.67
N GLY A 142 -25.67 -5.98 -2.97
CA GLY A 142 -25.24 -4.65 -3.39
C GLY A 142 -23.76 -4.35 -3.13
N GLU A 143 -23.35 -3.18 -3.60
CA GLU A 143 -22.01 -2.67 -3.45
C GLU A 143 -22.06 -1.16 -3.63
N MET A 144 -21.49 -0.43 -2.65
CA MET A 144 -21.49 1.03 -2.67
CA MET A 144 -21.50 1.03 -2.70
C MET A 144 -20.12 1.53 -3.09
N ASP A 145 -20.09 2.53 -4.01
CA ASP A 145 -18.87 3.23 -4.37
C ASP A 145 -18.52 4.19 -3.26
N VAL A 146 -17.24 4.14 -2.83
CA VAL A 146 -16.77 5.00 -1.77
C VAL A 146 -15.49 5.70 -2.21
N ARG A 147 -15.26 6.89 -1.63
CA ARG A 147 -14.05 7.64 -1.81
C ARG A 147 -13.36 7.72 -0.45
N VAL A 148 -12.17 7.14 -0.38
CA VAL A 148 -11.38 7.15 0.85
C VAL A 148 -10.73 8.51 1.01
N ASN A 149 -10.87 9.09 2.21
CA ASN A 149 -10.44 10.46 2.49
C ASN A 149 -8.93 10.60 2.21
N GLU A 150 -8.57 11.66 1.47
CA GLU A 150 -7.21 11.87 0.99
C GLU A 150 -6.33 12.59 2.02
N LYS A 151 -6.95 13.11 3.09
CA LYS A 151 -6.23 13.90 4.09
C LYS A 151 -5.14 13.07 4.75
N THR A 152 -5.50 11.88 5.24
CA THR A 152 -4.60 11.14 6.10
C THR A 152 -4.07 9.93 5.36
N PRO A 153 -2.73 9.76 5.32
CA PRO A 153 -2.15 8.55 4.74
C PRO A 153 -2.73 7.35 5.49
N LEU A 154 -2.93 6.24 4.79
CA LEU A 154 -3.24 4.98 5.45
C LEU A 154 -1.94 4.38 5.96
N GLN A 155 -1.97 3.84 7.18
CA GLN A 155 -0.93 2.95 7.67
C GLN A 155 -1.12 1.60 7.01
N ILE A 156 -0.03 1.07 6.44
CA ILE A 156 -0.08 -0.19 5.73
CA ILE A 156 -0.07 -0.18 5.72
C ILE A 156 0.93 -1.15 6.35
N ASP A 157 0.67 -2.44 6.16
CA ASP A 157 1.47 -3.52 6.69
C ASP A 157 1.64 -4.55 5.58
N PHE A 158 2.73 -5.30 5.65
CA PHE A 158 3.00 -6.31 4.64
C PHE A 158 2.76 -7.69 5.23
N ALA A 159 2.36 -8.64 4.37
CA ALA A 159 2.20 -10.04 4.74
C ALA A 159 3.43 -10.54 5.50
N GLU A 160 3.21 -11.45 6.46
CA GLU A 160 4.30 -12.15 7.11
C GLU A 160 5.19 -12.78 6.04
N ASN A 161 4.56 -13.08 4.88
CA ASN A 161 5.19 -13.76 3.78
C ASN A 161 6.08 -12.79 2.98
N GLN A 162 5.90 -11.47 3.15
CA GLN A 162 6.73 -10.55 2.38
C GLN A 162 7.73 -9.79 3.24
N THR A 163 7.77 -10.09 4.53
CA THR A 163 8.62 -9.39 5.49
C THR A 163 9.66 -10.37 6.07
N HIS A 164 10.81 -9.84 6.51
CA HIS A 164 11.80 -10.66 7.20
C HIS A 164 12.66 -9.73 8.05
N ASP A 165 12.61 -9.94 9.38
CA ASP A 165 13.49 -9.20 10.28
C ASP A 165 13.00 -7.75 10.38
N GLY A 166 11.71 -7.52 10.05
CA GLY A 166 11.12 -6.19 10.02
C GLY A 166 11.50 -5.39 8.77
N ARG A 167 11.88 -6.08 7.69
CA ARG A 167 12.25 -5.39 6.45
C ARG A 167 11.44 -6.01 5.31
N LEU A 168 11.04 -5.18 4.34
CA LEU A 168 10.35 -5.70 3.17
C LEU A 168 11.35 -6.40 2.24
N LYS A 169 11.04 -7.64 1.85
CA LYS A 169 11.88 -8.41 0.96
C LYS A 169 11.70 -7.90 -0.48
N VAL A 170 12.81 -7.49 -1.09
CA VAL A 170 12.79 -6.98 -2.45
C VAL A 170 13.77 -7.80 -3.29
N GLU A 171 13.59 -7.72 -4.61
CA GLU A 171 14.54 -8.28 -5.55
C GLU A 171 14.97 -7.20 -6.53
N ALA A 172 16.26 -6.81 -6.44
CA ALA A 172 16.77 -5.75 -7.28
C ALA A 172 17.45 -6.26 -8.56
N ARG A 173 17.79 -7.56 -8.60
CA ARG A 173 18.53 -8.13 -9.70
CA ARG A 173 18.53 -8.13 -9.70
C ARG A 173 17.60 -8.50 -10.86
N LYS A 174 18.01 -8.10 -12.08
CA LYS A 174 17.39 -8.45 -13.34
C LYS A 174 18.43 -9.20 -14.21
N THR A 175 17.96 -10.22 -14.96
CA THR A 175 18.77 -11.02 -15.84
C THR A 175 18.05 -11.19 -17.18
N PHE A 176 18.80 -11.19 -18.29
CA PHE A 176 18.25 -11.57 -19.58
C PHE A 176 19.33 -12.27 -20.40
N ASP A 177 18.91 -13.20 -21.24
CA ASP A 177 19.77 -13.87 -22.21
C ASP A 177 19.74 -13.10 -23.53
N PHE A 178 20.77 -13.29 -24.35
CA PHE A 178 20.85 -12.56 -25.60
C PHE A 178 21.64 -13.38 -26.61
N VAL A 179 21.21 -13.31 -27.87
CA VAL A 179 21.87 -14.05 -28.94
C VAL A 179 22.63 -13.03 -29.79
N PHE A 180 23.97 -13.13 -29.79
CA PHE A 180 24.77 -12.28 -30.66
C PHE A 180 24.80 -12.92 -32.05
N HIS A 181 25.03 -14.25 -32.05
CA HIS A 181 25.11 -15.08 -33.25
C HIS A 181 24.56 -16.46 -32.90
N GLU A 182 23.83 -17.06 -33.85
CA GLU A 182 23.41 -18.45 -33.69
C GLU A 182 23.74 -19.22 -34.96
N ASN A 183 24.70 -20.14 -34.87
CA ASN A 183 25.09 -20.97 -36.00
C ASN A 183 25.50 -20.10 -37.18
N ALA A 184 26.29 -19.06 -36.90
CA ALA A 184 26.78 -18.18 -37.95
C ALA A 184 27.70 -18.98 -38.87
N GLU A 185 27.57 -18.71 -40.19
CA GLU A 185 28.33 -19.43 -41.20
C GLU A 185 29.41 -18.53 -41.77
N SER A 186 29.25 -17.21 -41.59
CA SER A 186 30.20 -16.26 -42.14
C SER A 186 30.33 -15.04 -41.22
N ALA A 187 31.36 -14.24 -41.49
CA ALA A 187 31.73 -13.09 -40.68
C ALA A 187 30.58 -12.11 -40.64
N SER A 188 30.29 -11.55 -39.48
CA SER A 188 29.44 -10.37 -39.35
C SER A 188 29.46 -9.85 -37.93
N GLU A 189 28.89 -8.66 -37.73
CA GLU A 189 28.83 -8.08 -36.40
C GLU A 189 27.84 -8.83 -35.52
N GLY A 190 26.77 -9.37 -36.13
CA GLY A 190 25.71 -10.05 -35.39
C GLY A 190 24.82 -9.03 -34.69
N ALA A 191 23.97 -9.49 -33.77
CA ALA A 191 23.04 -8.59 -33.08
C ALA A 191 23.75 -7.89 -31.92
N ALA A 192 23.33 -6.66 -31.62
CA ALA A 192 23.90 -5.79 -30.60
C ALA A 192 23.04 -5.89 -29.34
N LEU A 193 23.67 -6.26 -28.22
CA LEU A 193 22.98 -6.32 -26.94
C LEU A 193 22.70 -4.90 -26.45
N PRO A 194 21.44 -4.56 -26.11
CA PRO A 194 21.13 -3.29 -25.42
C PRO A 194 21.38 -3.47 -23.94
N VAL A 195 22.26 -2.64 -23.38
CA VAL A 195 22.76 -2.85 -22.02
C VAL A 195 21.64 -2.65 -20.98
N ASP A 196 20.82 -1.59 -21.15
CA ASP A 196 19.54 -1.44 -20.45
C ASP A 196 19.57 -1.93 -19.01
N GLY A 197 20.38 -1.28 -18.18
CA GLY A 197 20.31 -1.65 -16.77
C GLY A 197 21.21 -2.82 -16.31
N ALA A 198 21.84 -3.56 -17.23
CA ALA A 198 22.78 -4.62 -16.81
C ALA A 198 24.16 -4.02 -16.52
N ALA A 199 24.90 -4.67 -15.60
CA ALA A 199 26.24 -4.23 -15.23
C ALA A 199 27.29 -5.28 -15.64
N HIS A 200 26.84 -6.52 -15.81
CA HIS A 200 27.75 -7.65 -15.99
CA HIS A 200 27.73 -7.65 -15.99
C HIS A 200 27.21 -8.52 -17.12
N LEU A 201 28.15 -9.11 -17.90
CA LEU A 201 27.75 -9.94 -19.03
C LEU A 201 28.69 -11.14 -19.09
N LEU A 202 28.09 -12.34 -19.24
CA LEU A 202 28.85 -13.54 -19.50
C LEU A 202 28.51 -14.02 -20.91
N VAL A 203 29.56 -14.20 -21.74
CA VAL A 203 29.38 -14.55 -23.14
C VAL A 203 30.02 -15.91 -23.39
N GLU A 204 29.22 -16.82 -23.96
CA GLU A 204 29.72 -18.13 -24.35
C GLU A 204 29.92 -18.17 -25.87
N VAL A 205 31.07 -18.74 -26.29
CA VAL A 205 31.43 -18.92 -27.68
C VAL A 205 31.55 -20.43 -27.91
N TYR A 206 30.80 -20.98 -28.87
CA TYR A 206 30.75 -22.42 -29.04
C TYR A 206 30.22 -22.76 -30.44
N GLY A 207 30.69 -23.90 -30.97
CA GLY A 207 30.14 -24.45 -32.19
C GLY A 207 31.13 -25.38 -32.90
N THR A 208 30.84 -25.68 -34.17
CA THR A 208 31.63 -26.64 -34.93
C THR A 208 32.77 -25.95 -35.68
N ALA A 209 32.72 -24.61 -35.84
CA ALA A 209 33.74 -23.90 -36.61
C ALA A 209 35.13 -24.40 -36.22
N GLU A 210 35.97 -24.72 -37.20
CA GLU A 210 37.31 -25.21 -36.91
C GLU A 210 38.25 -24.04 -36.62
N MET A 211 37.96 -22.88 -37.20
CA MET A 211 38.68 -21.65 -36.96
C MET A 211 37.65 -20.52 -36.87
N SER A 212 37.89 -19.58 -35.94
CA SER A 212 37.06 -18.38 -35.85
C SER A 212 37.83 -17.31 -35.07
N GLU A 213 37.44 -16.07 -35.28
CA GLU A 213 37.89 -14.96 -34.44
C GLU A 213 36.68 -14.11 -34.05
N VAL A 214 36.52 -13.88 -32.74
CA VAL A 214 35.49 -13.00 -32.22
C VAL A 214 36.17 -11.80 -31.57
N LYS A 215 35.71 -10.61 -31.94
CA LYS A 215 36.23 -9.37 -31.38
C LYS A 215 35.15 -8.74 -30.50
N PHE A 216 35.55 -8.24 -29.33
CA PHE A 216 34.62 -7.75 -28.32
C PHE A 216 34.50 -6.23 -28.44
N TRP A 217 33.26 -5.74 -28.57
CA TRP A 217 33.04 -4.32 -28.79
C TRP A 217 31.95 -3.82 -27.84
N GLY A 218 32.08 -2.56 -27.44
CA GLY A 218 31.01 -1.82 -26.81
C GLY A 218 30.71 -0.57 -27.64
N LYS A 219 29.48 -0.04 -27.52
CA LYS A 219 29.23 1.29 -28.03
C LYS A 219 28.75 2.18 -26.89
N SER A 220 29.29 3.40 -26.88
CA SER A 220 28.92 4.42 -25.93
C SER A 220 28.14 5.51 -26.68
N VAL A 221 28.39 6.78 -26.35
CA VAL A 221 27.53 7.86 -26.79
C VAL A 221 27.72 8.14 -28.28
N SER A 222 28.94 8.01 -28.81
CA SER A 222 29.18 8.40 -30.20
C SER A 222 28.54 7.42 -31.17
N GLY A 223 28.35 6.17 -30.76
CA GLY A 223 27.87 5.14 -31.67
C GLY A 223 28.99 4.41 -32.40
N GLN A 224 30.24 4.87 -32.25
CA GLN A 224 31.38 4.11 -32.78
C GLN A 224 31.67 2.92 -31.86
N LYS A 225 32.09 1.80 -32.46
CA LYS A 225 32.53 0.62 -31.75
C LYS A 225 33.84 0.92 -31.02
N LEU A 226 33.90 0.51 -29.75
CA LEU A 226 35.07 0.64 -28.89
C LEU A 226 35.46 -0.76 -28.41
N PRO A 227 36.77 -1.11 -28.45
CA PRO A 227 37.21 -2.42 -27.99
C PRO A 227 37.03 -2.49 -26.48
N ILE A 228 36.55 -3.66 -26.02
CA ILE A 228 36.42 -3.92 -24.59
C ILE A 228 37.13 -5.23 -24.27
N ARG A 229 37.48 -5.38 -22.99
CA ARG A 229 38.24 -6.55 -22.55
CA ARG A 229 38.24 -6.55 -22.55
C ARG A 229 37.33 -7.44 -21.71
N GLY A 230 37.43 -8.74 -21.94
CA GLY A 230 36.71 -9.72 -21.15
C GLY A 230 37.71 -10.60 -20.39
N VAL A 231 37.21 -11.36 -19.42
CA VAL A 231 38.03 -12.26 -18.64
C VAL A 231 37.49 -13.68 -18.84
N LYS A 232 38.33 -14.58 -19.36
CA LYS A 232 37.94 -15.94 -19.66
CA LYS A 232 37.94 -15.94 -19.66
C LYS A 232 37.78 -16.73 -18.35
N THR A 233 36.72 -17.55 -18.24
CA THR A 233 36.41 -18.19 -16.98
C THR A 233 37.46 -19.24 -16.60
N ASP A 234 38.02 -19.98 -17.58
CA ASP A 234 38.85 -21.13 -17.22
C ASP A 234 40.21 -20.72 -16.67
N ASP A 235 40.80 -19.61 -17.14
CA ASP A 235 42.17 -19.29 -16.77
C ASP A 235 42.36 -17.80 -16.47
N ALA A 236 41.27 -17.02 -16.46
CA ALA A 236 41.33 -15.60 -16.14
C ALA A 236 42.19 -14.79 -17.11
N THR A 237 42.41 -15.29 -18.33
CA THR A 237 42.99 -14.49 -19.41
C THR A 237 42.08 -13.27 -19.62
N THR A 238 42.70 -12.10 -19.80
CA THR A 238 42.03 -10.88 -20.16
C THR A 238 42.39 -10.55 -21.60
N ALA A 239 41.39 -10.32 -22.46
CA ALA A 239 41.66 -10.00 -23.87
C ALA A 239 40.47 -9.25 -24.46
N SER A 240 40.69 -8.62 -25.63
CA SER A 240 39.62 -7.92 -26.34
C SER A 240 39.18 -8.69 -27.57
N SER A 241 39.65 -9.94 -27.69
CA SER A 241 39.16 -10.82 -28.75
C SER A 241 39.60 -12.24 -28.43
N THR A 242 39.08 -13.21 -29.20
CA THR A 242 39.44 -14.60 -29.00
C THR A 242 39.45 -15.35 -30.33
N LEU A 243 40.38 -16.30 -30.42
CA LEU A 243 40.51 -17.25 -31.52
C LEU A 243 39.94 -18.60 -31.07
N GLY A 244 39.44 -18.66 -29.82
CA GLY A 244 39.00 -19.93 -29.24
C GLY A 244 37.48 -20.09 -29.28
N LYS A 245 37.01 -21.23 -28.77
CA LYS A 245 35.59 -21.53 -28.61
C LYS A 245 35.50 -22.54 -27.47
N ALA A 246 34.26 -22.97 -27.13
CA ALA A 246 34.04 -23.74 -25.93
C ALA A 246 34.64 -22.98 -24.75
N GLU A 247 34.32 -21.69 -24.67
CA GLU A 247 34.84 -20.85 -23.61
C GLU A 247 33.81 -19.77 -23.31
N ALA A 248 33.97 -19.13 -22.13
CA ALA A 248 33.08 -18.06 -21.73
C ALA A 248 33.92 -16.89 -21.23
N TRP A 249 33.43 -15.68 -21.50
CA TRP A 249 34.14 -14.44 -21.23
C TRP A 249 33.22 -13.54 -20.41
N ALA A 250 33.74 -12.98 -19.32
CA ALA A 250 33.01 -12.11 -18.42
C ALA A 250 33.39 -10.67 -18.68
N PHE A 251 32.38 -9.79 -18.76
CA PHE A 251 32.60 -8.38 -19.06
C PHE A 251 31.89 -7.51 -18.03
N ASP A 252 32.55 -6.41 -17.67
CA ASP A 252 31.91 -5.31 -16.95
C ASP A 252 31.38 -4.34 -17.99
N ILE A 253 30.05 -4.18 -18.04
CA ILE A 253 29.47 -3.43 -19.14
C ILE A 253 28.79 -2.15 -18.66
N LYS A 254 28.93 -1.82 -17.37
CA LYS A 254 28.32 -0.63 -16.81
C LYS A 254 28.77 0.59 -17.61
N GLY A 255 27.81 1.38 -18.08
CA GLY A 255 28.17 2.62 -18.77
C GLY A 255 28.09 2.50 -20.29
N PHE A 256 28.11 1.28 -20.83
CA PHE A 256 27.94 1.11 -22.26
C PHE A 256 26.47 1.11 -22.65
N LYS A 257 26.20 1.44 -23.92
CA LYS A 257 24.84 1.43 -24.44
C LYS A 257 24.57 0.10 -25.12
N GLU A 258 25.57 -0.43 -25.84
CA GLU A 258 25.39 -1.70 -26.53
C GLU A 258 26.69 -2.50 -26.50
N ILE A 259 26.55 -3.83 -26.66
CA ILE A 259 27.69 -4.73 -26.69
C ILE A 259 27.56 -5.55 -27.97
N ILE A 260 28.67 -5.66 -28.71
CA ILE A 260 28.68 -6.40 -29.95
C ILE A 260 29.81 -7.40 -29.89
N MET A 261 29.50 -8.65 -30.28
CA MET A 261 30.50 -9.71 -30.36
C MET A 261 30.64 -10.07 -31.83
N GLU A 262 31.64 -9.47 -32.50
CA GLU A 262 31.74 -9.58 -33.95
C GLU A 262 32.54 -10.82 -34.34
N ILE A 263 31.97 -11.63 -35.24
CA ILE A 263 32.77 -12.68 -35.85
C ILE A 263 33.55 -12.05 -37.01
N ILE A 264 34.87 -11.95 -36.80
CA ILE A 264 35.81 -11.32 -37.72
C ILE A 264 36.06 -12.30 -38.87
N SER A 265 36.19 -13.58 -38.53
CA SER A 265 36.38 -14.63 -39.52
C SER A 265 35.92 -15.96 -38.95
N ILE A 266 35.61 -16.90 -39.85
CA ILE A 266 35.16 -18.24 -39.48
C ILE A 266 35.40 -19.15 -40.68
N THR A 267 35.90 -20.36 -40.42
CA THR A 267 36.11 -21.39 -41.44
C THR A 267 35.71 -22.74 -40.84
N GLY A 268 35.09 -23.60 -41.67
CA GLY A 268 35.00 -25.01 -41.37
C GLY A 268 33.91 -25.38 -40.36
N GLY A 269 32.76 -24.70 -40.45
CA GLY A 269 31.67 -25.00 -39.52
C GLY A 269 30.96 -23.70 -39.12
N THR A 270 30.15 -23.78 -38.06
CA THR A 270 29.38 -22.61 -37.63
C THR A 270 29.72 -22.28 -36.18
N LEU A 271 29.27 -21.11 -35.72
CA LEU A 271 29.62 -20.61 -34.40
C LEU A 271 28.44 -19.86 -33.82
N SER A 272 28.13 -20.18 -32.56
CA SER A 272 27.14 -19.43 -31.81
C SER A 272 27.85 -18.59 -30.75
N VAL A 273 27.27 -17.41 -30.48
CA VAL A 273 27.78 -16.49 -29.48
C VAL A 273 26.57 -15.96 -28.74
N LYS A 274 26.44 -16.36 -27.48
CA LYS A 274 25.25 -16.02 -26.71
C LYS A 274 25.70 -15.70 -25.30
N GLY A 275 24.95 -14.83 -24.63
CA GLY A 275 25.32 -14.42 -23.30
C GLY A 275 24.13 -14.22 -22.37
N THR A 276 24.48 -13.95 -21.10
CA THR A 276 23.55 -13.59 -20.06
C THR A 276 24.04 -12.31 -19.42
N ALA A 277 23.17 -11.30 -19.41
CA ALA A 277 23.43 -10.01 -18.81
C ALA A 277 22.72 -9.95 -17.47
N VAL A 278 23.41 -9.41 -16.47
CA VAL A 278 22.86 -9.32 -15.12
CA VAL A 278 22.86 -9.32 -15.12
C VAL A 278 23.09 -7.91 -14.62
N SER A 279 22.09 -7.36 -13.93
CA SER A 279 22.21 -6.07 -13.27
C SER A 279 23.21 -6.15 -12.09
N VAL B 2 -44.78 26.59 9.41
CA VAL B 2 -43.86 26.77 8.24
C VAL B 2 -43.84 25.49 7.41
N LYS B 3 -44.14 25.63 6.11
CA LYS B 3 -44.00 24.57 5.12
C LYS B 3 -42.77 24.87 4.28
N TYR B 4 -42.12 23.81 3.75
CA TYR B 4 -40.90 23.94 2.97
C TYR B 4 -41.23 23.85 1.49
N GLN B 5 -40.19 24.04 0.66
CA GLN B 5 -40.37 24.16 -0.78
C GLN B 5 -40.36 22.81 -1.48
N TYR B 6 -39.89 21.75 -0.79
CA TYR B 6 -39.92 20.44 -1.44
C TYR B 6 -41.31 19.83 -1.26
N GLU B 7 -41.65 18.89 -2.14
CA GLU B 7 -42.91 18.16 -2.01
C GLU B 7 -42.66 16.68 -2.24
N PHE B 8 -43.12 15.83 -1.31
CA PHE B 8 -42.95 14.41 -1.49
C PHE B 8 -43.78 13.92 -2.68
N PRO B 9 -43.21 13.10 -3.59
CA PRO B 9 -44.00 12.50 -4.67
C PRO B 9 -45.00 11.51 -4.09
N LEU B 10 -46.03 11.16 -4.88
CA LEU B 10 -47.05 10.20 -4.49
C LEU B 10 -46.84 8.96 -5.35
N ASP B 11 -47.06 7.76 -4.77
CA ASP B 11 -47.02 6.55 -5.58
C ASP B 11 -48.33 6.42 -6.37
N LYS B 12 -48.48 5.29 -7.08
CA LYS B 12 -49.61 5.02 -7.94
C LYS B 12 -50.93 5.09 -7.16
N ALA B 13 -50.89 4.70 -5.88
CA ALA B 13 -52.06 4.66 -5.02
C ALA B 13 -52.22 5.98 -4.27
N GLY B 14 -51.44 7.00 -4.64
CA GLY B 14 -51.53 8.31 -4.00
C GLY B 14 -50.84 8.39 -2.63
N LYS B 15 -49.96 7.42 -2.28
CA LYS B 15 -49.24 7.48 -1.01
C LYS B 15 -47.94 8.28 -1.16
N ALA B 16 -47.78 9.30 -0.29
CA ALA B 16 -46.61 10.15 -0.23
C ALA B 16 -45.45 9.36 0.38
N GLY B 17 -44.24 9.66 -0.05
CA GLY B 17 -43.04 9.04 0.52
C GLY B 17 -41.84 9.90 0.22
N ALA B 18 -40.82 9.86 1.10
CA ALA B 18 -39.59 10.60 0.86
C ALA B 18 -38.67 9.80 -0.06
N VAL B 19 -39.13 9.58 -1.30
CA VAL B 19 -38.48 8.69 -2.25
C VAL B 19 -38.32 9.41 -3.57
N LYS B 20 -37.46 8.83 -4.42
CA LYS B 20 -37.33 9.21 -5.81
C LYS B 20 -37.62 8.01 -6.68
N PRO B 21 -38.23 8.20 -7.87
CA PRO B 21 -38.46 7.09 -8.81
C PRO B 21 -37.17 6.80 -9.58
N TYR B 22 -37.03 5.55 -10.10
CA TYR B 22 -35.91 5.23 -10.99
C TYR B 22 -36.26 4.00 -11.82
N ARG B 23 -35.35 3.64 -12.72
CA ARG B 23 -35.52 2.66 -13.78
C ARG B 23 -36.24 3.32 -14.96
N GLY B 24 -36.15 2.70 -16.13
CA GLY B 24 -36.60 3.30 -17.38
C GLY B 24 -38.03 3.82 -17.30
N GLY B 25 -38.91 2.98 -16.73
CA GLY B 25 -40.32 3.31 -16.58
C GLY B 25 -40.68 3.95 -15.23
N LYS B 26 -39.67 4.37 -14.44
CA LYS B 26 -39.91 5.11 -13.20
C LYS B 26 -40.86 4.36 -12.28
N ASN B 27 -40.74 3.04 -12.29
CA ASN B 27 -41.68 2.21 -11.54
C ASN B 27 -40.97 1.58 -10.33
N ASP B 28 -39.79 2.09 -9.98
CA ASP B 28 -39.14 1.67 -8.74
C ASP B 28 -38.89 2.90 -7.89
N PHE B 29 -38.59 2.71 -6.59
CA PHE B 29 -38.45 3.84 -5.69
C PHE B 29 -37.22 3.63 -4.80
N VAL B 30 -36.62 4.74 -4.38
CA VAL B 30 -35.46 4.67 -3.49
C VAL B 30 -35.54 5.89 -2.56
N THR B 31 -35.18 5.69 -1.28
CA THR B 31 -35.15 6.77 -0.29
C THR B 31 -33.77 7.43 -0.28
N PRO B 32 -33.65 8.73 -0.65
CA PRO B 32 -32.38 9.43 -0.54
C PRO B 32 -32.03 9.63 0.94
N VAL B 33 -30.77 9.34 1.28
CA VAL B 33 -30.32 9.45 2.67
C VAL B 33 -28.98 10.20 2.69
N SER B 34 -28.64 10.67 3.90
CA SER B 34 -27.34 11.21 4.22
C SER B 34 -26.98 10.81 5.63
N ASN B 35 -25.77 10.29 5.80
CA ASN B 35 -25.23 10.10 7.14
C ASN B 35 -25.37 11.43 7.88
N LEU B 36 -25.58 11.39 9.20
CA LEU B 36 -25.79 12.62 9.97
C LEU B 36 -24.57 13.53 9.92
N SER B 37 -23.39 13.01 9.55
CA SER B 37 -22.18 13.84 9.44
C SER B 37 -22.32 14.90 8.35
N GLY B 38 -23.27 14.73 7.43
CA GLY B 38 -23.51 15.66 6.35
C GLY B 38 -24.53 16.74 6.72
N VAL B 39 -25.14 16.63 7.90
CA VAL B 39 -26.11 17.61 8.39
C VAL B 39 -25.34 18.66 9.19
N ALA B 40 -25.81 19.91 9.17
CA ALA B 40 -25.20 20.94 10.01
C ALA B 40 -26.28 21.70 10.77
N GLU B 41 -25.89 22.27 11.91
CA GLU B 41 -26.68 23.22 12.66
C GLU B 41 -26.01 24.59 12.56
N ILE B 42 -26.79 25.65 12.32
CA ILE B 42 -26.22 26.99 12.43
C ILE B 42 -26.19 27.37 13.91
N LEU B 43 -25.00 27.68 14.43
CA LEU B 43 -24.86 27.95 15.86
C LEU B 43 -25.22 29.41 16.15
N THR B 44 -24.84 30.32 15.25
CA THR B 44 -25.03 31.75 15.44
C THR B 44 -24.89 32.45 14.08
N ASN B 45 -25.61 33.57 13.91
CA ASN B 45 -25.32 34.50 12.83
C ASN B 45 -25.26 35.94 13.34
N ALA B 46 -25.02 36.10 14.65
CA ALA B 46 -24.94 37.42 15.26
C ALA B 46 -23.52 37.97 15.08
N ALA B 47 -23.42 39.11 14.38
CA ALA B 47 -22.19 39.86 14.18
C ALA B 47 -21.54 40.23 15.51
N LEU B 48 -20.22 40.04 15.62
CA LEU B 48 -19.49 40.28 16.86
C LEU B 48 -18.78 41.63 16.77
N LYS B 49 -18.64 42.31 17.90
CA LYS B 49 -17.85 43.52 17.98
C LYS B 49 -16.37 43.12 17.91
N ALA B 50 -15.49 44.09 17.69
CA ALA B 50 -14.06 43.84 17.72
C ALA B 50 -13.71 43.15 19.04
N THR B 51 -12.93 42.05 18.94
CA THR B 51 -12.41 41.27 20.06
C THR B 51 -13.49 40.46 20.78
N GLU B 52 -14.77 40.60 20.40
CA GLU B 52 -15.81 39.85 21.08
C GLU B 52 -15.77 38.38 20.64
N ALA B 53 -16.10 37.48 21.58
CA ALA B 53 -16.10 36.05 21.34
C ALA B 53 -17.54 35.53 21.37
N TYR B 54 -17.80 34.53 20.52
CA TYR B 54 -18.96 33.68 20.66
C TYR B 54 -18.52 32.37 21.31
N SER B 55 -19.22 31.94 22.37
CA SER B 55 -18.92 30.69 23.05
CA SER B 55 -18.92 30.69 23.05
C SER B 55 -20.17 29.82 23.09
N GLN B 56 -20.14 28.69 22.38
CA GLN B 56 -21.26 27.77 22.39
C GLN B 56 -21.37 27.15 23.79
N LEU B 57 -22.60 26.90 24.27
CA LEU B 57 -22.72 26.17 25.51
C LEU B 57 -22.20 24.75 25.28
N GLY B 58 -21.58 24.16 26.30
CA GLY B 58 -21.04 22.82 26.24
C GLY B 58 -22.10 21.83 25.75
N GLN B 59 -21.70 20.99 24.79
CA GLN B 59 -22.55 19.98 24.20
C GLN B 59 -22.14 18.63 24.75
N ASP B 60 -23.08 17.93 25.41
CA ASP B 60 -22.80 16.63 25.99
C ASP B 60 -22.78 15.59 24.87
N ARG B 61 -21.69 14.82 24.76
CA ARG B 61 -21.61 13.78 23.72
C ARG B 61 -22.49 12.58 24.07
N LEU B 62 -22.76 12.39 25.38
CA LEU B 62 -23.46 11.21 25.86
C LEU B 62 -24.97 11.39 25.68
N GLY B 63 -25.60 10.42 25.05
CA GLY B 63 -27.01 10.44 24.76
C GLY B 63 -27.34 9.26 23.84
N ALA B 64 -28.55 9.26 23.28
CA ALA B 64 -29.00 8.18 22.43
C ALA B 64 -28.10 8.09 21.18
N VAL B 65 -27.62 9.25 20.71
CA VAL B 65 -26.64 9.27 19.64
C VAL B 65 -25.29 9.63 20.24
N LEU B 66 -24.32 8.72 20.15
CA LEU B 66 -23.06 8.94 20.86
C LEU B 66 -22.11 9.69 19.92
N ILE B 67 -21.99 11.02 20.13
CA ILE B 67 -21.23 11.86 19.20
C ILE B 67 -19.75 11.49 19.29
N SER B 68 -19.11 11.20 18.14
CA SER B 68 -17.72 10.79 18.09
C SER B 68 -16.81 11.89 17.53
N LYS B 69 -17.38 12.82 16.74
CA LYS B 69 -16.55 13.77 16.01
C LYS B 69 -17.36 15.03 15.68
N VAL B 70 -16.64 16.11 15.37
CA VAL B 70 -17.29 17.39 15.12
C VAL B 70 -16.47 18.12 14.06
N LYS B 71 -17.17 18.94 13.27
CA LYS B 71 -16.50 19.75 12.27
C LYS B 71 -17.23 21.08 12.18
N GLY B 72 -16.47 22.14 11.87
CA GLY B 72 -17.03 23.47 11.84
C GLY B 72 -16.74 24.23 10.54
N TRP B 73 -17.63 25.17 10.21
CA TRP B 73 -17.41 26.10 9.12
C TRP B 73 -17.76 27.50 9.62
N ALA B 74 -16.88 28.45 9.30
CA ALA B 74 -17.05 29.84 9.69
C ALA B 74 -16.93 30.70 8.44
N TYR B 75 -17.82 31.69 8.36
CA TYR B 75 -17.72 32.73 7.35
C TYR B 75 -17.99 34.06 8.02
N ALA B 76 -17.05 35.02 7.87
CA ALA B 76 -17.22 36.37 8.40
C ALA B 76 -16.55 37.38 7.48
N ASP B 77 -17.02 38.63 7.53
CA ASP B 77 -16.50 39.66 6.65
C ASP B 77 -15.20 40.24 7.21
N ARG B 78 -14.83 39.86 8.44
CA ARG B 78 -13.57 40.27 9.05
C ARG B 78 -12.88 39.06 9.68
N GLU B 79 -11.57 39.17 9.92
CA GLU B 79 -10.83 37.99 10.37
C GLU B 79 -11.11 37.69 11.83
N GLY B 80 -10.98 36.40 12.17
CA GLY B 80 -11.16 35.90 13.52
C GLY B 80 -10.46 34.55 13.67
N THR B 81 -10.79 33.84 14.76
CA THR B 81 -10.21 32.53 15.04
C THR B 81 -11.32 31.62 15.57
N LEU B 82 -11.40 30.40 15.01
CA LEU B 82 -12.36 29.39 15.44
C LEU B 82 -11.63 28.31 16.23
N PHE B 83 -12.15 27.99 17.42
CA PHE B 83 -11.61 26.97 18.28
C PHE B 83 -12.64 25.87 18.46
N ILE B 84 -12.16 24.62 18.39
CA ILE B 84 -12.94 23.49 18.85
C ILE B 84 -12.36 23.05 20.19
N GLU B 85 -13.23 22.97 21.20
CA GLU B 85 -12.73 22.76 22.55
C GLU B 85 -13.51 21.65 23.25
N GLU B 86 -12.88 21.08 24.29
CA GLU B 86 -13.45 19.94 24.98
C GLU B 86 -13.30 20.15 26.49
N SER B 87 -14.17 19.48 27.24
CA SER B 87 -14.18 19.59 28.69
C SER B 87 -14.79 18.33 29.27
N ASP B 88 -14.21 17.83 30.37
CA ASP B 88 -14.82 16.72 31.09
C ASP B 88 -15.83 17.19 32.14
N ASN B 89 -15.81 18.49 32.50
CA ASN B 89 -16.72 18.93 33.54
C ASN B 89 -17.64 20.05 33.06
N ASN B 90 -17.56 20.43 31.78
CA ASN B 90 -18.42 21.47 31.23
C ASN B 90 -18.13 22.81 31.93
N ASN B 91 -16.89 23.00 32.38
CA ASN B 91 -16.51 24.17 33.12
C ASN B 91 -15.11 24.61 32.70
N VAL B 92 -14.13 23.70 32.77
CA VAL B 92 -12.79 24.04 32.31
CA VAL B 92 -12.79 24.04 32.31
C VAL B 92 -12.56 23.39 30.94
N TRP B 93 -12.09 24.20 29.98
CA TRP B 93 -12.05 23.87 28.56
C TRP B 93 -10.60 23.78 28.07
N THR B 94 -10.30 22.78 27.24
CA THR B 94 -9.01 22.74 26.55
C THR B 94 -9.28 22.84 25.05
N THR B 95 -8.35 23.45 24.31
CA THR B 95 -8.46 23.59 22.86
C THR B 95 -7.97 22.32 22.17
N THR B 96 -8.83 21.74 21.31
CA THR B 96 -8.40 20.57 20.57
C THR B 96 -7.91 20.99 19.19
N ALA B 97 -8.55 22.01 18.62
CA ALA B 97 -8.15 22.52 17.31
C ALA B 97 -8.46 23.99 17.24
N ALA B 98 -7.70 24.70 16.41
CA ALA B 98 -7.88 26.12 16.18
C ALA B 98 -7.55 26.42 14.73
N VAL B 99 -8.38 27.23 14.09
CA VAL B 99 -8.10 27.68 12.74
C VAL B 99 -8.27 29.19 12.67
N ASN B 100 -7.36 29.85 11.97
CA ASN B 100 -7.50 31.26 11.59
C ASN B 100 -8.56 31.36 10.50
N VAL B 101 -9.47 32.34 10.66
CA VAL B 101 -10.49 32.58 9.65
C VAL B 101 -10.19 33.93 9.00
N ALA B 102 -9.81 33.92 7.72
CA ALA B 102 -9.58 35.14 6.96
C ALA B 102 -10.92 35.84 6.64
N ALA B 103 -10.85 37.16 6.41
CA ALA B 103 -11.99 37.98 6.06
C ALA B 103 -12.55 37.49 4.73
N GLY B 104 -13.88 37.24 4.68
CA GLY B 104 -14.58 36.91 3.44
C GLY B 104 -14.17 35.57 2.82
N VAL B 105 -13.63 34.65 3.62
CA VAL B 105 -13.18 33.35 3.13
C VAL B 105 -13.85 32.25 3.97
N LEU B 106 -14.72 31.43 3.35
CA LEU B 106 -15.26 30.30 4.08
C LEU B 106 -14.11 29.43 4.57
N THR B 107 -14.12 29.12 5.87
CA THR B 107 -13.06 28.38 6.52
C THR B 107 -13.66 27.19 7.27
N ALA B 108 -13.10 25.99 7.01
CA ALA B 108 -13.54 24.77 7.64
C ALA B 108 -12.45 24.26 8.58
N THR B 109 -12.85 23.64 9.68
CA THR B 109 -11.91 22.85 10.47
C THR B 109 -11.77 21.49 9.80
N ASP B 110 -10.88 20.64 10.34
CA ASP B 110 -10.94 19.22 10.04
C ASP B 110 -12.05 18.59 10.87
N TRP B 111 -12.40 17.33 10.57
CA TRP B 111 -13.12 16.51 11.52
C TRP B 111 -12.23 16.35 12.75
N VAL B 112 -12.78 16.69 13.91
CA VAL B 112 -12.08 16.51 15.19
C VAL B 112 -12.75 15.35 15.92
N TYR B 113 -11.95 14.31 16.22
CA TYR B 113 -12.42 13.13 16.94
C TYR B 113 -12.33 13.44 18.43
N LEU B 114 -13.46 13.29 19.15
CA LEU B 114 -13.59 13.81 20.49
C LEU B 114 -13.20 12.76 21.52
N SER B 115 -12.75 13.20 22.69
CA SER B 115 -12.46 12.28 23.77
C SER B 115 -13.12 12.66 25.11
N LYS B 116 -13.23 13.94 25.42
CA LYS B 116 -13.84 14.34 26.68
C LYS B 116 -15.35 14.35 26.51
N ARG B 117 -16.07 14.59 27.62
CA ARG B 117 -17.52 14.46 27.63
C ARG B 117 -18.21 15.55 26.81
N TYR B 118 -17.71 16.80 26.89
CA TYR B 118 -18.40 17.94 26.32
C TYR B 118 -17.51 18.58 25.25
N TYR B 119 -18.15 19.09 24.19
CA TYR B 119 -17.46 19.83 23.14
C TYR B 119 -18.14 21.18 22.98
N ARG B 120 -17.42 22.15 22.39
CA ARG B 120 -18.02 23.42 22.02
C ARG B 120 -17.16 24.07 20.95
N PHE B 121 -17.78 24.99 20.20
CA PHE B 121 -17.05 25.95 19.39
C PHE B 121 -16.94 27.25 20.19
N ARG B 122 -15.77 27.89 20.07
CA ARG B 122 -15.57 29.24 20.54
C ARG B 122 -14.92 30.02 19.39
N TYR B 123 -15.56 31.12 19.01
CA TYR B 123 -15.07 31.95 17.93
C TYR B 123 -14.70 33.32 18.48
N VAL B 124 -13.45 33.75 18.26
CA VAL B 124 -12.99 35.04 18.75
C VAL B 124 -12.78 35.97 17.57
N ASN B 125 -13.56 37.05 17.50
CA ASN B 125 -13.44 38.03 16.44
C ASN B 125 -12.14 38.82 16.62
N GLY B 126 -11.51 39.22 15.51
CA GLY B 126 -10.29 40.02 15.56
C GLY B 126 -10.60 41.49 15.85
N ASN B 127 -9.71 42.38 15.43
CA ASN B 127 -9.72 43.78 15.85
C ASN B 127 -10.73 44.64 15.09
N LEU B 128 -11.53 44.05 14.19
CA LEU B 128 -12.53 44.81 13.47
C LEU B 128 -13.91 44.18 13.64
N GLN B 129 -14.91 45.02 13.89
CA GLN B 129 -16.29 44.58 14.10
C GLN B 129 -16.79 43.87 12.85
N GLN B 130 -17.50 42.75 13.01
CA GLN B 130 -18.06 42.06 11.86
C GLN B 130 -19.35 42.76 11.43
N SER B 131 -19.65 42.69 10.14
CA SER B 131 -20.99 43.04 9.69
C SER B 131 -21.74 41.79 9.22
N GLU B 132 -21.01 40.69 8.96
CA GLU B 132 -21.62 39.43 8.55
C GLU B 132 -20.86 38.25 9.16
N PHE B 133 -21.59 37.28 9.73
CA PHE B 133 -21.01 36.12 10.36
C PHE B 133 -22.01 34.95 10.40
N VAL B 134 -21.56 33.76 9.96
CA VAL B 134 -22.29 32.52 10.22
C VAL B 134 -21.30 31.47 10.70
N LEU B 135 -21.78 30.60 11.60
CA LEU B 135 -20.98 29.52 12.15
C LEU B 135 -21.82 28.25 12.16
N TYR B 136 -21.34 27.20 11.44
CA TYR B 136 -22.06 25.94 11.27
C TYR B 136 -21.29 24.80 11.94
N GLN B 137 -22.03 23.81 12.44
CA GLN B 137 -21.45 22.69 13.18
C GLN B 137 -22.08 21.39 12.71
N SER B 138 -21.22 20.43 12.29
CA SER B 138 -21.64 19.07 11.98
C SER B 138 -21.06 18.11 13.01
N VAL B 139 -21.82 17.06 13.34
CA VAL B 139 -21.34 16.00 14.22
C VAL B 139 -21.55 14.67 13.53
N GLY B 140 -20.77 13.66 13.93
CA GLY B 140 -20.95 12.31 13.45
C GLY B 140 -20.93 11.31 14.60
N ALA B 141 -21.08 10.02 14.28
CA ALA B 141 -21.15 8.96 15.26
C ALA B 141 -20.94 7.62 14.54
N GLY B 142 -20.49 6.60 15.29
CA GLY B 142 -20.45 5.22 14.82
C GLY B 142 -19.34 4.89 13.82
N GLU B 143 -19.33 3.63 13.39
CA GLU B 143 -18.35 3.13 12.44
C GLU B 143 -18.93 1.87 11.78
N MET B 144 -18.89 1.83 10.44
CA MET B 144 -19.45 0.72 9.68
CA MET B 144 -19.45 0.68 9.73
C MET B 144 -18.33 -0.22 9.21
N ASP B 145 -18.51 -1.54 9.39
CA ASP B 145 -17.63 -2.53 8.79
C ASP B 145 -17.91 -2.63 7.29
N VAL B 146 -16.83 -2.62 6.50
CA VAL B 146 -16.92 -2.71 5.06
C VAL B 146 -15.94 -3.78 4.55
N ARG B 147 -16.26 -4.35 3.40
CA ARG B 147 -15.41 -5.28 2.69
C ARG B 147 -15.06 -4.63 1.34
N VAL B 148 -13.78 -4.37 1.15
CA VAL B 148 -13.30 -3.71 -0.07
C VAL B 148 -13.26 -4.71 -1.22
N ASN B 149 -13.88 -4.36 -2.35
CA ASN B 149 -13.93 -5.26 -3.51
C ASN B 149 -12.50 -5.53 -4.00
N GLU B 150 -12.18 -6.80 -4.25
CA GLU B 150 -10.82 -7.23 -4.60
CA GLU B 150 -10.82 -7.23 -4.60
C GLU B 150 -10.57 -7.16 -6.11
N LYS B 151 -11.59 -6.83 -6.91
CA LYS B 151 -11.52 -6.94 -8.36
C LYS B 151 -10.37 -6.10 -8.93
N THR B 152 -10.34 -4.82 -8.58
CA THR B 152 -9.24 -3.99 -9.05
C THR B 152 -8.31 -3.68 -7.88
N PRO B 153 -7.00 -3.94 -8.02
CA PRO B 153 -6.01 -3.51 -7.02
C PRO B 153 -6.16 -2.00 -6.84
N LEU B 154 -5.93 -1.53 -5.61
CA LEU B 154 -5.90 -0.10 -5.33
C LEU B 154 -4.56 0.49 -5.78
N GLN B 155 -4.65 1.67 -6.38
CA GLN B 155 -3.51 2.49 -6.73
C GLN B 155 -3.00 3.16 -5.45
N ILE B 156 -1.69 3.08 -5.24
CA ILE B 156 -1.07 3.72 -4.10
C ILE B 156 -0.06 4.77 -4.52
N ASP B 157 0.15 5.74 -3.63
CA ASP B 157 1.02 6.87 -3.90
C ASP B 157 1.84 7.16 -2.65
N PHE B 158 3.07 7.67 -2.84
CA PHE B 158 3.93 7.96 -1.70
C PHE B 158 4.03 9.46 -1.51
N ALA B 159 4.18 9.88 -0.25
CA ALA B 159 4.38 11.29 0.10
C ALA B 159 5.55 11.86 -0.72
N GLU B 160 5.50 13.16 -1.02
CA GLU B 160 6.65 13.90 -1.52
C GLU B 160 7.85 13.63 -0.61
N ASN B 161 7.53 13.37 0.66
CA ASN B 161 8.40 13.13 1.80
C ASN B 161 9.10 11.76 1.66
N GLN B 162 8.51 10.85 0.88
CA GLN B 162 8.99 9.46 0.85
CA GLN B 162 8.99 9.46 0.85
C GLN B 162 9.67 9.17 -0.49
N THR B 163 9.64 10.14 -1.42
CA THR B 163 10.28 9.93 -2.72
C THR B 163 11.42 10.93 -2.92
N HIS B 164 12.16 10.72 -4.01
CA HIS B 164 13.20 11.62 -4.46
C HIS B 164 13.51 11.26 -5.90
N ASP B 165 13.32 12.23 -6.81
CA ASP B 165 13.65 12.05 -8.21
C ASP B 165 12.63 11.09 -8.84
N GLY B 166 11.44 10.99 -8.23
CA GLY B 166 10.40 10.08 -8.69
C GLY B 166 10.65 8.62 -8.29
N ARG B 167 11.46 8.40 -7.25
CA ARG B 167 11.78 7.04 -6.80
C ARG B 167 11.49 6.95 -5.30
N LEU B 168 11.03 5.77 -4.84
CA LEU B 168 10.83 5.55 -3.42
C LEU B 168 12.18 5.39 -2.71
N LYS B 169 12.40 6.15 -1.64
CA LYS B 169 13.62 6.10 -0.85
C LYS B 169 13.61 4.85 0.03
N VAL B 170 14.63 4.00 -0.16
CA VAL B 170 14.72 2.76 0.58
C VAL B 170 16.07 2.71 1.30
N GLU B 171 16.14 1.82 2.30
CA GLU B 171 17.35 1.58 3.06
C GLU B 171 17.63 0.07 3.00
N ALA B 172 18.69 -0.27 2.29
CA ALA B 172 19.00 -1.67 2.02
C ALA B 172 20.11 -2.16 2.95
N ARG B 173 20.84 -1.24 3.61
CA ARG B 173 21.96 -1.61 4.48
C ARG B 173 21.43 -1.99 5.87
N LYS B 174 21.91 -3.12 6.39
CA LYS B 174 21.76 -3.54 7.77
C LYS B 174 23.15 -3.67 8.41
N THR B 175 23.26 -3.27 9.68
CA THR B 175 24.48 -3.35 10.47
CA THR B 175 24.47 -3.34 10.47
C THR B 175 24.14 -3.90 11.86
N PHE B 176 25.02 -4.75 12.41
CA PHE B 176 24.91 -5.15 13.80
C PHE B 176 26.30 -5.35 14.38
N ASP B 177 26.43 -5.09 15.69
CA ASP B 177 27.65 -5.32 16.45
C ASP B 177 27.59 -6.70 17.08
N PHE B 178 28.75 -7.26 17.42
CA PHE B 178 28.78 -8.62 17.92
C PHE B 178 29.99 -8.79 18.83
N VAL B 179 29.81 -9.55 19.91
CA VAL B 179 30.88 -9.80 20.85
C VAL B 179 31.34 -11.24 20.67
N PHE B 180 32.59 -11.40 20.22
CA PHE B 180 33.17 -12.74 20.15
C PHE B 180 33.69 -13.11 21.53
N HIS B 181 34.41 -12.16 22.14
CA HIS B 181 35.03 -12.27 23.46
C HIS B 181 34.96 -10.91 24.14
N GLU B 182 34.71 -10.92 25.46
CA GLU B 182 34.82 -9.70 26.24
C GLU B 182 35.67 -9.96 27.48
N ASN B 183 36.86 -9.35 27.54
CA ASN B 183 37.74 -9.49 28.70
C ASN B 183 38.04 -10.96 28.97
N ALA B 184 38.31 -11.73 27.90
CA ALA B 184 38.63 -13.13 28.05
C ALA B 184 39.95 -13.26 28.80
N GLU B 185 40.02 -14.25 29.71
CA GLU B 185 41.18 -14.47 30.54
C GLU B 185 41.91 -15.73 30.08
N SER B 186 41.21 -16.60 29.34
CA SER B 186 41.79 -17.84 28.89
C SER B 186 41.28 -18.22 27.49
N ALA B 187 41.97 -19.18 26.87
CA ALA B 187 41.69 -19.64 25.52
C ALA B 187 40.26 -20.15 25.42
N SER B 188 39.57 -19.79 24.34
CA SER B 188 38.31 -20.43 23.97
C SER B 188 37.88 -19.96 22.60
N GLU B 189 36.86 -20.63 22.04
CA GLU B 189 36.34 -20.23 20.74
C GLU B 189 35.57 -18.92 20.84
N GLY B 190 34.92 -18.69 21.99
CA GLY B 190 34.07 -17.52 22.19
C GLY B 190 32.77 -17.69 21.43
N ALA B 191 32.00 -16.60 21.27
CA ALA B 191 30.70 -16.70 20.63
C ALA B 191 30.86 -16.65 19.10
N ALA B 192 29.94 -17.34 18.40
CA ALA B 192 29.94 -17.46 16.95
C ALA B 192 28.96 -16.45 16.35
N LEU B 193 29.46 -15.58 15.47
CA LEU B 193 28.62 -14.62 14.79
C LEU B 193 27.74 -15.34 13.78
N PRO B 194 26.39 -15.14 13.82
CA PRO B 194 25.51 -15.65 12.77
C PRO B 194 25.51 -14.62 11.62
N VAL B 195 25.89 -15.10 10.43
CA VAL B 195 26.16 -14.18 9.33
C VAL B 195 24.89 -13.47 8.84
N ASP B 196 23.78 -14.22 8.72
CA ASP B 196 22.42 -13.67 8.61
C ASP B 196 22.37 -12.38 7.79
N GLY B 197 22.68 -12.50 6.49
CA GLY B 197 22.49 -11.31 5.66
C GLY B 197 23.67 -10.33 5.58
N ALA B 198 24.70 -10.49 6.42
CA ALA B 198 25.88 -9.62 6.31
C ALA B 198 26.83 -10.15 5.24
N ALA B 199 27.58 -9.24 4.62
CA ALA B 199 28.56 -9.57 3.58
C ALA B 199 29.98 -9.20 4.05
N HIS B 200 30.07 -8.28 5.01
CA HIS B 200 31.33 -7.69 5.40
CA HIS B 200 31.34 -7.68 5.41
C HIS B 200 31.41 -7.63 6.92
N LEU B 201 32.61 -7.84 7.47
CA LEU B 201 32.78 -7.84 8.92
C LEU B 201 34.10 -7.14 9.26
N LEU B 202 34.03 -6.22 10.23
CA LEU B 202 35.22 -5.60 10.79
C LEU B 202 35.37 -6.06 12.23
N VAL B 203 36.53 -6.63 12.56
CA VAL B 203 36.77 -7.20 13.88
C VAL B 203 37.92 -6.44 14.54
N GLU B 204 37.67 -5.94 15.75
CA GLU B 204 38.69 -5.29 16.55
C GLU B 204 39.17 -6.24 17.65
N VAL B 205 40.50 -6.28 17.83
CA VAL B 205 41.17 -7.07 18.87
C VAL B 205 41.86 -6.07 19.80
N TYR B 206 41.53 -6.10 21.10
CA TYR B 206 42.08 -5.10 22.01
C TYR B 206 42.02 -5.61 23.45
N GLY B 207 42.98 -5.14 24.27
CA GLY B 207 42.95 -5.40 25.69
C GLY B 207 44.33 -5.32 26.32
N THR B 208 44.44 -5.85 27.56
CA THR B 208 45.66 -5.74 28.34
C THR B 208 46.57 -6.94 28.12
N ALA B 209 46.06 -8.04 27.56
CA ALA B 209 46.86 -9.25 27.39
C ALA B 209 48.22 -8.88 26.82
N GLU B 210 49.29 -9.42 27.42
CA GLU B 210 50.63 -9.12 26.93
C GLU B 210 50.97 -10.00 25.73
N MET B 211 50.37 -11.19 25.70
CA MET B 211 50.53 -12.13 24.60
C MET B 211 49.16 -12.73 24.33
N SER B 212 48.83 -12.90 23.03
CA SER B 212 47.62 -13.60 22.64
C SER B 212 47.76 -14.07 21.20
N GLU B 213 46.96 -15.09 20.85
CA GLU B 213 46.80 -15.49 19.46
C GLU B 213 45.32 -15.69 19.17
N VAL B 214 44.85 -15.00 18.12
CA VAL B 214 43.48 -15.16 17.65
C VAL B 214 43.53 -15.78 16.26
N LYS B 215 42.71 -16.82 16.06
CA LYS B 215 42.63 -17.52 14.80
C LYS B 215 41.25 -17.25 14.22
N PHE B 216 41.20 -16.96 12.89
CA PHE B 216 39.97 -16.55 12.23
C PHE B 216 39.33 -17.75 11.56
N TRP B 217 38.04 -17.99 11.87
CA TRP B 217 37.35 -19.16 11.37
C TRP B 217 36.01 -18.77 10.79
N GLY B 218 35.58 -19.52 9.77
CA GLY B 218 34.20 -19.50 9.33
C GLY B 218 33.62 -20.90 9.42
N LYS B 219 32.28 -20.99 9.50
CA LYS B 219 31.63 -22.27 9.28
C LYS B 219 30.67 -22.13 8.10
N SER B 220 30.67 -23.17 7.27
CA SER B 220 29.74 -23.30 6.16
C SER B 220 28.71 -24.39 6.49
N VAL B 221 28.33 -25.20 5.50
CA VAL B 221 27.21 -26.11 5.64
C VAL B 221 27.54 -27.27 6.59
N SER B 222 28.78 -27.78 6.56
CA SER B 222 29.08 -28.99 7.33
C SER B 222 29.13 -28.70 8.83
N GLY B 223 29.42 -27.44 9.21
CA GLY B 223 29.62 -27.13 10.62
C GLY B 223 31.07 -27.28 11.05
N GLN B 224 31.96 -27.79 10.17
CA GLN B 224 33.39 -27.79 10.46
C GLN B 224 33.97 -26.37 10.33
N LYS B 225 34.93 -26.05 11.20
CA LYS B 225 35.62 -24.77 11.18
C LYS B 225 36.54 -24.72 9.96
N LEU B 226 36.50 -23.61 9.22
CA LEU B 226 37.33 -23.37 8.05
C LEU B 226 38.14 -22.10 8.28
N PRO B 227 39.46 -22.11 8.00
CA PRO B 227 40.28 -20.92 8.18
C PRO B 227 39.87 -19.88 7.14
N ILE B 228 39.79 -18.61 7.59
CA ILE B 228 39.48 -17.51 6.69
C ILE B 228 40.56 -16.44 6.86
N ARG B 229 40.69 -15.58 5.85
CA ARG B 229 41.72 -14.55 5.83
CA ARG B 229 41.72 -14.56 5.84
C ARG B 229 41.07 -13.19 6.01
N GLY B 230 41.71 -12.34 6.82
CA GLY B 230 41.27 -10.97 7.02
C GLY B 230 42.35 -10.01 6.55
N VAL B 231 41.97 -8.74 6.41
CA VAL B 231 42.91 -7.71 5.97
C VAL B 231 43.00 -6.64 7.07
N LYS B 232 44.20 -6.43 7.62
CA LYS B 232 44.42 -5.51 8.71
C LYS B 232 44.31 -4.07 8.19
N THR B 233 43.61 -3.19 8.94
CA THR B 233 43.28 -1.89 8.40
C THR B 233 44.54 -1.01 8.25
N ASP B 234 45.53 -1.14 9.16
CA ASP B 234 46.62 -0.18 9.16
C ASP B 234 47.59 -0.39 7.99
N ASP B 235 47.83 -1.65 7.58
CA ASP B 235 48.90 -1.93 6.63
C ASP B 235 48.49 -2.93 5.55
N ALA B 236 47.21 -3.34 5.54
CA ALA B 236 46.69 -4.26 4.55
C ALA B 236 47.37 -5.64 4.59
N THR B 237 47.97 -6.03 5.71
CA THR B 237 48.39 -7.41 5.93
C THR B 237 47.18 -8.31 5.77
N THR B 238 47.35 -9.42 5.05
CA THR B 238 46.33 -10.46 4.91
C THR B 238 46.81 -11.67 5.70
N ALA B 239 45.96 -12.21 6.59
CA ALA B 239 46.36 -13.37 7.38
C ALA B 239 45.10 -14.08 7.90
N SER B 240 45.27 -15.33 8.34
CA SER B 240 44.19 -16.10 8.91
C SER B 240 44.31 -16.18 10.43
N SER B 241 45.22 -15.39 11.01
CA SER B 241 45.32 -15.29 12.45
C SER B 241 46.18 -14.09 12.81
N THR B 242 46.21 -13.75 14.12
CA THR B 242 47.03 -12.63 14.57
C THR B 242 47.59 -12.92 15.96
N LEU B 243 48.81 -12.40 16.18
CA LEU B 243 49.48 -12.39 17.47
C LEU B 243 49.37 -10.99 18.07
N GLY B 244 48.71 -10.07 17.35
CA GLY B 244 48.69 -8.65 17.71
C GLY B 244 47.40 -8.26 18.41
N LYS B 245 47.31 -6.98 18.78
CA LYS B 245 46.11 -6.39 19.37
C LYS B 245 46.17 -4.90 19.07
N ALA B 246 45.14 -4.16 19.51
CA ALA B 246 45.00 -2.77 19.12
C ALA B 246 45.01 -2.71 17.60
N GLU B 247 44.23 -3.58 16.97
CA GLU B 247 44.18 -3.66 15.52
C GLU B 247 42.79 -4.12 15.09
N ALA B 248 42.46 -3.91 13.82
CA ALA B 248 41.18 -4.33 13.28
C ALA B 248 41.41 -5.04 11.95
N TRP B 249 40.58 -6.05 11.68
CA TRP B 249 40.70 -6.94 10.55
C TRP B 249 39.36 -6.95 9.81
N ALA B 250 39.42 -6.76 8.47
CA ALA B 250 38.24 -6.76 7.63
C ALA B 250 38.11 -8.10 6.91
N PHE B 251 36.88 -8.65 6.90
CA PHE B 251 36.62 -9.94 6.29
C PHE B 251 35.45 -9.83 5.32
N ASP B 252 35.55 -10.59 4.22
CA ASP B 252 34.44 -10.83 3.32
C ASP B 252 33.77 -12.12 3.81
N ILE B 253 32.52 -12.02 4.25
CA ILE B 253 31.92 -13.18 4.92
C ILE B 253 30.73 -13.73 4.13
N LYS B 254 30.50 -13.21 2.91
CA LYS B 254 29.43 -13.69 2.06
C LYS B 254 29.56 -15.20 1.87
N GLY B 255 28.47 -15.92 2.16
CA GLY B 255 28.47 -17.36 1.91
C GLY B 255 28.69 -18.18 3.17
N PHE B 256 29.26 -17.57 4.22
CA PHE B 256 29.46 -18.30 5.48
C PHE B 256 28.19 -18.27 6.32
N LYS B 257 28.06 -19.27 7.20
CA LYS B 257 26.93 -19.34 8.12
C LYS B 257 27.32 -18.67 9.44
N GLU B 258 28.57 -18.89 9.88
CA GLU B 258 29.01 -18.32 11.14
C GLU B 258 30.48 -17.93 11.05
N ILE B 259 30.88 -16.98 11.90
CA ILE B 259 32.25 -16.54 11.99
C ILE B 259 32.69 -16.69 13.45
N ILE B 260 33.86 -17.30 13.64
CA ILE B 260 34.39 -17.51 14.98
C ILE B 260 35.79 -16.90 15.03
N MET B 261 36.05 -16.14 16.10
CA MET B 261 37.36 -15.56 16.34
C MET B 261 37.91 -16.23 17.60
N GLU B 262 38.70 -17.30 17.42
CA GLU B 262 39.09 -18.13 18.55
C GLU B 262 40.36 -17.59 19.20
N ILE B 263 40.32 -17.43 20.54
CA ILE B 263 41.55 -17.15 21.25
C ILE B 263 42.24 -18.50 21.50
N ILE B 264 43.37 -18.69 20.80
CA ILE B 264 44.15 -19.92 20.82
C ILE B 264 44.96 -19.92 22.11
N SER B 265 45.50 -18.75 22.48
CA SER B 265 46.26 -18.61 23.70
C SER B 265 46.26 -17.16 24.14
N ILE B 266 46.50 -16.95 25.44
CA ILE B 266 46.53 -15.63 26.05
C ILE B 266 47.33 -15.73 27.35
N THR B 267 48.22 -14.76 27.59
CA THR B 267 48.86 -14.61 28.89
C THR B 267 48.95 -13.14 29.27
N GLY B 268 48.86 -12.87 30.57
CA GLY B 268 49.31 -11.59 31.11
C GLY B 268 48.28 -10.47 30.95
N GLY B 269 47.00 -10.82 31.12
CA GLY B 269 45.94 -9.84 30.96
C GLY B 269 44.74 -10.43 30.24
N THR B 270 43.82 -9.58 29.79
CA THR B 270 42.60 -10.04 29.15
C THR B 270 42.50 -9.46 27.73
N LEU B 271 41.57 -10.00 26.94
CA LEU B 271 41.44 -9.61 25.55
C LEU B 271 39.95 -9.59 25.17
N SER B 272 39.55 -8.50 24.52
CA SER B 272 38.22 -8.43 23.92
C SER B 272 38.34 -8.55 22.40
N VAL B 273 37.35 -9.19 21.79
CA VAL B 273 37.26 -9.34 20.36
C VAL B 273 35.82 -9.07 19.96
N LYS B 274 35.62 -7.94 19.27
CA LYS B 274 34.28 -7.50 18.94
C LYS B 274 34.30 -6.95 17.53
N GLY B 275 33.16 -7.06 16.85
CA GLY B 275 33.10 -6.59 15.48
C GLY B 275 31.76 -6.00 15.10
N THR B 276 31.72 -5.49 13.87
CA THR B 276 30.54 -4.93 13.24
C THR B 276 30.39 -5.60 11.88
N ALA B 277 29.22 -6.21 11.68
CA ALA B 277 28.86 -6.89 10.44
C ALA B 277 27.93 -5.97 9.66
N VAL B 278 28.16 -5.90 8.34
CA VAL B 278 27.38 -5.02 7.49
C VAL B 278 26.96 -5.82 6.26
N SER B 279 25.73 -5.56 5.80
CA SER B 279 25.25 -6.13 4.54
C SER B 279 26.00 -5.50 3.35
N VAL C 2 -49.99 15.15 -9.05
CA VAL C 2 -49.27 14.14 -9.91
C VAL C 2 -48.90 12.92 -9.05
N LYS C 3 -49.28 11.73 -9.54
CA LYS C 3 -48.87 10.44 -9.01
C LYS C 3 -47.83 9.84 -9.94
N TYR C 4 -46.93 9.01 -9.39
CA TYR C 4 -45.86 8.38 -10.14
C TYR C 4 -46.24 6.94 -10.47
N GLN C 5 -45.35 6.24 -11.18
CA GLN C 5 -45.62 4.92 -11.71
C GLN C 5 -45.27 3.81 -10.72
N TYR C 6 -44.50 4.13 -9.67
CA TYR C 6 -44.17 3.10 -8.69
C TYR C 6 -45.32 3.00 -7.68
N GLU C 7 -45.41 1.85 -7.01
CA GLU C 7 -46.40 1.64 -5.97
C GLU C 7 -45.75 0.95 -4.77
N PHE C 8 -45.96 1.52 -3.58
CA PHE C 8 -45.42 0.92 -2.37
C PHE C 8 -46.13 -0.41 -2.12
N PRO C 9 -45.39 -1.50 -1.80
CA PRO C 9 -46.04 -2.75 -1.35
C PRO C 9 -46.72 -2.51 0.00
N LEU C 10 -47.67 -3.42 0.33
CA LEU C 10 -48.35 -3.40 1.61
C LEU C 10 -47.87 -4.62 2.37
N ASP C 11 -47.75 -4.52 3.70
CA ASP C 11 -47.43 -5.69 4.50
C ASP C 11 -48.70 -6.53 4.69
N LYS C 12 -48.57 -7.59 5.51
CA LYS C 12 -49.63 -8.56 5.73
C LYS C 12 -50.87 -7.85 6.28
N ALA C 13 -50.67 -6.81 7.08
CA ALA C 13 -51.74 -6.06 7.73
C ALA C 13 -52.22 -4.90 6.84
N GLY C 14 -51.76 -4.85 5.59
CA GLY C 14 -52.16 -3.78 4.68
C GLY C 14 -51.43 -2.45 4.89
N LYS C 15 -50.31 -2.42 5.64
CA LYS C 15 -49.56 -1.18 5.84
C LYS C 15 -48.53 -0.97 4.73
N ALA C 16 -48.58 0.21 4.09
CA ALA C 16 -47.67 0.57 3.02
C ALA C 16 -46.28 0.89 3.62
N GLY C 17 -45.22 0.61 2.85
CA GLY C 17 -43.87 1.00 3.21
C GLY C 17 -43.00 1.10 1.97
N ALA C 18 -41.95 1.94 2.02
CA ALA C 18 -41.02 2.03 0.92
C ALA C 18 -39.97 0.92 1.03
N VAL C 19 -40.41 -0.34 0.94
CA VAL C 19 -39.59 -1.51 1.23
C VAL C 19 -39.66 -2.52 0.10
N LYS C 20 -38.75 -3.49 0.13
CA LYS C 20 -38.78 -4.67 -0.72
C LYS C 20 -38.76 -5.91 0.16
N PRO C 21 -39.43 -7.02 -0.26
CA PRO C 21 -39.40 -8.26 0.51
C PRO C 21 -38.11 -9.02 0.19
N TYR C 22 -37.67 -9.89 1.11
CA TYR C 22 -36.54 -10.76 0.82
C TYR C 22 -36.58 -11.97 1.76
N ARG C 23 -35.63 -12.89 1.53
CA ARG C 23 -35.59 -14.23 2.13
C ARG C 23 -36.51 -15.16 1.34
N GLY C 24 -36.32 -16.47 1.50
CA GLY C 24 -36.94 -17.45 0.63
C GLY C 24 -38.46 -17.30 0.60
N GLY C 25 -39.04 -17.10 1.79
CA GLY C 25 -40.48 -16.93 1.96
C GLY C 25 -40.96 -15.47 1.90
N LYS C 26 -40.08 -14.54 1.49
CA LYS C 26 -40.45 -13.14 1.29
C LYS C 26 -41.12 -12.56 2.53
N ASN C 27 -40.65 -12.99 3.68
CA ASN C 27 -41.28 -12.61 4.94
C ASN C 27 -40.38 -11.64 5.71
N ASP C 28 -39.39 -11.06 5.03
CA ASP C 28 -38.59 -10.00 5.66
C ASP C 28 -38.64 -8.79 4.73
N PHE C 29 -38.27 -7.61 5.26
CA PHE C 29 -38.40 -6.38 4.48
C PHE C 29 -37.13 -5.56 4.61
N VAL C 30 -36.84 -4.75 3.59
CA VAL C 30 -35.68 -3.87 3.63
C VAL C 30 -36.03 -2.59 2.87
N THR C 31 -35.57 -1.44 3.36
CA THR C 31 -35.77 -0.16 2.71
C THR C 31 -34.62 0.12 1.74
N PRO C 32 -34.88 0.21 0.41
CA PRO C 32 -33.85 0.64 -0.54
C PRO C 32 -33.52 2.11 -0.31
N VAL C 33 -32.21 2.41 -0.26
CA VAL C 33 -31.73 3.75 -0.01
C VAL C 33 -30.65 4.10 -1.03
N SER C 34 -30.41 5.42 -1.14
CA SER C 34 -29.30 5.94 -1.91
C SER C 34 -28.76 7.16 -1.18
N ASN C 35 -27.43 7.21 -1.04
CA ASN C 35 -26.80 8.42 -0.57
C ASN C 35 -27.26 9.56 -1.50
N LEU C 36 -27.38 10.78 -0.96
CA LEU C 36 -27.86 11.90 -1.76
C LEU C 36 -26.94 12.20 -2.96
N SER C 37 -25.68 11.72 -2.92
CA SER C 37 -24.75 11.92 -4.03
C SER C 37 -25.23 11.24 -5.31
N GLY C 38 -26.15 10.27 -5.19
CA GLY C 38 -26.71 9.54 -6.32
C GLY C 38 -27.93 10.23 -6.95
N VAL C 39 -28.42 11.29 -6.29
CA VAL C 39 -29.59 12.03 -6.75
C VAL C 39 -29.08 13.17 -7.63
N ALA C 40 -29.86 13.55 -8.64
CA ALA C 40 -29.51 14.69 -9.46
C ALA C 40 -30.72 15.64 -9.59
N GLU C 41 -30.42 16.92 -9.82
CA GLU C 41 -31.40 17.93 -10.19
C GLU C 41 -31.13 18.32 -11.64
N ILE C 42 -32.19 18.42 -12.47
CA ILE C 42 -31.98 19.02 -13.78
C ILE C 42 -31.97 20.54 -13.62
N LEU C 43 -30.85 21.18 -14.03
CA LEU C 43 -30.72 22.61 -13.83
C LEU C 43 -31.44 23.39 -14.94
N THR C 44 -31.36 22.89 -16.17
CA THR C 44 -31.95 23.55 -17.33
C THR C 44 -32.11 22.53 -18.45
N ASN C 45 -33.14 22.74 -19.29
CA ASN C 45 -33.19 22.05 -20.57
C ASN C 45 -33.48 23.05 -21.70
N ALA C 46 -33.23 24.33 -21.46
CA ALA C 46 -33.50 25.37 -22.45
C ALA C 46 -32.33 25.46 -23.44
N ALA C 47 -32.62 25.20 -24.73
CA ALA C 47 -31.66 25.27 -25.81
C ALA C 47 -31.05 26.67 -25.91
N LEU C 48 -29.72 26.75 -26.09
CA LEU C 48 -29.01 28.01 -26.10
C LEU C 48 -28.72 28.40 -27.56
N LYS C 49 -28.69 29.72 -27.83
CA LYS C 49 -28.25 30.23 -29.12
C LYS C 49 -26.73 30.04 -29.20
N ALA C 50 -26.17 30.18 -30.41
CA ALA C 50 -24.73 30.15 -30.57
C ALA C 50 -24.09 31.14 -29.61
N THR C 51 -23.06 30.67 -28.87
CA THR C 51 -22.23 31.47 -27.96
C THR C 51 -22.97 31.87 -26.68
N GLU C 52 -24.27 31.56 -26.56
CA GLU C 52 -25.02 31.93 -25.37
C GLU C 52 -24.60 31.03 -24.19
N ALA C 53 -24.61 31.60 -22.98
CA ALA C 53 -24.25 30.90 -21.76
C ALA C 53 -25.47 30.70 -20.87
N TYR C 54 -25.53 29.55 -20.19
CA TYR C 54 -26.39 29.36 -19.03
C TYR C 54 -25.55 29.52 -17.77
N SER C 55 -26.02 30.32 -16.80
CA SER C 55 -25.33 30.51 -15.53
C SER C 55 -26.29 30.20 -14.40
N GLN C 56 -25.98 29.16 -13.62
CA GLN C 56 -26.79 28.83 -12.46
C GLN C 56 -26.60 29.95 -11.43
N LEU C 57 -27.65 30.31 -10.68
CA LEU C 57 -27.48 31.23 -9.57
C LEU C 57 -26.59 30.54 -8.53
N GLY C 58 -25.77 31.35 -7.85
CA GLY C 58 -24.87 30.85 -6.82
C GLY C 58 -25.64 30.02 -5.80
N GLN C 59 -25.09 28.83 -5.48
CA GLN C 59 -25.69 27.91 -4.53
C GLN C 59 -24.87 27.98 -3.24
N ASP C 60 -25.53 28.34 -2.13
CA ASP C 60 -24.87 28.44 -0.85
C ASP C 60 -24.65 27.01 -0.31
N ARG C 61 -23.41 26.67 0.05
CA ARG C 61 -23.13 25.34 0.60
C ARG C 61 -23.64 25.22 2.04
N LEU C 62 -23.78 26.36 2.72
CA LEU C 62 -24.11 26.39 4.15
C LEU C 62 -25.62 26.26 4.31
N GLY C 63 -26.04 25.30 5.11
CA GLY C 63 -27.45 25.06 5.38
C GLY C 63 -27.56 23.80 6.22
N ALA C 64 -28.78 23.27 6.35
CA ALA C 64 -29.03 22.07 7.11
C ALA C 64 -28.24 20.89 6.53
N VAL C 65 -28.08 20.87 5.19
CA VAL C 65 -27.22 19.89 4.57
C VAL C 65 -25.95 20.60 4.10
N LEU C 66 -24.80 20.23 4.65
CA LEU C 66 -23.59 20.96 4.37
C LEU C 66 -22.93 20.36 3.13
N ILE C 67 -23.11 21.01 1.98
CA ILE C 67 -22.66 20.49 0.70
C ILE C 67 -21.13 20.49 0.68
N SER C 68 -20.54 19.32 0.37
CA SER C 68 -19.08 19.17 0.35
C SER C 68 -18.54 19.04 -1.07
N LYS C 69 -19.38 18.58 -2.01
CA LYS C 69 -18.88 18.25 -3.34
C LYS C 69 -20.01 18.33 -4.36
N VAL C 70 -19.64 18.41 -5.65
CA VAL C 70 -20.62 18.59 -6.70
C VAL C 70 -20.12 17.87 -7.94
N LYS C 71 -21.05 17.37 -8.74
CA LYS C 71 -20.70 16.73 -9.99
C LYS C 71 -21.77 17.08 -11.04
N GLY C 72 -21.35 17.18 -12.30
CA GLY C 72 -22.27 17.59 -13.36
C GLY C 72 -22.26 16.65 -14.55
N TRP C 73 -23.41 16.62 -15.27
CA TRP C 73 -23.52 15.93 -16.54
C TRP C 73 -24.19 16.86 -17.53
N ALA C 74 -23.63 16.92 -18.74
CA ALA C 74 -24.17 17.75 -19.81
C ALA C 74 -24.38 16.90 -21.05
N TYR C 75 -25.52 17.13 -21.71
CA TYR C 75 -25.80 16.51 -22.99
C TYR C 75 -26.42 17.58 -23.88
N ALA C 76 -25.81 17.79 -25.06
CA ALA C 76 -26.34 18.73 -26.04
C ALA C 76 -26.08 18.21 -27.46
N ASP C 77 -26.90 18.68 -28.42
CA ASP C 77 -26.76 18.21 -29.79
C ASP C 77 -25.64 18.97 -30.50
N ARG C 78 -25.09 20.01 -29.87
CA ARG C 78 -23.94 20.74 -30.41
C ARG C 78 -22.91 20.92 -29.31
N GLU C 79 -21.67 21.22 -29.69
CA GLU C 79 -20.60 21.30 -28.73
C GLU C 79 -20.70 22.57 -27.87
N GLY C 80 -20.14 22.48 -26.66
CA GLY C 80 -20.08 23.57 -25.71
C GLY C 80 -19.02 23.27 -24.66
N THR C 81 -19.05 24.05 -23.56
CA THR C 81 -18.12 23.89 -22.46
C THR C 81 -18.87 24.05 -21.14
N LEU C 82 -18.65 23.10 -20.21
CA LEU C 82 -19.25 23.17 -18.88
C LEU C 82 -18.18 23.58 -17.87
N PHE C 83 -18.50 24.58 -17.05
CA PHE C 83 -17.60 25.06 -16.00
C PHE C 83 -18.26 24.85 -14.65
N ILE C 84 -17.48 24.37 -13.68
CA ILE C 84 -17.90 24.35 -12.28
C ILE C 84 -17.11 25.46 -11.59
N GLU C 85 -17.84 26.35 -10.91
CA GLU C 85 -17.19 27.55 -10.39
C GLU C 85 -17.55 27.79 -8.93
N GLU C 86 -16.71 28.55 -8.25
CA GLU C 86 -16.87 28.80 -6.83
C GLU C 86 -16.67 30.28 -6.54
N SER C 87 -17.26 30.75 -5.42
CA SER C 87 -17.17 32.14 -5.03
C SER C 87 -17.35 32.24 -3.52
N ASP C 88 -16.57 33.10 -2.87
CA ASP C 88 -16.79 33.37 -1.46
CA ASP C 88 -16.71 33.42 -1.46
C ASP C 88 -17.79 34.51 -1.25
N ASN C 89 -18.08 35.30 -2.29
CA ASN C 89 -19.00 36.41 -2.09
C ASN C 89 -20.24 36.34 -2.98
N ASN C 90 -20.37 35.27 -3.78
CA ASN C 90 -21.53 35.11 -4.65
C ASN C 90 -21.57 36.23 -5.69
N ASN C 91 -20.39 36.74 -6.06
CA ASN C 91 -20.30 37.86 -6.97
C ASN C 91 -19.12 37.65 -7.91
N VAL C 92 -17.92 37.42 -7.35
CA VAL C 92 -16.78 37.12 -8.21
C VAL C 92 -16.50 35.61 -8.15
N TRP C 93 -16.36 35.01 -9.34
CA TRP C 93 -16.35 33.57 -9.53
C TRP C 93 -14.99 33.11 -10.04
N THR C 94 -14.48 32.00 -9.50
CA THR C 94 -13.29 31.36 -10.07
C THR C 94 -13.69 29.98 -10.57
N THR C 95 -13.04 29.52 -11.65
CA THR C 95 -13.36 28.23 -12.26
C THR C 95 -12.57 27.13 -11.55
N THR C 96 -13.29 26.11 -11.04
CA THR C 96 -12.61 25.02 -10.36
C THR C 96 -12.37 23.87 -11.34
N ALA C 97 -13.30 23.68 -12.27
CA ALA C 97 -13.15 22.62 -13.26
C ALA C 97 -13.88 23.03 -14.52
N ALA C 98 -13.43 22.46 -15.64
CA ALA C 98 -13.98 22.78 -16.95
C ALA C 98 -13.88 21.54 -17.83
N VAL C 99 -14.95 21.25 -18.59
CA VAL C 99 -14.91 20.11 -19.49
C VAL C 99 -15.48 20.54 -20.84
N ASN C 100 -14.80 20.15 -21.93
CA ASN C 100 -15.35 20.27 -23.28
C ASN C 100 -16.49 19.27 -23.46
N VAL C 101 -17.61 19.72 -24.03
CA VAL C 101 -18.75 18.84 -24.24
C VAL C 101 -18.94 18.68 -25.75
N ALA C 102 -18.67 17.47 -26.27
CA ALA C 102 -18.84 17.18 -27.69
C ALA C 102 -20.34 17.06 -28.02
N ALA C 103 -20.66 17.29 -29.30
CA ALA C 103 -22.03 17.18 -29.80
C ALA C 103 -22.52 15.74 -29.61
N GLY C 104 -23.70 15.58 -29.02
CA GLY C 104 -24.36 14.28 -28.91
C GLY C 104 -23.63 13.26 -28.03
N VAL C 105 -22.78 13.73 -27.10
CA VAL C 105 -22.00 12.84 -26.24
C VAL C 105 -22.25 13.24 -24.78
N LEU C 106 -22.88 12.36 -23.99
CA LEU C 106 -23.00 12.65 -22.57
C LEU C 106 -21.62 12.88 -21.98
N THR C 107 -21.45 14.00 -21.28
CA THR C 107 -20.16 14.40 -20.73
C THR C 107 -20.33 14.69 -19.23
N ALA C 108 -19.48 14.07 -18.40
CA ALA C 108 -19.55 14.20 -16.95
C ALA C 108 -18.30 14.91 -16.46
N THR C 109 -18.44 15.73 -15.42
CA THR C 109 -17.27 16.22 -14.70
C THR C 109 -16.83 15.12 -13.72
N ASP C 110 -15.71 15.33 -13.04
CA ASP C 110 -15.42 14.55 -11.83
C ASP C 110 -16.23 15.13 -10.67
N TRP C 111 -16.22 14.41 -9.53
CA TRP C 111 -16.62 15.03 -8.28
C TRP C 111 -15.63 16.17 -8.00
N VAL C 112 -16.17 17.35 -7.73
CA VAL C 112 -15.39 18.50 -7.34
C VAL C 112 -15.65 18.76 -5.86
N TYR C 113 -14.58 18.71 -5.04
CA TYR C 113 -14.68 18.98 -3.62
C TYR C 113 -14.57 20.49 -3.44
N LEU C 114 -15.56 21.07 -2.76
CA LEU C 114 -15.73 22.51 -2.73
C LEU C 114 -14.97 23.10 -1.55
N SER C 115 -14.55 24.37 -1.69
CA SER C 115 -13.92 25.06 -0.57
C SER C 115 -14.53 26.43 -0.28
N LYS C 116 -14.96 27.16 -1.31
CA LYS C 116 -15.56 28.46 -1.07
C LYS C 116 -17.04 28.28 -0.72
N ARG C 117 -17.70 29.37 -0.34
CA ARG C 117 -19.05 29.29 0.18
C ARG C 117 -20.09 28.92 -0.89
N TYR C 118 -19.93 29.42 -2.12
CA TYR C 118 -20.96 29.28 -3.16
C TYR C 118 -20.38 28.52 -4.34
N TYR C 119 -21.22 27.69 -4.98
CA TYR C 119 -20.85 26.96 -6.18
C TYR C 119 -21.90 27.26 -7.26
N ARG C 120 -21.51 27.07 -8.53
CA ARG C 120 -22.48 27.14 -9.63
C ARG C 120 -21.91 26.38 -10.81
N PHE C 121 -22.81 25.98 -11.72
CA PHE C 121 -22.44 25.55 -13.06
C PHE C 121 -22.67 26.74 -13.99
N ARG C 122 -21.76 26.91 -14.95
CA ARG C 122 -21.93 27.82 -16.06
C ARG C 122 -21.60 27.05 -17.34
N TYR C 123 -22.55 27.02 -18.29
CA TYR C 123 -22.36 26.30 -19.53
C TYR C 123 -22.35 27.31 -20.69
N VAL C 124 -21.29 27.30 -21.50
CA VAL C 124 -21.18 28.20 -22.64
C VAL C 124 -21.33 27.38 -23.93
N ASN C 125 -22.39 27.66 -24.69
CA ASN C 125 -22.63 26.98 -25.97
C ASN C 125 -21.58 27.43 -26.99
N GLY C 126 -21.20 26.52 -27.90
CA GLY C 126 -20.27 26.83 -28.97
C GLY C 126 -20.94 27.63 -30.10
N ASN C 127 -20.36 27.56 -31.29
CA ASN C 127 -20.72 28.42 -32.42
C ASN C 127 -22.01 27.98 -33.14
N LEU C 128 -22.67 26.92 -32.67
CA LEU C 128 -23.91 26.49 -33.31
C LEU C 128 -25.03 26.41 -32.27
N GLN C 129 -26.20 26.93 -32.64
CA GLN C 129 -27.37 26.93 -31.78
C GLN C 129 -27.76 25.49 -31.44
N GLN C 130 -28.12 25.25 -30.17
CA GLN C 130 -28.54 23.92 -29.75
C GLN C 130 -29.99 23.70 -30.16
N SER C 131 -30.36 22.44 -30.42
CA SER C 131 -31.77 22.09 -30.49
C SER C 131 -32.16 21.21 -29.29
N GLU C 132 -31.17 20.63 -28.61
CA GLU C 132 -31.43 19.79 -27.45
C GLU C 132 -30.31 19.99 -26.42
N PHE C 133 -30.69 20.17 -25.15
CA PHE C 133 -29.72 20.40 -24.07
C PHE C 133 -30.34 20.02 -22.73
N VAL C 134 -29.60 19.23 -21.94
CA VAL C 134 -29.94 19.02 -20.52
C VAL C 134 -28.65 19.12 -19.72
N LEU C 135 -28.79 19.65 -18.50
CA LEU C 135 -27.67 19.79 -17.58
C LEU C 135 -28.14 19.33 -16.21
N TYR C 136 -27.44 18.32 -15.65
CA TYR C 136 -27.79 17.71 -14.36
C TYR C 136 -26.69 17.97 -13.33
N GLN C 137 -27.11 18.11 -12.07
CA GLN C 137 -26.21 18.43 -10.97
C GLN C 137 -26.48 17.50 -9.79
N SER C 138 -25.41 16.83 -9.30
CA SER C 138 -25.46 16.06 -8.07
C SER C 138 -24.57 16.73 -7.02
N VAL C 139 -24.96 16.64 -5.75
CA VAL C 139 -24.20 17.17 -4.63
C VAL C 139 -24.09 16.06 -3.59
N GLY C 140 -23.02 16.14 -2.76
CA GLY C 140 -22.88 15.20 -1.67
C GLY C 140 -22.51 15.93 -0.39
N ALA C 141 -22.37 15.17 0.70
CA ALA C 141 -22.14 15.76 2.02
C ALA C 141 -21.67 14.68 2.98
N GLY C 142 -20.93 15.07 4.02
CA GLY C 142 -20.61 14.17 5.13
C GLY C 142 -19.47 13.20 4.80
N GLU C 143 -19.16 12.37 5.80
CA GLU C 143 -18.10 11.39 5.72
C GLU C 143 -18.37 10.34 6.81
N MET C 144 -18.40 9.07 6.42
CA MET C 144 -18.66 7.96 7.33
CA MET C 144 -18.67 7.95 7.31
C MET C 144 -17.35 7.27 7.73
N ASP C 145 -17.20 6.97 9.02
CA ASP C 145 -16.09 6.15 9.52
C ASP C 145 -16.36 4.69 9.15
N VAL C 146 -15.36 4.03 8.57
CA VAL C 146 -15.46 2.62 8.22
C VAL C 146 -14.27 1.85 8.79
N ARG C 147 -14.52 0.55 9.03
CA ARG C 147 -13.50 -0.38 9.44
C ARG C 147 -13.38 -1.44 8.35
N VAL C 148 -12.21 -1.51 7.73
CA VAL C 148 -11.99 -2.36 6.56
C VAL C 148 -11.78 -3.81 7.03
N ASN C 149 -12.52 -4.74 6.43
CA ASN C 149 -12.40 -6.15 6.81
C ASN C 149 -10.97 -6.64 6.54
N GLU C 150 -10.37 -7.31 7.53
CA GLU C 150 -8.96 -7.69 7.56
C GLU C 150 -8.73 -9.04 6.88
N LYS C 151 -9.81 -9.75 6.48
CA LYS C 151 -9.69 -11.15 6.11
C LYS C 151 -8.73 -11.32 4.92
N THR C 152 -8.97 -10.58 3.85
CA THR C 152 -8.09 -10.69 2.68
C THR C 152 -7.27 -9.41 2.59
N PRO C 153 -5.92 -9.52 2.49
CA PRO C 153 -5.08 -8.36 2.20
C PRO C 153 -5.59 -7.67 0.95
N LEU C 154 -5.46 -6.35 0.90
CA LEU C 154 -5.79 -5.58 -0.29
C LEU C 154 -4.66 -5.69 -1.32
N GLN C 155 -5.06 -5.90 -2.57
CA GLN C 155 -4.13 -5.90 -3.70
C GLN C 155 -3.84 -4.44 -4.04
N ILE C 156 -2.56 -4.11 -4.17
CA ILE C 156 -2.16 -2.76 -4.55
C ILE C 156 -1.33 -2.83 -5.83
N ASP C 157 -1.33 -1.74 -6.60
CA ASP C 157 -0.39 -1.57 -7.69
C ASP C 157 0.09 -0.13 -7.71
N PHE C 158 1.15 0.11 -8.49
CA PHE C 158 1.83 1.39 -8.50
C PHE C 158 1.54 2.10 -9.82
N ALA C 159 1.55 3.44 -9.79
CA ALA C 159 1.42 4.25 -10.99
C ALA C 159 2.41 3.79 -12.07
N GLU C 160 2.01 3.93 -13.35
CA GLU C 160 2.93 3.73 -14.45
C GLU C 160 4.16 4.61 -14.23
N ASN C 161 3.95 5.72 -13.50
CA ASN C 161 5.01 6.69 -13.27
C ASN C 161 5.91 6.26 -12.11
N GLN C 162 5.56 5.21 -11.36
CA GLN C 162 6.37 4.76 -10.24
C GLN C 162 7.09 3.45 -10.58
N THR C 163 6.81 2.88 -11.76
CA THR C 163 7.46 1.65 -12.18
C THR C 163 8.31 1.88 -13.43
N HIS C 164 9.05 0.84 -13.82
CA HIS C 164 9.84 0.89 -15.04
C HIS C 164 9.71 -0.39 -15.87
N ASP C 165 10.36 -1.46 -15.45
CA ASP C 165 10.40 -2.64 -16.30
C ASP C 165 9.36 -3.64 -15.78
N GLY C 166 8.25 -3.13 -15.26
CA GLY C 166 7.39 -3.87 -14.32
C GLY C 166 8.01 -3.95 -12.92
N ARG C 167 8.89 -3.00 -12.58
CA ARG C 167 9.59 -2.99 -11.31
C ARG C 167 9.40 -1.63 -10.65
N LEU C 168 9.27 -1.62 -9.32
CA LEU C 168 9.13 -0.36 -8.59
C LEU C 168 10.48 0.34 -8.54
N LYS C 169 10.49 1.62 -8.91
CA LYS C 169 11.70 2.44 -8.91
C LYS C 169 12.02 2.86 -7.48
N VAL C 170 13.23 2.50 -7.02
CA VAL C 170 13.67 2.84 -5.69
C VAL C 170 14.99 3.59 -5.80
N GLU C 171 15.30 4.34 -4.74
CA GLU C 171 16.59 4.97 -4.56
C GLU C 171 17.17 4.49 -3.23
N ALA C 172 18.26 3.72 -3.32
CA ALA C 172 18.90 3.17 -2.14
C ALA C 172 20.08 4.03 -1.65
N ARG C 173 20.59 4.94 -2.51
CA ARG C 173 21.83 5.66 -2.21
CA ARG C 173 21.82 5.66 -2.21
C ARG C 173 21.54 6.87 -1.34
N LYS C 174 22.35 7.04 -0.28
CA LYS C 174 22.41 8.25 0.53
C LYS C 174 23.82 8.81 0.49
N THR C 175 23.92 10.15 0.52
CA THR C 175 25.15 10.91 0.54
C THR C 175 25.02 12.02 1.57
N PHE C 176 26.12 12.32 2.27
CA PHE C 176 26.19 13.50 3.12
C PHE C 176 27.62 14.04 3.14
N ASP C 177 27.74 15.35 3.31
CA ASP C 177 29.02 16.04 3.44
C ASP C 177 29.39 16.17 4.90
N PHE C 178 30.68 16.35 5.20
CA PHE C 178 31.10 16.40 6.58
C PHE C 178 32.37 17.25 6.71
N VAL C 179 32.47 18.00 7.80
CA VAL C 179 33.62 18.86 8.05
C VAL C 179 34.44 18.23 9.16
N PHE C 180 35.66 17.80 8.84
CA PHE C 180 36.57 17.29 9.85
C PHE C 180 37.26 18.46 10.50
N HIS C 181 37.73 19.41 9.66
CA HIS C 181 38.42 20.62 10.03
C HIS C 181 38.05 21.72 9.03
N GLU C 182 37.90 22.94 9.54
CA GLU C 182 37.73 24.09 8.67
C GLU C 182 38.69 25.20 9.10
N ASN C 183 39.68 25.50 8.25
CA ASN C 183 40.63 26.56 8.51
C ASN C 183 41.33 26.33 9.86
N ALA C 184 41.73 25.09 10.13
CA ALA C 184 42.42 24.76 11.36
C ALA C 184 43.77 25.47 11.37
N GLU C 185 44.15 25.99 12.55
CA GLU C 185 45.38 26.74 12.72
C GLU C 185 46.40 25.91 13.49
N SER C 186 45.91 24.90 14.23
CA SER C 186 46.79 24.08 15.04
C SER C 186 46.31 22.63 15.06
N ALA C 187 47.18 21.75 15.56
CA ALA C 187 46.94 20.32 15.61
C ALA C 187 45.69 20.02 16.42
N SER C 188 44.85 19.10 15.92
CA SER C 188 43.81 18.49 16.73
C SER C 188 43.17 17.35 15.94
N GLU C 189 42.34 16.56 16.62
CA GLU C 189 41.65 15.47 15.98
C GLU C 189 40.56 15.98 15.05
N GLY C 190 39.94 17.11 15.40
CA GLY C 190 38.83 17.65 14.63
C GLY C 190 37.57 16.83 14.89
N ALA C 191 36.53 17.03 14.08
CA ALA C 191 35.26 16.34 14.29
C ALA C 191 35.31 14.92 13.70
N ALA C 192 34.57 14.01 14.34
CA ALA C 192 34.49 12.61 13.97
C ALA C 192 33.25 12.36 13.12
N LEU C 193 33.45 11.83 11.91
CA LEU C 193 32.34 11.48 11.03
C LEU C 193 31.62 10.27 11.59
N PRO C 194 30.28 10.31 11.78
CA PRO C 194 29.51 9.12 12.12
C PRO C 194 29.17 8.38 10.82
N VAL C 195 29.60 7.11 10.76
CA VAL C 195 29.56 6.37 9.49
C VAL C 195 28.11 6.11 9.06
N ASP C 196 27.25 5.70 10.02
CA ASP C 196 25.80 5.65 9.86
C ASP C 196 25.36 5.23 8.47
N GLY C 197 25.69 4.00 8.07
CA GLY C 197 25.15 3.53 6.80
C GLY C 197 25.91 3.95 5.52
N ALA C 198 26.97 4.77 5.62
CA ALA C 198 27.85 4.99 4.47
C ALA C 198 28.86 3.84 4.34
N ALA C 199 29.30 3.59 3.10
CA ALA C 199 30.29 2.55 2.81
C ALA C 199 31.58 3.15 2.27
N HIS C 200 31.49 4.36 1.71
CA HIS C 200 32.58 4.97 0.97
C HIS C 200 32.72 6.43 1.39
N LEU C 201 33.96 6.92 1.46
CA LEU C 201 34.20 8.31 1.87
C LEU C 201 35.31 8.89 0.98
N LEU C 202 35.06 10.11 0.49
CA LEU C 202 36.07 10.88 -0.21
C LEU C 202 36.42 12.09 0.64
N VAL C 203 37.71 12.25 0.95
CA VAL C 203 38.18 13.33 1.81
C VAL C 203 39.09 14.25 1.00
N GLU C 204 38.79 15.56 1.02
CA GLU C 204 39.64 16.58 0.44
C GLU C 204 40.42 17.31 1.55
N VAL C 205 41.72 17.49 1.31
CA VAL C 205 42.62 18.24 2.17
C VAL C 205 43.11 19.45 1.37
N TYR C 206 42.89 20.67 1.91
CA TYR C 206 43.21 21.88 1.18
C TYR C 206 43.38 23.06 2.14
N GLY C 207 44.22 24.02 1.74
CA GLY C 207 44.35 25.30 2.45
C GLY C 207 45.71 25.96 2.20
N THR C 208 46.04 26.94 3.05
CA THR C 208 47.24 27.74 2.88
C THR C 208 48.43 27.17 3.65
N ALA C 209 48.20 26.25 4.60
CA ALA C 209 49.28 25.72 5.42
C ALA C 209 50.46 25.36 4.54
N GLU C 210 51.67 25.78 4.95
CA GLU C 210 52.86 25.49 4.18
C GLU C 210 53.35 24.08 4.47
N MET C 211 53.07 23.61 5.70
CA MET C 211 53.42 22.27 6.14
C MET C 211 52.24 21.75 6.96
N SER C 212 51.89 20.47 6.78
CA SER C 212 50.85 19.83 7.57
C SER C 212 50.99 18.32 7.48
N GLU C 213 50.50 17.61 8.49
CA GLU C 213 50.36 16.17 8.44
C GLU C 213 48.97 15.78 8.93
N VAL C 214 48.25 15.03 8.07
CA VAL C 214 46.96 14.48 8.41
C VAL C 214 47.08 12.97 8.53
N LYS C 215 46.57 12.43 9.64
CA LYS C 215 46.59 11.00 9.90
C LYS C 215 45.16 10.49 9.82
N PHE C 216 44.97 9.34 9.16
CA PHE C 216 43.65 8.80 8.89
C PHE C 216 43.29 7.77 9.96
N TRP C 217 42.13 7.95 10.59
CA TRP C 217 41.74 7.09 11.71
C TRP C 217 40.31 6.62 11.51
N GLY C 218 40.04 5.41 11.98
CA GLY C 218 38.68 4.93 12.17
C GLY C 218 38.49 4.54 13.63
N LYS C 219 37.23 4.52 14.09
CA LYS C 219 36.92 3.90 15.37
C LYS C 219 35.93 2.78 15.11
N SER C 220 36.17 1.65 15.78
CA SER C 220 35.27 0.51 15.78
C SER C 220 34.64 0.41 17.18
N VAL C 221 34.49 -0.81 17.69
CA VAL C 221 33.65 -1.06 18.86
C VAL C 221 34.32 -0.54 20.13
N SER C 222 35.65 -0.62 20.24
CA SER C 222 36.33 -0.25 21.47
C SER C 222 36.29 1.26 21.72
N GLY C 223 36.17 2.07 20.65
CA GLY C 223 36.28 3.51 20.79
C GLY C 223 37.70 4.02 20.64
N GLN C 224 38.69 3.12 20.55
CA GLN C 224 40.06 3.54 20.31
C GLN C 224 40.25 3.81 18.83
N LYS C 225 41.09 4.80 18.52
CA LYS C 225 41.46 5.13 17.15
C LYS C 225 42.30 4.02 16.54
N LEU C 226 41.95 3.64 15.31
CA LEU C 226 42.64 2.63 14.52
C LEU C 226 43.09 3.26 13.21
N PRO C 227 44.36 3.05 12.79
CA PRO C 227 44.84 3.62 11.53
C PRO C 227 44.12 2.93 10.36
N ILE C 228 43.74 3.75 9.38
CA ILE C 228 43.12 3.24 8.16
C ILE C 228 43.88 3.78 6.95
N ARG C 229 43.70 3.11 5.80
CA ARG C 229 44.42 3.47 4.59
CA ARG C 229 44.41 3.46 4.59
C ARG C 229 43.42 4.06 3.59
N GLY C 230 43.86 5.12 2.91
CA GLY C 230 43.09 5.73 1.85
C GLY C 230 43.85 5.63 0.53
N VAL C 231 43.15 5.91 -0.57
CA VAL C 231 43.73 5.85 -1.90
C VAL C 231 43.60 7.24 -2.53
N LYS C 232 44.74 7.86 -2.87
CA LYS C 232 44.77 9.20 -3.43
C LYS C 232 44.25 9.16 -4.87
N THR C 233 43.39 10.14 -5.24
CA THR C 233 42.69 10.03 -6.52
C THR C 233 43.64 10.17 -7.71
N ASP C 234 44.68 11.00 -7.59
CA ASP C 234 45.47 11.33 -8.78
C ASP C 234 46.38 10.20 -9.21
N ASP C 235 46.92 9.41 -8.27
CA ASP C 235 47.95 8.45 -8.60
C ASP C 235 47.73 7.10 -7.90
N ALA C 236 46.61 6.93 -7.18
CA ALA C 236 46.29 5.70 -6.51
C ALA C 236 47.33 5.29 -5.45
N THR C 237 48.09 6.26 -4.90
CA THR C 237 48.89 6.02 -3.72
C THR C 237 47.97 5.56 -2.60
N THR C 238 48.39 4.52 -1.87
CA THR C 238 47.70 4.05 -0.68
C THR C 238 48.53 4.42 0.54
N ALA C 239 47.92 5.09 1.53
CA ALA C 239 48.65 5.48 2.73
C ALA C 239 47.67 5.66 3.89
N SER C 240 48.21 5.68 5.12
CA SER C 240 47.41 5.94 6.31
C SER C 240 47.62 7.36 6.84
N SER C 241 48.33 8.19 6.07
CA SER C 241 48.48 9.60 6.41
C SER C 241 49.03 10.34 5.19
N THR C 242 49.03 11.68 5.28
CA THR C 242 49.55 12.50 4.19
C THR C 242 50.24 13.75 4.74
N LEU C 243 51.29 14.17 4.02
CA LEU C 243 51.99 15.43 4.24
C LEU C 243 51.53 16.45 3.22
N GLY C 244 50.61 16.05 2.32
CA GLY C 244 50.24 16.85 1.16
C GLY C 244 48.92 17.59 1.37
N LYS C 245 48.54 18.40 0.40
CA LYS C 245 47.26 19.11 0.37
C LYS C 245 46.89 19.34 -1.08
N ALA C 246 45.73 19.95 -1.34
CA ALA C 246 45.16 20.00 -2.68
C ALA C 246 45.10 18.57 -3.23
N GLU C 247 44.57 17.66 -2.40
CA GLU C 247 44.47 16.27 -2.78
C GLU C 247 43.24 15.66 -2.13
N ALA C 248 42.82 14.50 -2.66
CA ALA C 248 41.63 13.84 -2.18
C ALA C 248 41.95 12.35 -2.02
N TRP C 249 41.40 11.76 -0.94
CA TRP C 249 41.68 10.40 -0.54
C TRP C 249 40.36 9.65 -0.42
N ALA C 250 40.30 8.46 -1.03
CA ALA C 250 39.13 7.60 -1.02
C ALA C 250 39.30 6.50 0.04
N PHE C 251 38.25 6.28 0.84
CA PHE C 251 38.30 5.27 1.90
C PHE C 251 37.09 4.35 1.80
N ASP C 252 37.35 3.07 2.08
CA ASP C 252 36.29 2.10 2.32
C ASP C 252 36.01 2.10 3.81
N ILE C 253 34.80 2.51 4.21
CA ILE C 253 34.56 2.75 5.63
C ILE C 253 33.53 1.77 6.19
N LYS C 254 33.10 0.79 5.37
CA LYS C 254 32.16 -0.22 5.82
C LYS C 254 32.67 -0.88 7.10
N GLY C 255 31.83 -0.88 8.15
CA GLY C 255 32.21 -1.59 9.36
C GLY C 255 32.71 -0.66 10.46
N PHE C 256 33.15 0.56 10.10
CA PHE C 256 33.60 1.52 11.10
C PHE C 256 32.42 2.26 11.70
N LYS C 257 32.61 2.77 12.92
CA LYS C 257 31.59 3.57 13.59
C LYS C 257 31.86 5.05 13.30
N GLU C 258 33.14 5.45 13.31
CA GLU C 258 33.50 6.84 13.08
C GLU C 258 34.79 6.92 12.30
N ILE C 259 34.97 8.06 11.61
CA ILE C 259 36.19 8.34 10.87
C ILE C 259 36.73 9.67 11.37
N ILE C 260 38.03 9.71 11.66
CA ILE C 260 38.67 10.93 12.11
C ILE C 260 39.85 11.21 11.21
N MET C 261 39.99 12.49 10.82
CA MET C 261 41.10 12.95 10.04
C MET C 261 41.89 13.94 10.90
N GLU C 262 42.91 13.44 11.60
CA GLU C 262 43.59 14.22 12.62
C GLU C 262 44.72 15.06 12.00
N ILE C 263 44.72 16.36 12.30
CA ILE C 263 45.89 17.16 11.97
C ILE C 263 46.91 16.95 13.08
N ILE C 264 48.00 16.26 12.71
CA ILE C 264 49.08 15.89 13.62
C ILE C 264 49.94 17.13 13.85
N SER C 265 50.17 17.88 12.78
CA SER C 265 50.96 19.10 12.84
C SER C 265 50.59 20.00 11.65
N ILE C 266 50.85 21.29 11.82
CA ILE C 266 50.56 22.31 10.83
C ILE C 266 51.41 23.53 11.16
N THR C 267 52.03 24.13 10.13
CA THR C 267 52.68 25.43 10.27
C THR C 267 52.42 26.26 9.02
N GLY C 268 52.34 27.58 9.21
CA GLY C 268 52.46 28.54 8.13
C GLY C 268 51.16 28.71 7.35
N GLY C 269 50.03 28.71 8.06
CA GLY C 269 48.75 28.84 7.39
C GLY C 269 47.71 27.92 8.01
N THR C 270 46.57 27.75 7.32
CA THR C 270 45.49 26.95 7.86
C THR C 270 45.16 25.81 6.89
N LEU C 271 44.35 24.87 7.36
CA LEU C 271 44.02 23.68 6.58
C LEU C 271 42.57 23.29 6.84
N SER C 272 41.85 23.01 5.76
CA SER C 272 40.51 22.45 5.84
C SER C 272 40.57 20.97 5.42
N VAL C 273 39.74 20.15 6.07
CA VAL C 273 39.60 18.74 5.76
C VAL C 273 38.11 18.42 5.75
N LYS C 274 37.57 18.12 4.58
CA LYS C 274 36.15 17.93 4.42
C LYS C 274 35.94 16.76 3.46
N GLY C 275 34.82 16.05 3.64
CA GLY C 275 34.56 14.92 2.77
C GLY C 275 33.08 14.73 2.44
N THR C 276 32.85 13.72 1.60
CA THR C 276 31.52 13.25 1.22
C THR C 276 31.48 11.75 1.45
N ALA C 277 30.49 11.30 2.24
CA ALA C 277 30.25 9.90 2.51
C ALA C 277 29.08 9.43 1.67
N VAL C 278 29.20 8.22 1.13
CA VAL C 278 28.18 7.66 0.26
C VAL C 278 27.92 6.23 0.71
N SER C 279 26.64 5.83 0.63
CA SER C 279 26.26 4.45 0.90
C SER C 279 26.75 3.55 -0.25
N LYS D 3 -42.89 14.08 24.12
CA LYS D 3 -42.49 14.93 22.95
C LYS D 3 -41.10 15.50 23.22
N TYR D 4 -40.27 15.54 22.17
CA TYR D 4 -38.90 16.02 22.26
C TYR D 4 -38.83 17.44 21.70
N GLN D 5 -37.61 17.97 21.60
CA GLN D 5 -37.35 19.34 21.18
C GLN D 5 -37.24 19.46 19.67
N TYR D 6 -37.07 18.35 18.95
CA TYR D 6 -36.96 18.47 17.50
C TYR D 6 -38.39 18.48 16.92
N GLU D 7 -38.52 19.03 15.71
CA GLU D 7 -39.80 19.02 15.03
C GLU D 7 -39.58 18.66 13.57
N PHE D 8 -40.35 17.68 13.08
CA PHE D 8 -40.23 17.30 11.68
C PHE D 8 -40.70 18.45 10.80
N PRO D 9 -39.95 18.82 9.74
CA PRO D 9 -40.44 19.81 8.78
C PRO D 9 -41.63 19.25 8.02
N LEU D 10 -42.41 20.15 7.39
CA LEU D 10 -43.54 19.76 6.57
C LEU D 10 -43.17 20.07 5.13
N ASP D 11 -43.60 19.24 4.18
CA ASP D 11 -43.39 19.54 2.77
C ASP D 11 -44.42 20.57 2.32
N LYS D 12 -44.41 20.87 1.01
CA LYS D 12 -45.26 21.87 0.39
C LYS D 12 -46.74 21.57 0.68
N ALA D 13 -47.09 20.28 0.74
CA ALA D 13 -48.47 19.84 0.94
C ALA D 13 -48.77 19.67 2.44
N GLY D 14 -47.87 20.12 3.30
CA GLY D 14 -48.07 19.99 4.74
C GLY D 14 -47.78 18.60 5.31
N LYS D 15 -47.10 17.71 4.55
CA LYS D 15 -46.78 16.38 5.06
C LYS D 15 -45.44 16.39 5.82
N ALA D 16 -45.47 15.87 7.06
CA ALA D 16 -44.30 15.72 7.91
C ALA D 16 -43.40 14.62 7.37
N GLY D 17 -42.08 14.79 7.55
CA GLY D 17 -41.12 13.75 7.22
C GLY D 17 -39.85 13.96 8.04
N ALA D 18 -39.12 12.87 8.31
CA ALA D 18 -37.85 12.98 9.02
C ALA D 18 -36.75 13.29 8.00
N VAL D 19 -36.85 14.46 7.36
CA VAL D 19 -36.00 14.86 6.25
C VAL D 19 -35.45 16.25 6.51
N LYS D 20 -34.42 16.62 5.72
CA LYS D 20 -33.90 17.97 5.63
C LYS D 20 -34.00 18.45 4.19
N PRO D 21 -34.22 19.77 3.96
CA PRO D 21 -34.24 20.30 2.59
C PRO D 21 -32.82 20.55 2.11
N TYR D 22 -32.62 20.58 0.78
CA TYR D 22 -31.31 20.96 0.24
C TYR D 22 -31.48 21.42 -1.21
N ARG D 23 -30.36 21.87 -1.79
CA ARG D 23 -30.29 22.54 -3.09
C ARG D 23 -30.66 24.02 -2.90
N GLY D 24 -30.28 24.84 -3.88
CA GLY D 24 -30.35 26.29 -3.76
C GLY D 24 -31.75 26.76 -3.36
N GLY D 25 -32.78 26.17 -3.99
CA GLY D 25 -34.16 26.51 -3.73
C GLY D 25 -34.84 25.67 -2.64
N LYS D 26 -34.06 24.84 -1.91
CA LYS D 26 -34.57 24.02 -0.82
C LYS D 26 -35.76 23.18 -1.29
N ASN D 27 -35.69 22.71 -2.53
CA ASN D 27 -36.81 22.02 -3.12
C ASN D 27 -36.49 20.54 -3.29
N ASP D 28 -35.44 20.06 -2.61
CA ASP D 28 -35.18 18.62 -2.57
C ASP D 28 -35.10 18.21 -1.09
N PHE D 29 -35.20 16.91 -0.82
CA PHE D 29 -35.27 16.43 0.55
C PHE D 29 -34.33 15.23 0.71
N VAL D 30 -33.83 15.02 1.93
CA VAL D 30 -32.95 13.90 2.21
C VAL D 30 -33.20 13.47 3.66
N THR D 31 -33.24 12.15 3.90
CA THR D 31 -33.43 11.60 5.24
C THR D 31 -32.06 11.42 5.93
N PRO D 32 -31.79 12.13 7.04
CA PRO D 32 -30.57 11.90 7.83
C PRO D 32 -30.61 10.54 8.49
N VAL D 33 -29.52 9.77 8.36
CA VAL D 33 -29.46 8.44 8.94
C VAL D 33 -28.14 8.26 9.70
N SER D 34 -28.13 7.24 10.55
CA SER D 34 -26.93 6.82 11.26
C SER D 34 -26.96 5.30 11.39
N ASN D 35 -25.82 4.70 11.07
CA ASN D 35 -25.67 3.28 11.34
C ASN D 35 -25.96 3.06 12.82
N LEU D 36 -26.50 1.88 13.19
CA LEU D 36 -26.85 1.66 14.59
C LEU D 36 -25.64 1.70 15.52
N SER D 37 -24.42 1.56 14.97
CA SER D 37 -23.20 1.62 15.79
C SER D 37 -23.03 3.02 16.42
N GLY D 38 -23.70 4.04 15.88
CA GLY D 38 -23.65 5.39 16.40
C GLY D 38 -24.70 5.67 17.49
N VAL D 39 -25.58 4.70 17.76
CA VAL D 39 -26.60 4.81 18.79
C VAL D 39 -26.02 4.25 20.08
N ALA D 40 -26.41 4.78 21.24
CA ALA D 40 -26.03 4.17 22.51
C ALA D 40 -27.26 4.00 23.41
N GLU D 41 -27.18 3.02 24.32
CA GLU D 41 -28.14 2.83 25.41
C GLU D 41 -27.43 3.17 26.72
N ILE D 42 -28.10 3.92 27.62
CA ILE D 42 -27.55 4.08 28.95
CA ILE D 42 -27.63 4.10 28.99
C ILE D 42 -27.90 2.81 29.74
N LEU D 43 -26.88 2.13 30.27
CA LEU D 43 -27.10 0.88 30.96
C LEU D 43 -27.50 1.15 32.42
N THR D 44 -26.87 2.15 33.04
CA THR D 44 -27.10 2.47 34.44
C THR D 44 -26.66 3.89 34.71
N ASN D 45 -27.32 4.53 35.68
CA ASN D 45 -26.78 5.74 36.27
C ASN D 45 -26.83 5.68 37.79
N ALA D 46 -26.93 4.47 38.35
CA ALA D 46 -26.99 4.28 39.80
C ALA D 46 -25.58 4.29 40.39
N ALA D 47 -25.31 5.26 41.27
CA ALA D 47 -24.06 5.43 41.97
C ALA D 47 -23.74 4.19 42.81
N LEU D 48 -22.48 3.74 42.77
CA LEU D 48 -22.06 2.52 43.44
C LEU D 48 -21.33 2.88 44.74
N LYS D 49 -21.43 2.00 45.75
CA LYS D 49 -20.65 2.13 46.96
C LYS D 49 -19.20 1.75 46.63
N ALA D 50 -18.27 2.07 47.53
CA ALA D 50 -16.89 1.65 47.38
C ALA D 50 -16.84 0.14 47.14
N THR D 51 -16.09 -0.27 46.11
CA THR D 51 -15.84 -1.66 45.72
C THR D 51 -17.07 -2.37 45.14
N GLU D 52 -18.24 -1.70 45.11
CA GLU D 52 -19.43 -2.35 44.55
C GLU D 52 -19.32 -2.42 43.02
N ALA D 53 -19.87 -3.48 42.45
CA ALA D 53 -19.88 -3.70 41.00
C ALA D 53 -21.29 -3.55 40.43
N TYR D 54 -21.36 -3.02 39.21
CA TYR D 54 -22.53 -3.14 38.36
C TYR D 54 -22.27 -4.26 37.34
N SER D 55 -23.20 -5.19 37.19
CA SER D 55 -23.09 -6.27 36.21
C SER D 55 -24.33 -6.26 35.31
N GLN D 56 -24.13 -5.99 34.02
CA GLN D 56 -25.22 -6.05 33.07
C GLN D 56 -25.65 -7.51 32.92
N LEU D 57 -26.96 -7.74 32.74
CA LEU D 57 -27.41 -9.10 32.44
C LEU D 57 -26.83 -9.47 31.07
N GLY D 58 -26.49 -10.76 30.90
CA GLY D 58 -25.93 -11.26 29.66
C GLY D 58 -26.84 -10.90 28.48
N GLN D 59 -26.23 -10.36 27.42
CA GLN D 59 -26.95 -9.94 26.23
C GLN D 59 -26.69 -10.96 25.14
N ASP D 60 -27.77 -11.57 24.63
CA ASP D 60 -27.66 -12.59 23.60
C ASP D 60 -27.40 -11.87 22.28
N ARG D 61 -26.33 -12.27 21.56
CA ARG D 61 -26.02 -11.64 20.26
C ARG D 61 -27.02 -12.11 19.20
N LEU D 62 -27.61 -13.29 19.40
CA LEU D 62 -28.44 -13.93 18.38
C LEU D 62 -29.86 -13.35 18.46
N GLY D 63 -30.35 -12.89 17.32
CA GLY D 63 -31.65 -12.24 17.27
C GLY D 63 -31.89 -11.72 15.85
N ALA D 64 -32.91 -10.88 15.72
CA ALA D 64 -33.25 -10.26 14.46
C ALA D 64 -32.09 -9.39 13.96
N VAL D 65 -31.38 -8.76 14.91
CA VAL D 65 -30.17 -8.02 14.58
C VAL D 65 -29.00 -8.80 15.15
N LEU D 66 -28.08 -9.26 14.28
CA LEU D 66 -27.01 -10.10 14.76
C LEU D 66 -25.82 -9.24 15.23
N ILE D 67 -25.67 -9.10 16.55
CA ILE D 67 -24.68 -8.18 17.11
C ILE D 67 -23.28 -8.72 16.85
N SER D 68 -22.40 -7.89 16.24
CA SER D 68 -21.05 -8.31 15.91
C SER D 68 -19.99 -7.67 16.82
N LYS D 69 -20.32 -6.52 17.42
CA LYS D 69 -19.31 -5.74 18.13
C LYS D 69 -19.99 -4.84 19.16
N VAL D 70 -19.19 -4.38 20.14
CA VAL D 70 -19.72 -3.58 21.22
C VAL D 70 -18.68 -2.56 21.64
N LYS D 71 -19.14 -1.41 22.14
CA LYS D 71 -18.26 -0.37 22.61
C LYS D 71 -18.92 0.30 23.82
N GLY D 72 -18.10 0.74 24.78
CA GLY D 72 -18.62 1.34 26.01
C GLY D 72 -18.00 2.70 26.32
N TRP D 73 -18.75 3.52 27.06
CA TRP D 73 -18.30 4.78 27.61
C TRP D 73 -18.73 4.85 29.06
N ALA D 74 -17.79 5.26 29.93
CA ALA D 74 -18.05 5.37 31.36
C ALA D 74 -17.61 6.75 31.83
N TYR D 75 -18.44 7.35 32.68
CA TYR D 75 -18.10 8.59 33.35
C TYR D 75 -18.55 8.47 34.80
N ALA D 76 -17.62 8.72 35.73
CA ALA D 76 -17.90 8.67 37.18
C ALA D 76 -17.06 9.71 37.90
N ASP D 77 -17.53 10.14 39.08
CA ASP D 77 -16.84 11.18 39.82
C ASP D 77 -15.70 10.55 40.63
N ARG D 78 -15.62 9.22 40.68
CA ARG D 78 -14.53 8.51 41.33
C ARG D 78 -14.03 7.41 40.39
N GLU D 79 -12.82 6.92 40.65
CA GLU D 79 -12.22 5.96 39.74
C GLU D 79 -12.85 4.57 39.90
N GLY D 80 -12.78 3.81 38.81
CA GLY D 80 -13.27 2.44 38.74
C GLY D 80 -12.65 1.73 37.54
N THR D 81 -13.22 0.57 37.18
CA THR D 81 -12.76 -0.21 36.05
C THR D 81 -13.97 -0.75 35.29
N LEU D 82 -13.95 -0.58 33.94
CA LEU D 82 -14.97 -1.15 33.09
C LEU D 82 -14.42 -2.40 32.38
N PHE D 83 -15.18 -3.50 32.47
CA PHE D 83 -14.83 -4.74 31.81
C PHE D 83 -15.88 -5.04 30.74
N ILE D 84 -15.40 -5.47 29.57
CA ILE D 84 -16.29 -6.04 28.56
C ILE D 84 -16.06 -7.54 28.57
N GLU D 85 -17.14 -8.31 28.73
CA GLU D 85 -16.97 -9.74 28.96
C GLU D 85 -17.90 -10.56 28.08
N GLU D 86 -17.54 -11.83 27.89
CA GLU D 86 -18.26 -12.69 26.97
C GLU D 86 -18.47 -14.05 27.62
N SER D 87 -19.51 -14.76 27.17
CA SER D 87 -19.85 -16.07 27.70
C SER D 87 -20.58 -16.87 26.64
N ASP D 88 -20.27 -18.17 26.55
CA ASP D 88 -21.03 -19.06 25.68
C ASP D 88 -22.24 -19.65 26.40
N ASN D 89 -22.28 -19.58 27.75
CA ASN D 89 -23.40 -20.20 28.44
C ASN D 89 -24.18 -19.20 29.30
N ASN D 90 -23.81 -17.91 29.27
CA ASN D 90 -24.50 -16.91 30.05
C ASN D 90 -24.37 -17.20 31.55
N ASN D 91 -23.26 -17.83 31.93
CA ASN D 91 -23.04 -18.23 33.30
C ASN D 91 -21.57 -18.01 33.67
N VAL D 92 -20.65 -18.57 32.88
CA VAL D 92 -19.25 -18.36 33.13
C VAL D 92 -18.72 -17.34 32.11
N TRP D 93 -18.04 -16.31 32.62
CA TRP D 93 -17.68 -15.11 31.87
C TRP D 93 -16.16 -15.01 31.72
N THR D 94 -15.69 -14.63 30.53
CA THR D 94 -14.28 -14.29 30.36
C THR D 94 -14.19 -12.81 29.97
N THR D 95 -13.11 -12.16 30.38
CA THR D 95 -12.93 -10.74 30.16
C THR D 95 -12.25 -10.52 28.81
N THR D 96 -12.88 -9.74 27.92
CA THR D 96 -12.28 -9.50 26.62
C THR D 96 -11.52 -8.19 26.63
N ALA D 97 -12.01 -7.21 27.40
CA ALA D 97 -11.33 -5.92 27.49
C ALA D 97 -11.55 -5.35 28.89
N ALA D 98 -10.62 -4.50 29.31
CA ALA D 98 -10.70 -3.84 30.60
C ALA D 98 -10.06 -2.46 30.45
N VAL D 99 -10.76 -1.43 30.94
CA VAL D 99 -10.23 -0.08 30.89
CA VAL D 99 -10.24 -0.07 30.89
C VAL D 99 -10.39 0.55 32.27
N ASN D 100 -9.30 1.17 32.76
CA ASN D 100 -9.37 1.98 33.97
C ASN D 100 -10.12 3.28 33.68
N VAL D 101 -11.02 3.64 34.59
CA VAL D 101 -11.79 4.86 34.44
C VAL D 101 -11.35 5.81 35.54
N ALA D 102 -10.66 6.91 35.18
CA ALA D 102 -10.22 7.90 36.16
C ALA D 102 -11.42 8.75 36.58
N ALA D 103 -11.32 9.36 37.76
CA ALA D 103 -12.33 10.24 38.33
C ALA D 103 -12.55 11.43 37.40
N GLY D 104 -13.83 11.68 37.03
CA GLY D 104 -14.19 12.86 36.25
C GLY D 104 -13.64 12.88 34.82
N VAL D 105 -13.31 11.72 34.24
CA VAL D 105 -12.75 11.64 32.90
C VAL D 105 -13.59 10.68 32.05
N LEU D 106 -14.27 11.19 31.00
CA LEU D 106 -14.99 10.26 30.13
C LEU D 106 -13.99 9.26 29.55
N THR D 107 -14.32 7.97 29.68
CA THR D 107 -13.43 6.91 29.25
C THR D 107 -14.19 5.96 28.30
N ALA D 108 -13.61 5.68 27.15
CA ALA D 108 -14.21 4.83 26.13
C ALA D 108 -13.37 3.56 25.99
N THR D 109 -14.02 2.42 25.73
CA THR D 109 -13.32 1.25 25.27
C THR D 109 -13.06 1.39 23.77
N ASP D 110 -12.34 0.45 23.17
CA ASP D 110 -12.36 0.30 21.72
C ASP D 110 -13.64 -0.46 21.33
N TRP D 111 -13.92 -0.51 20.02
CA TRP D 111 -14.83 -1.51 19.51
C TRP D 111 -14.26 -2.89 19.82
N VAL D 112 -15.06 -3.73 20.49
CA VAL D 112 -14.69 -5.10 20.75
C VAL D 112 -15.55 -5.99 19.82
N TYR D 113 -14.87 -6.77 18.97
CA TYR D 113 -15.53 -7.69 18.06
C TYR D 113 -15.79 -9.00 18.83
N LEU D 114 -17.05 -9.43 18.84
CA LEU D 114 -17.49 -10.47 19.75
C LEU D 114 -17.34 -11.84 19.09
N SER D 115 -17.14 -12.89 19.92
CA SER D 115 -17.12 -14.23 19.38
C SER D 115 -18.05 -15.21 20.10
N LYS D 116 -18.23 -15.07 21.41
CA LYS D 116 -19.11 -15.97 22.13
C LYS D 116 -20.54 -15.46 21.99
N ARG D 117 -21.49 -16.24 22.51
CA ARG D 117 -22.90 -15.96 22.30
C ARG D 117 -23.38 -14.73 23.06
N TYR D 118 -22.89 -14.50 24.28
CA TYR D 118 -23.41 -13.46 25.16
C TYR D 118 -22.30 -12.48 25.51
N TYR D 119 -22.66 -11.20 25.64
CA TYR D 119 -21.74 -10.16 26.06
C TYR D 119 -22.36 -9.42 27.25
N ARG D 120 -21.52 -8.74 28.03
CA ARG D 120 -22.00 -7.85 29.08
C ARG D 120 -20.91 -6.86 29.41
N PHE D 121 -21.33 -5.74 30.02
CA PHE D 121 -20.41 -4.85 30.72
C PHE D 121 -20.50 -5.18 32.21
N ARG D 122 -19.34 -5.15 32.87
CA ARG D 122 -19.25 -5.19 34.33
C ARG D 122 -18.35 -4.06 34.76
N TYR D 123 -18.87 -3.20 35.64
CA TYR D 123 -18.12 -2.05 36.13
C TYR D 123 -17.86 -2.22 37.62
N VAL D 124 -16.58 -2.18 38.04
CA VAL D 124 -16.23 -2.32 39.45
C VAL D 124 -15.74 -0.97 39.97
N ASN D 125 -16.47 -0.40 40.93
CA ASN D 125 -16.11 0.89 41.52
C ASN D 125 -14.86 0.71 42.38
N GLY D 126 -14.01 1.75 42.45
CA GLY D 126 -12.82 1.72 43.29
C GLY D 126 -13.14 1.93 44.77
N ASN D 127 -12.16 2.45 45.54
CA ASN D 127 -12.26 2.51 47.00
CA ASN D 127 -12.25 2.50 46.99
C ASN D 127 -13.09 3.68 47.51
N LEU D 128 -13.68 4.49 46.62
CA LEU D 128 -14.51 5.60 47.08
C LEU D 128 -15.89 5.53 46.44
N GLN D 129 -16.91 5.75 47.26
CA GLN D 129 -18.29 5.74 46.82
C GLN D 129 -18.50 6.80 45.76
N GLN D 130 -19.25 6.45 44.69
CA GLN D 130 -19.53 7.41 43.64
C GLN D 130 -20.68 8.31 44.09
N SER D 131 -20.69 9.54 43.58
CA SER D 131 -21.89 10.35 43.68
C SER D 131 -22.51 10.53 42.30
N GLU D 132 -21.75 10.27 41.22
CA GLU D 132 -22.24 10.45 39.86
C GLU D 132 -21.62 9.36 38.97
N PHE D 133 -22.46 8.73 38.14
CA PHE D 133 -22.04 7.59 37.32
C PHE D 133 -23.01 7.42 36.15
N VAL D 134 -22.48 7.33 34.93
CA VAL D 134 -23.25 6.88 33.76
C VAL D 134 -22.39 5.90 32.97
N LEU D 135 -23.05 4.89 32.40
CA LEU D 135 -22.41 3.89 31.59
C LEU D 135 -23.26 3.69 30.32
N TYR D 136 -22.63 3.90 29.14
CA TYR D 136 -23.29 3.80 27.83
C TYR D 136 -22.72 2.63 27.03
N GLN D 137 -23.59 2.01 26.22
CA GLN D 137 -23.21 0.87 25.41
C GLN D 137 -23.74 1.05 23.99
N SER D 138 -22.83 0.91 23.00
CA SER D 138 -23.19 0.87 21.58
C SER D 138 -22.86 -0.52 21.03
N VAL D 139 -23.65 -0.96 20.06
CA VAL D 139 -23.48 -2.25 19.41
C VAL D 139 -23.58 -1.99 17.92
N GLY D 140 -22.93 -2.88 17.13
CA GLY D 140 -23.02 -2.77 15.69
C GLY D 140 -23.28 -4.16 15.09
N ALA D 141 -23.39 -4.21 13.76
CA ALA D 141 -23.77 -5.44 13.09
C ALA D 141 -23.51 -5.28 11.59
N GLY D 142 -23.33 -6.40 10.90
CA GLY D 142 -23.34 -6.39 9.44
C GLY D 142 -22.00 -5.93 8.84
N GLU D 143 -21.95 -5.95 7.51
CA GLU D 143 -20.77 -5.57 6.76
C GLU D 143 -21.21 -5.24 5.34
N MET D 144 -20.86 -4.05 4.87
CA MET D 144 -21.24 -3.57 3.53
CA MET D 144 -21.24 -3.65 3.52
C MET D 144 -20.06 -3.74 2.56
N ASP D 145 -20.34 -4.26 1.37
CA ASP D 145 -19.39 -4.33 0.27
C ASP D 145 -19.23 -2.93 -0.32
N VAL D 146 -17.98 -2.49 -0.49
CA VAL D 146 -17.70 -1.18 -1.08
C VAL D 146 -16.67 -1.33 -2.20
N ARG D 147 -16.73 -0.39 -3.14
CA ARG D 147 -15.77 -0.28 -4.22
C ARG D 147 -15.06 1.07 -4.06
N VAL D 148 -13.75 1.00 -3.82
CA VAL D 148 -12.96 2.19 -3.59
C VAL D 148 -12.66 2.86 -4.92
N ASN D 149 -12.92 4.17 -5.01
CA ASN D 149 -12.75 4.92 -6.24
C ASN D 149 -11.30 4.83 -6.72
N GLU D 150 -11.11 4.48 -7.99
CA GLU D 150 -9.81 4.20 -8.60
C GLU D 150 -9.16 5.48 -9.12
N LYS D 151 -9.90 6.60 -9.14
CA LYS D 151 -9.41 7.85 -9.74
C LYS D 151 -8.13 8.31 -9.03
N THR D 152 -8.19 8.40 -7.70
CA THR D 152 -7.09 9.01 -6.98
C THR D 152 -6.33 7.93 -6.22
N PRO D 153 -4.99 7.85 -6.38
CA PRO D 153 -4.18 6.92 -5.60
C PRO D 153 -4.43 7.24 -4.12
N LEU D 154 -4.39 6.22 -3.27
CA LEU D 154 -4.39 6.45 -1.83
C LEU D 154 -2.97 6.80 -1.40
N GLN D 155 -2.83 7.82 -0.54
CA GLN D 155 -1.57 8.11 0.12
C GLN D 155 -1.38 7.10 1.24
N ILE D 156 -0.21 6.45 1.25
CA ILE D 156 0.07 5.46 2.27
C ILE D 156 1.37 5.84 2.95
N ASP D 157 1.50 5.40 4.21
CA ASP D 157 2.68 5.64 5.01
C ASP D 157 3.02 4.36 5.76
N PHE D 158 4.27 4.31 6.20
CA PHE D 158 4.83 3.11 6.79
C PHE D 158 5.00 3.36 8.29
N ALA D 159 4.89 2.27 9.07
CA ALA D 159 5.14 2.33 10.51
C ALA D 159 6.49 2.98 10.78
N GLU D 160 6.60 3.65 11.93
CA GLU D 160 7.89 4.10 12.47
C GLU D 160 8.84 2.90 12.47
N ASN D 161 8.26 1.71 12.63
CA ASN D 161 8.97 0.45 12.75
C ASN D 161 9.45 -0.05 11.39
N GLN D 162 8.94 0.52 10.29
CA GLN D 162 9.29 0.02 8.96
C GLN D 162 10.16 1.05 8.21
N THR D 163 10.45 2.20 8.85
CA THR D 163 11.33 3.17 8.23
C THR D 163 12.57 3.38 9.09
N HIS D 164 13.53 4.12 8.54
CA HIS D 164 14.72 4.58 9.23
C HIS D 164 15.27 5.75 8.42
N ASP D 165 15.34 6.93 9.05
CA ASP D 165 15.91 8.11 8.44
C ASP D 165 14.97 8.62 7.33
N GLY D 166 13.68 8.27 7.41
CA GLY D 166 12.71 8.61 6.39
C GLY D 166 12.77 7.71 5.15
N ARG D 167 13.34 6.50 5.29
CA ARG D 167 13.47 5.58 4.17
C ARG D 167 12.89 4.23 4.56
N LEU D 168 12.26 3.56 3.59
CA LEU D 168 11.67 2.25 3.84
C LEU D 168 12.78 1.20 3.94
N LYS D 169 12.76 0.39 5.00
CA LYS D 169 13.72 -0.66 5.23
C LYS D 169 13.40 -1.85 4.34
N VAL D 170 14.39 -2.22 3.52
CA VAL D 170 14.23 -3.33 2.60
C VAL D 170 15.36 -4.32 2.84
N GLU D 171 15.14 -5.56 2.41
CA GLU D 171 16.13 -6.61 2.41
C GLU D 171 16.23 -7.16 1.00
N ALA D 172 17.38 -6.91 0.36
CA ALA D 172 17.58 -7.29 -1.02
C ALA D 172 18.34 -8.61 -1.15
N ARG D 173 18.97 -9.08 -0.06
CA ARG D 173 19.83 -10.26 -0.13
CA ARG D 173 19.83 -10.26 -0.12
C ARG D 173 18.99 -11.52 0.05
N LYS D 174 19.25 -12.51 -0.82
CA LYS D 174 18.71 -13.88 -0.77
C LYS D 174 19.89 -14.85 -0.63
N THR D 175 19.67 -15.92 0.18
CA THR D 175 20.63 -16.99 0.37
CA THR D 175 20.65 -17.00 0.32
C THR D 175 19.92 -18.34 0.28
N PHE D 176 20.58 -19.35 -0.31
CA PHE D 176 20.09 -20.72 -0.24
C PHE D 176 21.28 -21.68 -0.19
N ASP D 177 21.09 -22.82 0.47
CA ASP D 177 22.08 -23.88 0.58
C ASP D 177 21.82 -24.90 -0.53
N PHE D 178 22.84 -25.70 -0.85
CA PHE D 178 22.67 -26.64 -1.95
C PHE D 178 23.62 -27.83 -1.77
N VAL D 179 23.14 -29.02 -2.14
CA VAL D 179 23.94 -30.23 -2.02
C VAL D 179 24.36 -30.65 -3.42
N PHE D 180 25.67 -30.62 -3.68
CA PHE D 180 26.20 -31.10 -4.93
C PHE D 180 26.35 -32.62 -4.82
N HIS D 181 26.94 -33.05 -3.70
CA HIS D 181 27.21 -34.44 -3.37
C HIS D 181 27.05 -34.62 -1.87
N GLU D 182 26.50 -35.77 -1.48
CA GLU D 182 26.45 -36.13 -0.07
C GLU D 182 26.95 -37.56 0.11
N ASN D 183 28.10 -37.72 0.75
CA ASN D 183 28.67 -39.04 1.02
C ASN D 183 28.83 -39.83 -0.28
N ALA D 184 29.33 -39.17 -1.33
CA ALA D 184 29.54 -39.84 -2.61
C ALA D 184 30.61 -40.91 -2.45
N GLU D 185 30.38 -42.06 -3.09
CA GLU D 185 31.28 -43.20 -3.01
C GLU D 185 32.05 -43.35 -4.32
N SER D 186 31.50 -42.79 -5.41
CA SER D 186 32.16 -42.90 -6.70
C SER D 186 31.97 -41.63 -7.54
N ALA D 187 32.76 -41.52 -8.62
CA ALA D 187 32.81 -40.34 -9.47
C ALA D 187 31.44 -40.07 -10.06
N SER D 188 31.04 -38.79 -10.07
CA SER D 188 29.89 -38.34 -10.83
C SER D 188 29.82 -36.83 -10.82
N GLU D 189 28.94 -36.27 -11.65
CA GLU D 189 28.77 -34.83 -11.73
C GLU D 189 28.06 -34.32 -10.48
N GLY D 190 27.17 -35.14 -9.91
CA GLY D 190 26.36 -34.73 -8.77
C GLY D 190 25.26 -33.78 -9.24
N ALA D 191 24.61 -33.07 -8.29
CA ALA D 191 23.51 -32.20 -8.64
C ALA D 191 24.04 -30.84 -9.09
N ALA D 192 23.29 -30.19 -10.00
CA ALA D 192 23.63 -28.89 -10.57
C ALA D 192 22.88 -27.79 -9.83
N LEU D 193 23.62 -26.82 -9.27
CA LEU D 193 23.01 -25.68 -8.61
C LEU D 193 22.37 -24.76 -9.66
N PRO D 194 21.08 -24.40 -9.51
CA PRO D 194 20.46 -23.37 -10.34
C PRO D 194 20.80 -21.99 -9.77
N VAL D 195 21.45 -21.15 -10.58
CA VAL D 195 22.03 -19.91 -10.08
C VAL D 195 20.95 -18.92 -9.62
N ASP D 196 19.87 -18.77 -10.42
CA ASP D 196 18.62 -18.12 -9.99
C ASP D 196 18.84 -16.91 -9.08
N GLY D 197 19.49 -15.88 -9.61
CA GLY D 197 19.56 -14.67 -8.81
C GLY D 197 20.76 -14.56 -7.85
N ALA D 198 21.53 -15.64 -7.64
CA ALA D 198 22.73 -15.55 -6.82
C ALA D 198 23.91 -14.99 -7.62
N ALA D 199 24.83 -14.31 -6.93
CA ALA D 199 26.03 -13.74 -7.54
C ALA D 199 27.30 -14.43 -6.99
N HIS D 200 27.19 -15.03 -5.81
CA HIS D 200 28.34 -15.52 -5.07
C HIS D 200 28.02 -16.91 -4.52
N LEU D 201 29.03 -17.79 -4.51
CA LEU D 201 28.84 -19.15 -4.01
C LEU D 201 30.06 -19.55 -3.17
N LEU D 202 29.78 -20.13 -1.99
CA LEU D 202 30.83 -20.73 -1.18
C LEU D 202 30.58 -22.24 -1.13
N VAL D 203 31.61 -23.02 -1.50
CA VAL D 203 31.48 -24.47 -1.58
C VAL D 203 32.46 -25.10 -0.60
N GLU D 204 31.94 -26.01 0.26
CA GLU D 204 32.75 -26.79 1.17
C GLU D 204 32.90 -28.22 0.66
N VAL D 205 34.13 -28.73 0.70
CA VAL D 205 34.47 -30.10 0.32
C VAL D 205 34.98 -30.81 1.58
N TYR D 206 34.35 -31.93 1.95
CA TYR D 206 34.72 -32.61 3.19
C TYR D 206 34.27 -34.08 3.15
N GLY D 207 35.05 -34.91 3.85
CA GLY D 207 34.67 -36.30 4.09
C GLY D 207 35.89 -37.17 4.37
N THR D 208 35.68 -38.49 4.28
CA THR D 208 36.68 -39.47 4.66
C THR D 208 37.55 -39.88 3.49
N ALA D 209 37.14 -39.59 2.24
CA ALA D 209 37.88 -40.06 1.08
C ALA D 209 39.38 -39.78 1.27
N GLU D 210 40.22 -40.79 0.99
CA GLU D 210 41.66 -40.63 1.16
C GLU D 210 42.23 -39.91 -0.07
N MET D 211 41.59 -40.11 -1.22
CA MET D 211 41.94 -39.44 -2.46
CA MET D 211 41.92 -39.35 -2.39
C MET D 211 40.63 -39.02 -3.13
N SER D 212 40.60 -37.79 -3.66
CA SER D 212 39.46 -37.31 -4.43
C SER D 212 39.90 -36.13 -5.28
N GLU D 213 39.18 -35.93 -6.39
CA GLU D 213 39.39 -34.75 -7.21
C GLU D 213 38.05 -34.16 -7.58
N VAL D 214 37.88 -32.86 -7.26
CA VAL D 214 36.67 -32.13 -7.62
C VAL D 214 37.04 -31.08 -8.67
N LYS D 215 36.23 -31.05 -9.74
CA LYS D 215 36.44 -30.10 -10.82
C LYS D 215 35.27 -29.13 -10.80
N PHE D 216 35.57 -27.83 -10.97
CA PHE D 216 34.58 -26.77 -10.84
C PHE D 216 34.04 -26.39 -12.22
N TRP D 217 32.71 -26.44 -12.38
CA TRP D 217 32.09 -26.20 -13.68
C TRP D 217 30.96 -25.20 -13.54
N GLY D 218 30.76 -24.39 -14.58
CA GLY D 218 29.55 -23.63 -14.77
C GLY D 218 28.89 -24.03 -16.10
N LYS D 219 27.59 -23.79 -16.21
CA LYS D 219 26.93 -23.88 -17.50
C LYS D 219 26.31 -22.52 -17.80
N SER D 220 26.47 -22.09 -19.05
CA SER D 220 25.87 -20.88 -19.56
C SER D 220 24.75 -21.27 -20.53
N VAL D 221 24.62 -20.53 -21.64
CA VAL D 221 23.50 -20.66 -22.54
C VAL D 221 23.54 -21.98 -23.32
N SER D 222 24.71 -22.49 -23.68
CA SER D 222 24.77 -23.66 -24.54
C SER D 222 24.39 -24.93 -23.78
N GLY D 223 24.56 -24.94 -22.46
CA GLY D 223 24.38 -26.16 -21.71
C GLY D 223 25.65 -27.02 -21.61
N GLN D 224 26.73 -26.66 -22.32
CA GLN D 224 28.01 -27.33 -22.14
C GLN D 224 28.68 -26.84 -20.85
N LYS D 225 29.37 -27.76 -20.16
CA LYS D 225 30.15 -27.43 -18.98
C LYS D 225 31.36 -26.59 -19.37
N LEU D 226 31.58 -25.51 -18.59
CA LEU D 226 32.71 -24.59 -18.76
C LEU D 226 33.47 -24.55 -17.45
N PRO D 227 34.82 -24.64 -17.48
CA PRO D 227 35.63 -24.59 -16.26
C PRO D 227 35.55 -23.21 -15.64
N ILE D 228 35.40 -23.17 -14.31
CA ILE D 228 35.41 -21.92 -13.56
C ILE D 228 36.46 -22.02 -12.46
N ARG D 229 36.86 -20.87 -11.94
CA ARG D 229 37.91 -20.76 -10.95
C ARG D 229 37.29 -20.32 -9.63
N GLY D 230 37.77 -20.93 -8.54
CA GLY D 230 37.36 -20.51 -7.21
C GLY D 230 38.57 -20.07 -6.41
N VAL D 231 38.31 -19.42 -5.27
CA VAL D 231 39.37 -18.92 -4.40
C VAL D 231 39.22 -19.62 -3.04
N LYS D 232 40.26 -20.34 -2.63
CA LYS D 232 40.23 -21.09 -1.38
C LYS D 232 40.31 -20.13 -0.19
N THR D 233 39.51 -20.37 0.86
CA THR D 233 39.37 -19.38 1.93
C THR D 233 40.67 -19.25 2.75
N ASP D 234 41.41 -20.36 2.95
CA ASP D 234 42.50 -20.31 3.91
C ASP D 234 43.72 -19.58 3.37
N ASP D 235 43.99 -19.66 2.05
CA ASP D 235 45.25 -19.15 1.52
C ASP D 235 45.05 -18.39 0.20
N ALA D 236 43.79 -18.20 -0.24
CA ALA D 236 43.51 -17.45 -1.45
C ALA D 236 44.09 -18.10 -2.71
N THR D 237 44.35 -19.42 -2.69
CA THR D 237 44.67 -20.14 -3.91
C THR D 237 43.50 -19.98 -4.88
N THR D 238 43.80 -19.72 -6.16
CA THR D 238 42.80 -19.71 -7.22
C THR D 238 43.01 -20.93 -8.09
N ALA D 239 41.96 -21.73 -8.31
CA ALA D 239 42.10 -22.93 -9.13
C ALA D 239 40.73 -23.30 -9.71
N SER D 240 40.74 -24.18 -10.72
CA SER D 240 39.51 -24.68 -11.33
C SER D 240 39.25 -26.13 -10.92
N SER D 241 40.04 -26.62 -9.95
CA SER D 241 39.78 -27.93 -9.38
C SER D 241 40.60 -28.09 -8.10
N THR D 242 40.32 -29.16 -7.35
CA THR D 242 41.06 -29.42 -6.12
C THR D 242 41.21 -30.93 -5.89
N LEU D 243 42.34 -31.30 -5.30
CA LEU D 243 42.63 -32.64 -4.82
C LEU D 243 42.44 -32.67 -3.30
N GLY D 244 42.07 -31.54 -2.70
CA GLY D 244 42.01 -31.41 -1.26
C GLY D 244 40.59 -31.56 -0.72
N LYS D 245 40.48 -31.51 0.62
CA LYS D 245 39.21 -31.57 1.32
C LYS D 245 39.38 -30.83 2.64
N ALA D 246 38.30 -30.74 3.43
CA ALA D 246 38.29 -29.87 4.61
C ALA D 246 38.70 -28.46 4.17
N GLU D 247 38.08 -28.00 3.08
CA GLU D 247 38.41 -26.70 2.53
C GLU D 247 37.16 -26.11 1.88
N ALA D 248 37.17 -24.79 1.67
CA ALA D 248 36.04 -24.11 1.08
C ALA D 248 36.54 -23.17 -0.02
N TRP D 249 35.76 -23.06 -1.09
CA TRP D 249 36.11 -22.34 -2.30
C TRP D 249 35.02 -21.33 -2.62
N ALA D 250 35.42 -20.08 -2.87
CA ALA D 250 34.50 -18.99 -3.16
C ALA D 250 34.48 -18.72 -4.67
N PHE D 251 33.28 -18.58 -5.24
CA PHE D 251 33.10 -18.39 -6.68
C PHE D 251 32.21 -17.19 -6.96
N ASP D 252 32.57 -16.45 -8.01
CA ASP D 252 31.73 -15.44 -8.60
C ASP D 252 30.90 -16.13 -9.68
N ILE D 253 29.58 -16.18 -9.50
CA ILE D 253 28.77 -17.01 -10.39
C ILE D 253 27.79 -16.15 -11.19
N LYS D 254 27.92 -14.83 -11.12
CA LYS D 254 27.06 -13.91 -11.87
CA LYS D 254 27.04 -13.92 -11.86
C LYS D 254 27.09 -14.28 -13.34
N GLY D 255 25.92 -14.49 -13.94
CA GLY D 255 25.84 -14.74 -15.36
C GLY D 255 25.73 -16.22 -15.73
N PHE D 256 26.03 -17.13 -14.80
CA PHE D 256 25.92 -18.55 -15.09
C PHE D 256 24.48 -19.02 -14.86
N LYS D 257 24.12 -20.13 -15.50
CA LYS D 257 22.81 -20.73 -15.31
C LYS D 257 22.91 -21.79 -14.23
N GLU D 258 24.00 -22.57 -14.24
CA GLU D 258 24.15 -23.64 -13.27
C GLU D 258 25.61 -23.79 -12.87
N ILE D 259 25.81 -24.36 -11.68
CA ILE D 259 27.15 -24.64 -11.17
C ILE D 259 27.21 -26.12 -10.83
N ILE D 260 28.26 -26.79 -11.29
CA ILE D 260 28.42 -28.20 -11.03
C ILE D 260 29.79 -28.41 -10.40
N MET D 261 29.82 -29.21 -9.33
CA MET D 261 31.05 -29.58 -8.67
C MET D 261 31.24 -31.08 -8.86
N GLU D 262 32.00 -31.45 -9.89
CA GLU D 262 32.07 -32.84 -10.33
C GLU D 262 33.16 -33.58 -9.57
N ILE D 263 32.80 -34.74 -9.00
CA ILE D 263 33.83 -35.62 -8.49
C ILE D 263 34.38 -36.43 -9.66
N ILE D 264 35.64 -36.14 -10.00
CA ILE D 264 36.34 -36.72 -11.13
C ILE D 264 36.81 -38.11 -10.72
N SER D 265 37.29 -38.22 -9.48
CA SER D 265 37.73 -39.49 -8.94
C SER D 265 37.66 -39.45 -7.42
N ILE D 266 37.59 -40.65 -6.81
CA ILE D 266 37.50 -40.82 -5.38
C ILE D 266 37.92 -42.25 -5.03
N THR D 267 38.76 -42.42 -3.99
CA THR D 267 39.04 -43.72 -3.42
C THR D 267 39.18 -43.60 -1.90
N GLY D 268 38.80 -44.68 -1.21
CA GLY D 268 39.15 -44.87 0.20
C GLY D 268 38.26 -44.07 1.15
N GLY D 269 36.96 -44.00 0.84
CA GLY D 269 36.04 -43.26 1.68
C GLY D 269 35.03 -42.49 0.84
N THR D 270 34.31 -41.55 1.47
CA THR D 270 33.27 -40.81 0.78
C THR D 270 33.57 -39.31 0.85
N LEU D 271 32.82 -38.54 0.06
CA LEU D 271 33.04 -37.10 -0.02
C LEU D 271 31.68 -36.41 -0.14
N SER D 272 31.51 -35.34 0.63
CA SER D 272 30.37 -34.45 0.51
CA SER D 272 30.38 -34.46 0.50
C SER D 272 30.86 -33.12 -0.08
N VAL D 273 30.00 -32.49 -0.91
CA VAL D 273 30.26 -31.20 -1.52
C VAL D 273 28.98 -30.39 -1.44
N LYS D 274 29.00 -29.34 -0.63
CA LYS D 274 27.80 -28.57 -0.37
C LYS D 274 28.19 -27.10 -0.31
N GLY D 275 27.24 -26.21 -0.66
CA GLY D 275 27.56 -24.81 -0.65
C GLY D 275 26.39 -23.91 -0.23
N THR D 276 26.68 -22.61 -0.17
CA THR D 276 25.71 -21.56 0.06
C THR D 276 25.87 -20.51 -1.03
N ALA D 277 24.77 -20.23 -1.73
CA ALA D 277 24.72 -19.21 -2.78
C ALA D 277 24.05 -17.96 -2.21
N VAL D 278 24.61 -16.80 -2.55
CA VAL D 278 24.13 -15.54 -2.02
CA VAL D 278 24.11 -15.55 -2.03
C VAL D 278 23.99 -14.58 -3.19
N SER D 279 22.92 -13.78 -3.16
CA SER D 279 22.70 -12.74 -4.15
C SER D 279 23.73 -11.61 -3.95
N MET E 1 -53.48 -3.19 -5.28
CA MET E 1 -52.95 -2.96 -3.91
C MET E 1 -52.89 -4.31 -3.18
N VAL E 2 -51.87 -5.14 -3.47
CA VAL E 2 -51.73 -6.44 -2.83
C VAL E 2 -50.88 -6.36 -1.56
N LYS E 3 -51.19 -7.31 -0.66
CA LYS E 3 -50.54 -7.47 0.63
C LYS E 3 -49.47 -8.55 0.51
N TYR E 4 -48.31 -8.31 1.16
CA TYR E 4 -47.16 -9.21 1.07
C TYR E 4 -47.11 -10.09 2.31
N GLN E 5 -46.11 -10.98 2.37
CA GLN E 5 -46.03 -11.99 3.41
CA GLN E 5 -46.00 -12.00 3.40
C GLN E 5 -45.28 -11.49 4.65
N TYR E 6 -44.54 -10.39 4.53
CA TYR E 6 -43.85 -9.86 5.72
C TYR E 6 -44.83 -8.98 6.49
N GLU E 7 -44.56 -8.76 7.77
CA GLU E 7 -45.43 -7.91 8.58
C GLU E 7 -44.60 -6.95 9.42
N PHE E 8 -44.92 -5.65 9.37
CA PHE E 8 -44.19 -4.69 10.16
C PHE E 8 -44.47 -4.92 11.64
N PRO E 9 -43.45 -4.94 12.52
CA PRO E 9 -43.69 -5.02 13.97
C PRO E 9 -44.31 -3.70 14.44
N LEU E 10 -44.91 -3.73 15.64
CA LEU E 10 -45.52 -2.55 16.24
C LEU E 10 -44.67 -2.16 17.43
N ASP E 11 -44.55 -0.85 17.70
CA ASP E 11 -43.88 -0.42 18.91
C ASP E 11 -44.81 -0.57 20.11
N LYS E 12 -44.35 -0.11 21.28
CA LYS E 12 -45.05 -0.23 22.55
C LYS E 12 -46.45 0.40 22.45
N ALA E 13 -46.55 1.48 21.67
CA ALA E 13 -47.79 2.23 21.55
C ALA E 13 -48.62 1.71 20.36
N GLY E 14 -48.24 0.57 19.78
CA GLY E 14 -48.95 -0.01 18.66
C GLY E 14 -48.66 0.65 17.30
N LYS E 15 -47.60 1.45 17.17
CA LYS E 15 -47.26 2.06 15.88
C LYS E 15 -46.36 1.13 15.06
N ALA E 16 -46.81 0.85 13.82
CA ALA E 16 -46.08 0.02 12.87
C ALA E 16 -44.88 0.80 12.33
N GLY E 17 -43.78 0.10 12.05
CA GLY E 17 -42.61 0.71 11.45
C GLY E 17 -41.79 -0.37 10.72
N ALA E 18 -41.04 0.05 9.68
CA ALA E 18 -40.20 -0.89 8.97
C ALA E 18 -38.87 -1.09 9.69
N VAL E 19 -38.94 -1.64 10.92
CA VAL E 19 -37.81 -1.67 11.84
C VAL E 19 -37.67 -3.07 12.39
N LYS E 20 -36.51 -3.32 13.02
CA LYS E 20 -36.25 -4.52 13.79
C LYS E 20 -35.87 -4.10 15.21
N PRO E 21 -36.25 -4.88 16.25
CA PRO E 21 -35.88 -4.57 17.64
C PRO E 21 -34.45 -5.08 17.88
N TYR E 22 -33.75 -4.47 18.85
CA TYR E 22 -32.44 -4.99 19.24
C TYR E 22 -32.14 -4.55 20.66
N ARG E 23 -30.99 -5.02 21.17
CA ARG E 23 -30.57 -4.91 22.56
C ARG E 23 -31.23 -6.06 23.34
N GLY E 24 -30.69 -6.37 24.52
CA GLY E 24 -31.07 -7.56 25.26
C GLY E 24 -32.58 -7.63 25.51
N GLY E 25 -33.14 -6.48 25.90
CA GLY E 25 -34.57 -6.38 26.16
C GLY E 25 -35.42 -5.91 24.97
N LYS E 26 -34.83 -5.90 23.76
CA LYS E 26 -35.57 -5.62 22.53
CA LYS E 26 -35.54 -5.61 22.52
C LYS E 26 -36.30 -4.29 22.64
N ASN E 27 -35.67 -3.32 23.30
CA ASN E 27 -36.31 -2.04 23.56
C ASN E 27 -35.66 -0.94 22.74
N ASP E 28 -34.92 -1.31 21.69
CA ASP E 28 -34.47 -0.30 20.73
C ASP E 28 -34.87 -0.75 19.33
N PHE E 29 -34.79 0.15 18.34
CA PHE E 29 -35.28 -0.17 17.01
C PHE E 29 -34.26 0.30 15.97
N VAL E 30 -34.22 -0.38 14.82
CA VAL E 30 -33.35 0.04 13.73
C VAL E 30 -34.04 -0.29 12.40
N THR E 31 -33.89 0.57 11.39
CA THR E 31 -34.47 0.36 10.07
C THR E 31 -33.47 -0.40 9.19
N PRO E 32 -33.79 -1.64 8.74
CA PRO E 32 -32.91 -2.35 7.81
C PRO E 32 -32.98 -1.66 6.44
N VAL E 33 -31.79 -1.42 5.86
CA VAL E 33 -31.70 -0.73 4.58
C VAL E 33 -30.78 -1.54 3.65
N SER E 34 -30.88 -1.19 2.36
CA SER E 34 -29.97 -1.69 1.35
C SER E 34 -29.77 -0.58 0.33
N ASN E 35 -28.51 -0.33 -0.02
CA ASN E 35 -28.21 0.52 -1.14
C ASN E 35 -28.99 0.00 -2.34
N LEU E 36 -29.41 0.91 -3.24
CA LEU E 36 -30.22 0.50 -4.38
C LEU E 36 -29.48 -0.48 -5.30
N SER E 37 -28.13 -0.54 -5.20
CA SER E 37 -27.36 -1.50 -5.99
C SER E 37 -27.70 -2.95 -5.64
N GLY E 38 -28.31 -3.18 -4.47
CA GLY E 38 -28.71 -4.51 -4.05
C GLY E 38 -30.12 -4.90 -4.51
N VAL E 39 -30.83 -3.96 -5.13
CA VAL E 39 -32.18 -4.19 -5.64
C VAL E 39 -32.05 -4.66 -7.10
N ALA E 40 -32.97 -5.53 -7.56
CA ALA E 40 -32.99 -5.89 -8.97
C ALA E 40 -34.40 -5.76 -9.54
N GLU E 41 -34.48 -5.51 -10.86
CA GLU E 41 -35.71 -5.58 -11.62
C GLU E 41 -35.64 -6.83 -12.52
N ILE E 42 -36.72 -7.62 -12.58
CA ILE E 42 -36.78 -8.65 -13.60
C ILE E 42 -37.15 -8.00 -14.93
N LEU E 43 -36.29 -8.14 -15.95
CA LEU E 43 -36.52 -7.49 -17.22
C LEU E 43 -37.48 -8.30 -18.08
N THR E 44 -37.35 -9.64 -18.03
CA THR E 44 -38.17 -10.52 -18.84
C THR E 44 -38.10 -11.92 -18.23
N ASN E 45 -39.18 -12.69 -18.40
CA ASN E 45 -39.12 -14.13 -18.20
C ASN E 45 -39.74 -14.89 -19.38
N ALA E 46 -39.81 -14.25 -20.54
CA ALA E 46 -40.40 -14.86 -21.72
C ALA E 46 -39.36 -15.71 -22.45
N ALA E 47 -39.64 -17.02 -22.56
CA ALA E 47 -38.76 -17.99 -23.22
C ALA E 47 -38.57 -17.62 -24.69
N LEU E 48 -37.33 -17.71 -25.18
CA LEU E 48 -36.98 -17.29 -26.54
C LEU E 48 -36.87 -18.52 -27.44
N LYS E 49 -37.21 -18.35 -28.72
CA LYS E 49 -36.98 -19.39 -29.72
C LYS E 49 -35.49 -19.45 -30.00
N ALA E 50 -35.05 -20.53 -30.67
CA ALA E 50 -33.66 -20.61 -31.10
C ALA E 50 -33.29 -19.36 -31.88
N THR E 51 -32.14 -18.76 -31.54
CA THR E 51 -31.57 -17.61 -32.23
C THR E 51 -32.31 -16.30 -31.90
N GLU E 52 -33.47 -16.35 -31.22
CA GLU E 52 -34.22 -15.13 -30.96
C GLU E 52 -33.52 -14.30 -29.87
N ALA E 53 -33.63 -12.97 -29.98
CA ALA E 53 -33.02 -12.03 -29.05
C ALA E 53 -34.10 -11.32 -28.24
N TYR E 54 -33.78 -11.04 -26.97
CA TYR E 54 -34.49 -10.05 -26.18
C TYR E 54 -33.67 -8.76 -26.17
N SER E 55 -34.30 -7.62 -26.44
CA SER E 55 -33.64 -6.32 -26.40
C SER E 55 -34.42 -5.39 -25.48
N GLN E 56 -33.80 -4.99 -24.39
CA GLN E 56 -34.42 -4.03 -23.48
C GLN E 56 -34.49 -2.69 -24.21
N LEU E 57 -35.56 -1.91 -23.97
CA LEU E 57 -35.56 -0.55 -24.50
C LEU E 57 -34.47 0.23 -23.81
N GLY E 58 -33.84 1.16 -24.54
CA GLY E 58 -32.79 2.02 -24.00
C GLY E 58 -33.26 2.69 -22.71
N GLN E 59 -32.40 2.63 -21.68
CA GLN E 59 -32.68 3.22 -20.38
C GLN E 59 -31.85 4.49 -20.24
N ASP E 60 -32.52 5.62 -20.01
CA ASP E 60 -31.84 6.90 -19.86
C ASP E 60 -31.22 6.95 -18.46
N ARG E 61 -29.90 7.22 -18.37
CA ARG E 61 -29.24 7.32 -17.07
C ARG E 61 -29.63 8.63 -16.36
N LEU E 62 -30.03 9.65 -17.12
CA LEU E 62 -30.28 10.97 -16.60
C LEU E 62 -31.68 11.04 -16.01
N GLY E 63 -31.77 11.47 -14.76
CA GLY E 63 -33.04 11.51 -14.05
C GLY E 63 -32.78 11.93 -12.62
N ALA E 64 -33.80 11.81 -11.78
CA ALA E 64 -33.70 12.12 -10.36
C ALA E 64 -32.64 11.24 -9.70
N VAL E 65 -32.51 10.00 -10.17
CA VAL E 65 -31.44 9.11 -9.72
C VAL E 65 -30.45 8.98 -10.87
N LEU E 66 -29.22 9.43 -10.66
CA LEU E 66 -28.28 9.41 -11.77
C LEU E 66 -27.55 8.06 -11.80
N ILE E 67 -27.97 7.19 -12.73
CA ILE E 67 -27.44 5.84 -12.82
C ILE E 67 -25.97 5.89 -13.22
N SER E 68 -25.10 5.26 -12.41
CA SER E 68 -23.66 5.24 -12.69
C SER E 68 -23.19 3.87 -13.18
N LYS E 69 -23.93 2.80 -12.86
CA LYS E 69 -23.41 1.45 -13.12
C LYS E 69 -24.56 0.46 -13.21
N VAL E 70 -24.30 -0.70 -13.81
CA VAL E 70 -25.33 -1.67 -14.06
C VAL E 70 -24.73 -3.06 -13.94
N LYS E 71 -25.56 -4.02 -13.50
CA LYS E 71 -25.11 -5.40 -13.39
C LYS E 71 -26.29 -6.29 -13.76
N GLY E 72 -25.98 -7.44 -14.37
CA GLY E 72 -27.03 -8.34 -14.82
C GLY E 72 -26.83 -9.78 -14.34
N TRP E 73 -27.96 -10.51 -14.23
CA TRP E 73 -27.95 -11.95 -13.98
C TRP E 73 -28.92 -12.60 -14.96
N ALA E 74 -28.47 -13.71 -15.56
CA ALA E 74 -29.28 -14.46 -16.51
C ALA E 74 -29.31 -15.93 -16.09
N TYR E 75 -30.50 -16.52 -16.18
CA TYR E 75 -30.65 -17.95 -15.98
C TYR E 75 -31.59 -18.47 -17.08
N ALA E 76 -31.13 -19.48 -17.81
CA ALA E 76 -31.92 -20.12 -18.86
C ALA E 76 -31.58 -21.61 -18.93
N ASP E 77 -32.54 -22.41 -19.44
CA ASP E 77 -32.35 -23.85 -19.50
C ASP E 77 -31.52 -24.22 -20.73
N ARG E 78 -31.23 -23.25 -21.62
CA ARG E 78 -30.37 -23.47 -22.77
C ARG E 78 -29.36 -22.33 -22.85
N GLU E 79 -28.26 -22.55 -23.58
CA GLU E 79 -27.21 -21.56 -23.63
C GLU E 79 -27.62 -20.35 -24.49
N GLY E 80 -27.00 -19.21 -24.14
CA GLY E 80 -27.19 -17.95 -24.83
C GLY E 80 -26.08 -16.98 -24.48
N THR E 81 -26.25 -15.71 -24.84
CA THR E 81 -25.26 -14.68 -24.58
C THR E 81 -25.96 -13.41 -24.10
N LEU E 82 -25.47 -12.86 -22.99
CA LEU E 82 -25.97 -11.57 -22.50
C LEU E 82 -24.99 -10.45 -22.86
N PHE E 83 -25.51 -9.36 -23.42
CA PHE E 83 -24.74 -8.19 -23.77
C PHE E 83 -25.23 -7.02 -22.94
N ILE E 84 -24.29 -6.22 -22.43
CA ILE E 84 -24.60 -4.93 -21.84
C ILE E 84 -24.12 -3.89 -22.83
N GLU E 85 -25.03 -2.97 -23.22
CA GLU E 85 -24.69 -2.07 -24.31
C GLU E 85 -25.06 -0.64 -23.95
N GLU E 86 -24.42 0.30 -24.65
CA GLU E 86 -24.58 1.72 -24.36
C GLU E 86 -24.77 2.49 -25.65
N SER E 87 -25.42 3.65 -25.54
CA SER E 87 -25.69 4.50 -26.69
C SER E 87 -25.81 5.94 -26.25
N ASP E 88 -25.27 6.87 -27.05
CA ASP E 88 -25.47 8.29 -26.79
C ASP E 88 -26.74 8.81 -27.46
N ASN E 89 -27.31 8.07 -28.42
CA ASN E 89 -28.49 8.58 -29.10
C ASN E 89 -29.70 7.66 -28.97
N ASN E 90 -29.57 6.55 -28.23
CA ASN E 90 -30.68 5.61 -28.05
C ASN E 90 -31.07 5.00 -29.39
N ASN E 91 -30.10 4.88 -30.29
CA ASN E 91 -30.37 4.38 -31.62
C ASN E 91 -29.22 3.49 -32.08
N VAL E 92 -27.99 4.00 -32.01
CA VAL E 92 -26.83 3.19 -32.36
C VAL E 92 -26.16 2.75 -31.06
N TRP E 93 -25.90 1.44 -30.95
CA TRP E 93 -25.49 0.77 -29.71
C TRP E 93 -24.07 0.24 -29.85
N THR E 94 -23.25 0.40 -28.81
CA THR E 94 -21.99 -0.33 -28.73
C THR E 94 -22.05 -1.30 -27.54
N THR E 95 -21.33 -2.43 -27.65
CA THR E 95 -21.32 -3.45 -26.62
C THR E 95 -20.24 -3.13 -25.62
N THR E 96 -20.60 -3.02 -24.33
CA THR E 96 -19.60 -2.73 -23.32
C THR E 96 -19.14 -4.04 -22.67
N ALA E 97 -20.06 -5.00 -22.54
CA ALA E 97 -19.71 -6.27 -21.94
C ALA E 97 -20.54 -7.38 -22.57
N ALA E 98 -19.99 -8.59 -22.55
CA ALA E 98 -20.69 -9.74 -23.11
C ALA E 98 -20.29 -10.97 -22.29
N VAL E 99 -21.29 -11.77 -21.90
CA VAL E 99 -21.00 -12.97 -21.12
CA VAL E 99 -21.06 -12.95 -21.08
C VAL E 99 -21.79 -14.13 -21.73
N ASN E 100 -21.09 -15.26 -21.90
CA ASN E 100 -21.73 -16.51 -22.27
C ASN E 100 -22.54 -17.04 -21.10
N VAL E 101 -23.78 -17.48 -21.39
CA VAL E 101 -24.63 -18.04 -20.36
C VAL E 101 -24.81 -19.53 -20.69
N ALA E 102 -24.23 -20.41 -19.85
CA ALA E 102 -24.36 -21.85 -20.01
C ALA E 102 -25.76 -22.29 -19.60
N ALA E 103 -26.23 -23.42 -20.16
CA ALA E 103 -27.53 -23.99 -19.85
C ALA E 103 -27.61 -24.32 -18.35
N GLY E 104 -28.67 -23.83 -17.68
CA GLY E 104 -28.94 -24.18 -16.30
C GLY E 104 -27.90 -23.68 -15.28
N VAL E 105 -27.17 -22.61 -15.62
CA VAL E 105 -26.14 -22.05 -14.75
C VAL E 105 -26.41 -20.57 -14.58
N LEU E 106 -26.74 -20.12 -13.35
CA LEU E 106 -26.89 -18.69 -13.13
C LEU E 106 -25.58 -18.00 -13.51
N THR E 107 -25.71 -16.96 -14.33
CA THR E 107 -24.55 -16.24 -14.85
C THR E 107 -24.72 -14.75 -14.58
N ALA E 108 -23.69 -14.14 -13.97
CA ALA E 108 -23.69 -12.73 -13.63
C ALA E 108 -22.66 -11.99 -14.48
N THR E 109 -22.96 -10.74 -14.85
CA THR E 109 -21.92 -9.85 -15.38
C THR E 109 -21.14 -9.27 -14.20
N ASP E 110 -20.08 -8.51 -14.49
CA ASP E 110 -19.52 -7.61 -13.49
C ASP E 110 -20.39 -6.36 -13.38
N TRP E 111 -20.13 -5.53 -12.37
CA TRP E 111 -20.61 -4.16 -12.40
C TRP E 111 -19.96 -3.47 -13.58
N VAL E 112 -20.79 -2.88 -14.45
CA VAL E 112 -20.30 -2.11 -15.57
C VAL E 112 -20.58 -0.64 -15.28
N TYR E 113 -19.51 0.17 -15.27
CA TYR E 113 -19.62 1.60 -15.01
C TYR E 113 -19.90 2.27 -16.35
N LEU E 114 -20.99 3.06 -16.40
CA LEU E 114 -21.54 3.53 -17.66
C LEU E 114 -20.90 4.87 -18.03
N SER E 115 -20.87 5.16 -19.34
CA SER E 115 -20.38 6.47 -19.77
C SER E 115 -21.32 7.18 -20.75
N LYS E 116 -22.02 6.43 -21.61
CA LYS E 116 -22.93 7.09 -22.55
C LYS E 116 -24.26 7.33 -21.85
N ARG E 117 -25.19 7.97 -22.55
CA ARG E 117 -26.43 8.40 -21.93
C ARG E 117 -27.38 7.22 -21.63
N TYR E 118 -27.43 6.22 -22.52
CA TYR E 118 -28.43 5.16 -22.45
C TYR E 118 -27.73 3.81 -22.31
N TYR E 119 -28.35 2.90 -21.55
CA TYR E 119 -27.85 1.54 -21.40
C TYR E 119 -28.99 0.57 -21.73
N ARG E 120 -28.63 -0.68 -22.07
CA ARG E 120 -29.62 -1.72 -22.21
C ARG E 120 -28.94 -3.07 -22.08
N PHE E 121 -29.75 -4.09 -21.75
CA PHE E 121 -29.37 -5.48 -21.90
C PHE E 121 -29.96 -5.98 -23.22
N ARG E 122 -29.17 -6.81 -23.91
CA ARG E 122 -29.64 -7.54 -25.07
C ARG E 122 -29.17 -8.98 -24.89
N TYR E 123 -30.12 -9.91 -24.90
CA TYR E 123 -29.81 -11.32 -24.70
C TYR E 123 -30.13 -12.09 -25.99
N VAL E 124 -29.14 -12.81 -26.54
CA VAL E 124 -29.36 -13.60 -27.75
C VAL E 124 -29.34 -15.08 -27.38
N ASN E 125 -30.48 -15.76 -27.59
CA ASN E 125 -30.58 -17.20 -27.31
C ASN E 125 -29.77 -17.96 -28.35
N GLY E 126 -29.17 -19.10 -27.95
CA GLY E 126 -28.39 -19.93 -28.85
C GLY E 126 -29.32 -20.79 -29.74
N ASN E 127 -28.79 -21.92 -30.23
CA ASN E 127 -29.43 -22.72 -31.26
C ASN E 127 -30.58 -23.61 -30.74
N LEU E 128 -30.90 -23.55 -29.45
CA LEU E 128 -32.01 -24.34 -28.93
C LEU E 128 -33.02 -23.46 -28.22
N GLN E 129 -34.32 -23.68 -28.48
CA GLN E 129 -35.39 -22.94 -27.88
C GLN E 129 -35.36 -23.08 -26.35
N GLN E 130 -35.57 -21.98 -25.62
CA GLN E 130 -35.59 -22.05 -24.17
C GLN E 130 -36.95 -22.56 -23.72
N SER E 131 -36.97 -23.25 -22.57
CA SER E 131 -38.25 -23.48 -21.89
C SER E 131 -38.32 -22.65 -20.60
N GLU E 132 -37.18 -22.14 -20.12
CA GLU E 132 -37.15 -21.33 -18.91
C GLU E 132 -36.09 -20.24 -19.06
N PHE E 133 -36.45 -19.00 -18.69
CA PHE E 133 -35.54 -17.86 -18.82
C PHE E 133 -35.94 -16.73 -17.86
N VAL E 134 -34.97 -16.20 -17.10
CA VAL E 134 -35.16 -14.96 -16.34
C VAL E 134 -33.92 -14.10 -16.52
N LEU E 135 -34.13 -12.79 -16.57
CA LEU E 135 -33.06 -11.82 -16.72
C LEU E 135 -33.29 -10.69 -15.73
N TYR E 136 -32.32 -10.46 -14.82
CA TYR E 136 -32.41 -9.46 -13.77
C TYR E 136 -31.37 -8.35 -13.98
N GLN E 137 -31.75 -7.13 -13.59
CA GLN E 137 -30.91 -5.96 -13.76
C GLN E 137 -30.86 -5.15 -12.47
N SER E 138 -29.64 -4.87 -11.98
CA SER E 138 -29.41 -3.95 -10.87
C SER E 138 -28.68 -2.73 -11.39
N VAL E 139 -28.98 -1.57 -10.80
CA VAL E 139 -28.32 -0.31 -11.10
C VAL E 139 -27.84 0.30 -9.78
N GLY E 140 -26.81 1.15 -9.86
CA GLY E 140 -26.35 1.91 -8.70
C GLY E 140 -26.14 3.36 -9.08
N ALA E 141 -25.73 4.16 -8.10
CA ALA E 141 -25.58 5.59 -8.26
C ALA E 141 -24.76 6.13 -7.10
N GLY E 142 -24.09 7.28 -7.31
CA GLY E 142 -23.52 8.05 -6.21
C GLY E 142 -22.20 7.49 -5.68
N GLU E 143 -21.67 8.18 -4.67
CA GLU E 143 -20.39 7.84 -4.10
C GLU E 143 -20.28 8.50 -2.74
N MET E 144 -19.99 7.70 -1.71
CA MET E 144 -19.93 8.16 -0.33
CA MET E 144 -19.93 8.17 -0.34
C MET E 144 -18.47 8.34 0.08
N ASP E 145 -18.19 9.45 0.76
CA ASP E 145 -16.89 9.70 1.38
C ASP E 145 -16.80 8.88 2.66
N VAL E 146 -15.68 8.17 2.84
CA VAL E 146 -15.44 7.38 4.03
C VAL E 146 -14.06 7.71 4.61
N ARG E 147 -13.93 7.51 5.93
CA ARG E 147 -12.68 7.66 6.65
C ARG E 147 -12.32 6.28 7.18
N VAL E 148 -11.15 5.79 6.74
CA VAL E 148 -10.68 4.48 7.17
C VAL E 148 -10.11 4.57 8.58
N ASN E 149 -10.57 3.67 9.46
CA ASN E 149 -10.13 3.66 10.85
C ASN E 149 -8.62 3.46 10.91
N GLU E 150 -7.94 4.31 11.70
CA GLU E 150 -6.48 4.35 11.77
C GLU E 150 -5.92 3.35 12.78
N LYS E 151 -6.79 2.68 13.55
CA LYS E 151 -6.35 1.77 14.61
C LYS E 151 -5.49 0.64 14.03
N THR E 152 -6.01 -0.03 12.99
CA THR E 152 -5.29 -1.19 12.48
C THR E 152 -4.70 -0.86 11.11
N PRO E 153 -3.39 -1.08 10.91
CA PRO E 153 -2.80 -0.96 9.57
C PRO E 153 -3.58 -1.87 8.62
N LEU E 154 -3.72 -1.47 7.36
CA LEU E 154 -4.24 -2.35 6.32
C LEU E 154 -3.14 -3.32 5.87
N GLN E 155 -3.51 -4.59 5.74
CA GLN E 155 -2.63 -5.58 5.14
C GLN E 155 -2.70 -5.40 3.62
N ILE E 156 -1.52 -5.33 2.99
CA ILE E 156 -1.46 -5.20 1.55
C ILE E 156 -0.66 -6.36 0.99
N ASP E 157 -0.93 -6.68 -0.27
CA ASP E 157 -0.25 -7.68 -1.05
C ASP E 157 0.05 -7.08 -2.43
N PHE E 158 1.06 -7.62 -3.11
CA PHE E 158 1.39 -7.18 -4.45
C PHE E 158 0.93 -8.22 -5.47
N ALA E 159 0.59 -7.75 -6.67
CA ALA E 159 0.21 -8.63 -7.78
C ALA E 159 1.25 -9.73 -7.95
N GLU E 160 0.81 -10.91 -8.43
CA GLU E 160 1.73 -11.96 -8.88
C GLU E 160 2.69 -11.34 -9.90
N ASN E 161 2.21 -10.29 -10.58
CA ASN E 161 2.92 -9.60 -11.64
C ASN E 161 3.98 -8.65 -11.06
N GLN E 162 3.93 -8.35 -9.75
CA GLN E 162 4.84 -7.38 -9.17
CA GLN E 162 4.80 -7.38 -9.12
C GLN E 162 5.86 -8.07 -8.25
N THR E 163 5.71 -9.40 -8.07
CA THR E 163 6.65 -10.16 -7.25
C THR E 163 7.41 -11.18 -8.09
N HIS E 164 8.42 -11.79 -7.45
CA HIS E 164 9.16 -12.91 -7.97
C HIS E 164 9.83 -13.59 -6.80
N ASP E 165 9.48 -14.87 -6.58
CA ASP E 165 10.09 -15.66 -5.53
C ASP E 165 9.60 -15.17 -4.17
N GLY E 166 8.42 -14.52 -4.15
CA GLY E 166 7.86 -13.94 -2.95
C GLY E 166 8.52 -12.63 -2.53
N ARG E 167 9.17 -11.93 -3.48
CA ARG E 167 9.84 -10.67 -3.19
C ARG E 167 9.35 -9.61 -4.18
N LEU E 168 9.26 -8.36 -3.71
CA LEU E 168 8.82 -7.27 -4.58
C LEU E 168 9.96 -6.89 -5.52
N LYS E 169 9.65 -6.82 -6.82
CA LYS E 169 10.63 -6.48 -7.85
C LYS E 169 10.89 -4.97 -7.83
N VAL E 170 12.14 -4.57 -7.60
CA VAL E 170 12.50 -3.16 -7.58
C VAL E 170 13.62 -2.90 -8.57
N GLU E 171 13.77 -1.64 -8.97
CA GLU E 171 14.87 -1.20 -9.83
C GLU E 171 15.57 -0.04 -9.12
N ALA E 172 16.83 -0.26 -8.74
CA ALA E 172 17.57 0.77 -8.02
C ALA E 172 18.49 1.58 -8.95
N ARG E 173 18.74 1.09 -10.17
CA ARG E 173 19.75 1.68 -11.05
CA ARG E 173 19.75 1.66 -11.07
C ARG E 173 19.17 2.86 -11.83
N LYS E 174 19.93 3.96 -11.86
CA LYS E 174 19.69 5.17 -12.63
C LYS E 174 20.87 5.42 -13.58
N THR E 175 20.58 5.94 -14.78
CA THR E 175 21.57 6.23 -15.82
C THR E 175 21.23 7.57 -16.47
N PHE E 176 22.26 8.38 -16.82
CA PHE E 176 22.06 9.57 -17.63
C PHE E 176 23.29 9.80 -18.50
N ASP E 177 23.08 10.41 -19.69
CA ASP E 177 24.16 10.80 -20.59
C ASP E 177 24.55 12.24 -20.30
N PHE E 178 25.76 12.64 -20.69
CA PHE E 178 26.20 14.00 -20.41
C PHE E 178 27.19 14.46 -21.47
N VAL E 179 27.13 15.74 -21.83
CA VAL E 179 28.02 16.31 -22.82
C VAL E 179 29.03 17.20 -22.10
N PHE E 180 30.30 16.81 -22.13
CA PHE E 180 31.35 17.64 -21.56
C PHE E 180 31.74 18.69 -22.60
N HIS E 181 31.90 18.22 -23.85
CA HIS E 181 32.29 19.01 -25.02
C HIS E 181 31.60 18.40 -26.24
N GLU E 182 31.14 19.27 -27.14
CA GLU E 182 30.65 18.83 -28.43
C GLU E 182 31.32 19.66 -29.53
N ASN E 183 32.15 19.01 -30.34
CA ASN E 183 32.82 19.67 -31.46
C ASN E 183 33.61 20.89 -30.98
N ALA E 184 34.32 20.74 -29.86
CA ALA E 184 35.13 21.83 -29.35
C ALA E 184 36.24 22.16 -30.34
N GLU E 185 36.51 23.47 -30.50
CA GLU E 185 37.51 23.94 -31.45
C GLU E 185 38.72 24.48 -30.69
N SER E 186 38.52 24.80 -29.41
CA SER E 186 39.59 25.36 -28.62
CA SER E 186 39.52 25.46 -28.59
C SER E 186 39.52 24.88 -27.17
N ALA E 187 40.64 25.05 -26.44
CA ALA E 187 40.80 24.57 -25.08
C ALA E 187 39.74 25.20 -24.18
N SER E 188 39.16 24.38 -23.31
CA SER E 188 38.31 24.88 -22.23
C SER E 188 37.96 23.72 -21.30
N GLU E 189 37.38 24.07 -20.15
CA GLU E 189 36.96 23.07 -19.19
C GLU E 189 35.75 22.30 -19.70
N GLY E 190 34.88 22.98 -20.46
CA GLY E 190 33.63 22.39 -20.92
C GLY E 190 32.63 22.31 -19.77
N ALA E 191 31.53 21.57 -19.96
CA ALA E 191 30.50 21.47 -18.95
C ALA E 191 30.88 20.45 -17.86
N ALA E 192 30.43 20.71 -16.63
CA ALA E 192 30.71 19.92 -15.45
C ALA E 192 29.54 18.98 -15.18
N LEU E 193 29.83 17.67 -15.14
CA LEU E 193 28.82 16.67 -14.82
C LEU E 193 28.47 16.79 -13.35
N PRO E 194 27.17 16.90 -12.98
CA PRO E 194 26.75 16.79 -11.58
C PRO E 194 26.58 15.31 -11.24
N VAL E 195 27.34 14.84 -10.25
CA VAL E 195 27.43 13.42 -9.96
C VAL E 195 26.08 12.83 -9.50
N ASP E 196 25.37 13.53 -8.60
CA ASP E 196 23.95 13.30 -8.32
C ASP E 196 23.56 11.82 -8.34
N GLY E 197 24.11 11.05 -7.41
CA GLY E 197 23.63 9.68 -7.33
C GLY E 197 24.35 8.65 -8.22
N ALA E 198 25.21 9.09 -9.15
CA ALA E 198 25.97 8.13 -9.96
C ALA E 198 27.22 7.68 -9.20
N ALA E 199 27.66 6.44 -9.47
CA ALA E 199 28.87 5.88 -8.89
C ALA E 199 29.93 5.62 -9.97
N HIS E 200 29.49 5.47 -11.22
CA HIS E 200 30.35 5.04 -12.31
C HIS E 200 30.12 5.93 -13.52
N LEU E 201 31.20 6.20 -14.28
CA LEU E 201 31.10 7.03 -15.46
C LEU E 201 31.96 6.46 -16.57
N LEU E 202 31.39 6.36 -17.77
CA LEU E 202 32.15 5.98 -18.97
C LEU E 202 32.19 7.19 -19.89
N VAL E 203 33.40 7.61 -20.28
CA VAL E 203 33.60 8.82 -21.07
C VAL E 203 34.23 8.44 -22.41
N GLU E 204 33.59 8.87 -23.50
CA GLU E 204 34.14 8.68 -24.83
C GLU E 204 34.73 9.99 -25.34
N VAL E 205 35.93 9.89 -25.94
CA VAL E 205 36.67 10.99 -26.55
C VAL E 205 36.77 10.68 -28.05
N TYR E 206 36.29 11.60 -28.89
CA TYR E 206 36.24 11.32 -30.32
C TYR E 206 36.13 12.64 -31.11
N GLY E 207 36.70 12.61 -32.32
CA GLY E 207 36.52 13.69 -33.28
C GLY E 207 37.66 13.75 -34.30
N THR E 208 37.78 14.90 -34.99
CA THR E 208 38.72 15.07 -36.08
C THR E 208 40.05 15.66 -35.59
N ALA E 209 40.09 16.24 -34.38
CA ALA E 209 41.29 16.93 -33.92
C ALA E 209 42.51 16.05 -34.19
N GLU E 210 43.56 16.66 -34.76
CA GLU E 210 44.77 15.90 -35.05
C GLU E 210 45.64 15.78 -33.79
N MET E 211 45.51 16.75 -32.91
CA MET E 211 46.21 16.79 -31.65
C MET E 211 45.23 17.32 -30.61
N SER E 212 45.19 16.67 -29.44
CA SER E 212 44.35 17.10 -28.35
C SER E 212 44.85 16.47 -27.05
N GLU E 213 44.62 17.18 -25.95
CA GLU E 213 44.87 16.63 -24.63
C GLU E 213 43.66 16.88 -23.74
N VAL E 214 43.14 15.80 -23.14
CA VAL E 214 42.05 15.87 -22.19
C VAL E 214 42.58 15.50 -20.82
N LYS E 215 42.26 16.34 -19.81
CA LYS E 215 42.66 16.10 -18.44
C LYS E 215 41.42 15.80 -17.63
N PHE E 216 41.50 14.78 -16.77
CA PHE E 216 40.35 14.28 -16.02
C PHE E 216 40.31 14.92 -14.63
N TRP E 217 39.18 15.55 -14.29
CA TRP E 217 39.08 16.27 -13.04
C TRP E 217 37.80 15.87 -12.31
N GLY E 218 37.87 15.86 -10.98
CA GLY E 218 36.69 15.87 -10.13
C GLY E 218 36.68 17.11 -9.25
N LYS E 219 35.49 17.50 -8.78
CA LYS E 219 35.42 18.49 -7.71
C LYS E 219 34.72 17.85 -6.52
N SER E 220 35.28 18.11 -5.34
CA SER E 220 34.69 17.69 -4.08
C SER E 220 34.16 18.94 -3.37
N VAL E 221 34.35 19.01 -2.04
CA VAL E 221 33.68 20.00 -1.22
C VAL E 221 34.26 21.40 -1.45
N SER E 222 35.57 21.52 -1.69
CA SER E 222 36.19 22.84 -1.77
C SER E 222 35.81 23.56 -3.06
N GLY E 223 35.46 22.80 -4.11
CA GLY E 223 35.22 23.40 -5.41
C GLY E 223 36.48 23.50 -6.26
N GLN E 224 37.66 23.20 -5.70
CA GLN E 224 38.89 23.09 -6.48
C GLN E 224 38.88 21.79 -7.28
N LYS E 225 39.44 21.86 -8.49
CA LYS E 225 39.60 20.71 -9.36
C LYS E 225 40.67 19.80 -8.78
N LEU E 226 40.36 18.49 -8.75
CA LEU E 226 41.24 17.45 -8.27
C LEU E 226 41.43 16.44 -9.40
N PRO E 227 42.68 16.00 -9.66
CA PRO E 227 42.93 15.03 -10.75
C PRO E 227 42.35 13.68 -10.34
N ILE E 228 41.71 13.02 -11.31
CA ILE E 228 41.19 11.67 -11.11
C ILE E 228 41.75 10.76 -12.21
N ARG E 229 41.71 9.45 -11.96
CA ARG E 229 42.28 8.46 -12.85
CA ARG E 229 42.28 8.46 -12.86
C ARG E 229 41.13 7.66 -13.48
N GLY E 230 41.26 7.40 -14.78
CA GLY E 230 40.31 6.55 -15.48
C GLY E 230 41.02 5.31 -16.02
N VAL E 231 40.23 4.32 -16.44
CA VAL E 231 40.76 3.10 -17.02
C VAL E 231 40.25 2.97 -18.45
N LYS E 232 41.17 2.92 -19.42
CA LYS E 232 40.82 2.87 -20.83
C LYS E 232 40.29 1.47 -21.17
N THR E 233 39.19 1.40 -21.98
CA THR E 233 38.53 0.12 -22.15
C THR E 233 39.37 -0.87 -22.96
N ASP E 234 40.15 -0.39 -23.94
CA ASP E 234 40.79 -1.32 -24.87
C ASP E 234 41.99 -2.05 -24.26
N ASP E 235 42.72 -1.40 -23.33
CA ASP E 235 43.97 -1.96 -22.85
C ASP E 235 44.15 -1.80 -21.34
N ALA E 236 43.13 -1.27 -20.64
CA ALA E 236 43.20 -1.11 -19.19
C ALA E 236 44.31 -0.17 -18.74
N THR E 237 44.77 0.75 -19.60
CA THR E 237 45.64 1.84 -19.18
C THR E 237 44.91 2.64 -18.10
N THR E 238 45.62 2.99 -17.02
CA THR E 238 45.11 3.88 -16.00
C THR E 238 45.87 5.21 -16.12
N ALA E 239 45.13 6.33 -16.25
CA ALA E 239 45.78 7.62 -16.40
C ALA E 239 44.83 8.72 -15.92
N SER E 240 45.40 9.91 -15.70
CA SER E 240 44.59 11.06 -15.30
C SER E 240 44.47 12.06 -16.47
N SER E 241 44.90 11.64 -17.65
CA SER E 241 44.69 12.43 -18.86
C SER E 241 44.97 11.56 -20.09
N THR E 242 44.63 12.10 -21.27
CA THR E 242 44.89 11.39 -22.51
C THR E 242 45.24 12.36 -23.64
N LEU E 243 46.13 11.88 -24.52
CA LEU E 243 46.49 12.54 -25.77
C LEU E 243 45.77 11.83 -26.91
N GLY E 244 44.98 10.79 -26.61
CA GLY E 244 44.35 9.98 -27.63
C GLY E 244 42.89 10.36 -27.90
N LYS E 245 42.26 9.64 -28.83
CA LYS E 245 40.84 9.80 -29.13
C LYS E 245 40.35 8.48 -29.73
N ALA E 246 39.05 8.41 -30.07
CA ALA E 246 38.45 7.14 -30.43
C ALA E 246 38.70 6.14 -29.30
N GLU E 247 38.48 6.59 -28.06
CA GLU E 247 38.73 5.76 -26.89
C GLU E 247 37.71 6.12 -25.82
N ALA E 248 37.55 5.21 -24.85
CA ALA E 248 36.63 5.43 -23.76
C ALA E 248 37.34 5.09 -22.44
N TRP E 249 37.00 5.87 -21.40
CA TRP E 249 37.65 5.81 -20.10
C TRP E 249 36.58 5.60 -19.04
N ALA E 250 36.81 4.64 -18.14
CA ALA E 250 35.89 4.31 -17.06
C ALA E 250 36.39 4.94 -15.76
N PHE E 251 35.48 5.59 -15.02
CA PHE E 251 35.83 6.24 -13.77
C PHE E 251 34.90 5.80 -12.65
N ASP E 252 35.47 5.65 -11.46
CA ASP E 252 34.73 5.52 -10.23
C ASP E 252 34.53 6.92 -9.66
N ILE E 253 33.28 7.38 -9.58
CA ILE E 253 33.07 8.79 -9.26
C ILE E 253 32.35 8.96 -7.92
N LYS E 254 32.15 7.85 -7.19
CA LYS E 254 31.51 7.89 -5.88
CA LYS E 254 31.53 7.87 -5.87
C LYS E 254 32.21 8.92 -4.99
N GLY E 255 31.41 9.87 -4.44
CA GLY E 255 31.97 10.80 -3.49
C GLY E 255 32.30 12.16 -4.09
N PHE E 256 32.40 12.25 -5.43
CA PHE E 256 32.64 13.54 -6.06
C PHE E 256 31.34 14.31 -6.24
N LYS E 257 31.44 15.63 -6.35
CA LYS E 257 30.27 16.46 -6.61
C LYS E 257 30.14 16.69 -8.11
N GLU E 258 31.27 16.90 -8.80
CA GLU E 258 31.23 17.15 -10.23
C GLU E 258 32.43 16.50 -10.91
N ILE E 259 32.26 16.22 -12.21
CA ILE E 259 33.35 15.68 -13.03
C ILE E 259 33.55 16.62 -14.22
N ILE E 260 34.80 16.96 -14.48
CA ILE E 260 35.13 17.84 -15.59
C ILE E 260 36.16 17.12 -16.46
N MET E 261 35.94 17.16 -17.77
CA MET E 261 36.88 16.63 -18.74
C MET E 261 37.41 17.80 -19.55
N GLU E 262 38.56 18.34 -19.14
CA GLU E 262 39.04 19.60 -19.68
C GLU E 262 39.88 19.34 -20.93
N ILE E 263 39.56 20.06 -22.01
CA ILE E 263 40.47 20.07 -23.15
C ILE E 263 41.57 21.08 -22.85
N ILE E 264 42.78 20.57 -22.63
CA ILE E 264 43.96 21.33 -22.27
C ILE E 264 44.49 22.01 -23.52
N SER E 265 44.47 21.26 -24.63
CA SER E 265 44.90 21.78 -25.92
C SER E 265 44.24 20.97 -27.03
N ILE E 266 44.13 21.62 -28.20
CA ILE E 266 43.55 21.03 -29.38
C ILE E 266 44.06 21.81 -30.61
N THR E 267 44.47 21.09 -31.67
CA THR E 267 44.70 21.69 -32.97
C THR E 267 44.25 20.73 -34.06
N GLY E 268 43.85 21.33 -35.20
CA GLY E 268 43.69 20.59 -36.44
C GLY E 268 42.36 19.83 -36.51
N GLY E 269 41.29 20.43 -35.98
CA GLY E 269 40.00 19.77 -35.99
C GLY E 269 39.25 20.00 -34.67
N THR E 270 38.20 19.21 -34.45
CA THR E 270 37.37 19.40 -33.27
C THR E 270 37.32 18.09 -32.46
N LEU E 271 36.81 18.20 -31.24
CA LEU E 271 36.76 17.06 -30.33
C LEU E 271 35.46 17.10 -29.54
N SER E 272 34.78 15.95 -29.47
CA SER E 272 33.66 15.76 -28.58
C SER E 272 34.07 14.89 -27.41
N VAL E 273 33.53 15.19 -26.24
CA VAL E 273 33.75 14.41 -25.03
C VAL E 273 32.40 14.24 -24.35
N LYS E 274 31.91 12.99 -24.33
CA LYS E 274 30.58 12.71 -23.83
C LYS E 274 30.64 11.41 -23.05
N GLY E 275 29.74 11.28 -22.06
CA GLY E 275 29.75 10.07 -21.26
C GLY E 275 28.38 9.63 -20.78
N THR E 276 28.36 8.48 -20.10
CA THR E 276 27.20 7.92 -19.45
C THR E 276 27.55 7.61 -18.00
N ALA E 277 26.76 8.19 -17.08
CA ALA E 277 26.90 8.00 -15.65
C ALA E 277 25.86 6.99 -15.20
N VAL E 278 26.26 6.09 -14.32
CA VAL E 278 25.38 5.04 -13.83
C VAL E 278 25.52 4.99 -12.31
N SER E 279 24.39 4.73 -11.62
CA SER E 279 24.40 4.63 -10.17
C SER E 279 25.06 3.30 -9.75
C1 GOL F . -40.60 6.05 10.35
C1 GOL F . -42.32 4.58 12.16
O1 GOL F . -39.90 7.22 10.80
O1 GOL F . -41.50 4.88 11.03
C2 GOL F . -42.13 6.13 10.54
C2 GOL F . -43.01 5.84 12.71
O2 GOL F . -42.84 6.16 9.28
O2 GOL F . -43.49 6.68 11.65
C3 GOL F . -42.66 4.95 11.32
C3 GOL F . -44.17 5.44 13.62
O3 GOL F . -44.05 5.22 11.59
O3 GOL F . -45.40 5.76 12.99
C1 GOL G . -33.10 21.70 13.30
O1 GOL G . -32.98 20.30 13.62
C2 GOL G . -31.99 22.62 13.85
O2 GOL G . -32.50 23.62 14.72
C3 GOL G . -30.81 21.92 14.51
O3 GOL G . -29.97 22.05 13.36
C ACT H . -26.08 0.54 3.44
O ACT H . -26.80 0.12 2.53
OXT ACT H . -25.91 -0.14 4.47
CH3 ACT H . -25.35 1.87 3.36
C ACT I . -25.42 -27.80 -9.54
O ACT I . -26.67 -28.00 -9.64
OXT ACT I . -24.97 -26.64 -9.54
CH3 ACT I . -24.36 -28.89 -9.41
C ACT J . -27.49 -40.93 21.72
O ACT J . -27.87 -39.75 21.49
OXT ACT J . -28.22 -41.85 22.19
CH3 ACT J . -26.07 -41.32 21.41
C ACT K . -27.32 -21.76 27.30
O ACT K . -28.48 -22.03 27.70
OXT ACT K . -27.09 -20.79 26.53
CH3 ACT K . -26.19 -22.67 27.75
C ACT L . 34.25 -8.96 -14.58
O ACT L . 34.24 -10.02 -13.91
OXT ACT L . 35.01 -8.82 -15.59
CH3 ACT L . 33.33 -7.82 -14.16
C1 GOL M . -45.79 4.61 3.32
O1 GOL M . -47.07 5.19 3.09
C2 GOL M . -44.80 5.67 2.96
O2 GOL M . -44.49 6.39 4.14
C3 GOL M . -43.55 4.98 2.48
O3 GOL M . -42.44 5.77 2.95
C1 GOL N . -7.87 28.41 25.57
O1 GOL N . -6.90 27.59 24.88
C2 GOL N . -8.82 27.35 26.17
O2 GOL N . -8.13 26.67 27.23
C3 GOL N . -10.20 27.90 26.58
O3 GOL N . -9.98 28.81 27.66
C1 GOL O . -10.21 20.40 31.24
O1 GOL O . -8.99 20.00 31.91
C2 GOL O . -11.35 19.40 31.46
O2 GOL O . -10.84 18.11 31.15
C3 GOL O . -11.77 19.39 32.91
O3 GOL O . -13.10 18.85 32.96
C ACT P . -39.63 -3.01 -10.07
O ACT P . -39.33 -2.30 -11.05
OXT ACT P . -39.04 -4.11 -10.01
CH3 ACT P . -40.61 -2.52 -9.00
C ACT Q . -24.69 5.31 7.74
O ACT Q . -25.39 6.10 7.11
OXT ACT Q . -24.34 5.64 8.85
CH3 ACT Q . -24.23 4.02 7.12
C ACT R . -11.81 16.91 6.82
O ACT R . -12.00 18.13 6.68
OXT ACT R . -11.20 16.44 7.84
CH3 ACT R . -12.38 16.05 5.73
C ACT S . -22.60 38.67 0.30
O ACT S . -22.99 38.41 1.46
OXT ACT S . -21.72 37.97 -0.22
CH3 ACT S . -23.17 39.84 -0.44
C ACT T . -43.08 9.95 4.92
O ACT T . -44.15 10.39 4.42
OXT ACT T . -41.96 10.49 4.71
CH3 ACT T . -43.14 8.74 5.82
C1 GOL U . -43.88 2.45 6.69
O1 GOL U . -42.46 2.55 6.81
C2 GOL U . -44.42 2.05 8.04
O2 GOL U . -44.56 3.22 8.84
C3 GOL U . -45.78 1.40 7.83
O3 GOL U . -46.73 1.96 8.72
C1 GOL V . -37.10 -13.55 10.07
O1 GOL V . -36.42 -13.79 8.84
C2 GOL V . -38.53 -13.39 9.62
O2 GOL V . -39.34 -13.00 10.72
C3 GOL V . -38.50 -12.23 8.66
O3 GOL V . -38.79 -10.99 9.31
C1 GOL W . -13.40 34.87 -5.89
O1 GOL W . -12.01 34.99 -5.58
C2 GOL W . -14.18 34.55 -4.61
O2 GOL W . -13.31 34.26 -3.51
C3 GOL W . -15.08 35.73 -4.34
O3 GOL W . -15.19 36.01 -2.95
C1 GOL X . -11.03 28.02 -7.30
O1 GOL X . -12.29 27.83 -8.01
C2 GOL X . -9.84 27.66 -8.20
O2 GOL X . -9.05 28.83 -8.48
C3 GOL X . -8.91 26.61 -7.58
O3 GOL X . -9.14 26.41 -6.18
C ACT Y . -25.28 7.12 3.54
O ACT Y . -24.98 8.29 3.89
OXT ACT Y . -25.49 6.80 2.35
CH3 ACT Y . -25.37 6.03 4.59
C ACT Z . -15.35 10.81 -10.15
O ACT Z . -16.24 10.98 -10.96
OXT ACT Z . -14.65 11.76 -9.70
CH3 ACT Z . -15.19 9.40 -9.76
C1 GOL AA . -43.27 11.81 10.28
O1 GOL AA . -44.66 11.77 10.58
C2 GOL AA . -42.82 10.39 10.00
O2 GOL AA . -43.01 10.19 8.61
C3 GOL AA . -41.34 10.28 10.34
O3 GOL AA . -40.72 9.44 9.35
C ACT BA . -11.75 1.88 18.19
O ACT BA . -12.67 2.68 18.25
OXT ACT BA . -11.96 0.67 18.18
CH3 ACT BA . -10.33 2.39 18.19
C ACT CA . -18.31 -7.32 -9.59
O ACT CA . -18.09 -7.07 -8.38
OXT ACT CA . -17.91 -6.55 -10.49
CH3 ACT CA . -19.07 -8.57 -9.84
C ACT DA . 45.18 -33.63 -11.57
O ACT DA . 44.43 -32.88 -12.28
OXT ACT DA . 46.11 -33.20 -10.81
CH3 ACT DA . 44.98 -35.13 -11.62
C ACT EA . -25.81 1.24 7.40
O ACT EA . -25.40 2.20 8.08
OXT ACT EA . -25.60 0.06 7.68
CH3 ACT EA . -26.57 1.61 6.16
C ACT FA . 41.52 -30.65 -14.87
O ACT FA . 41.04 -29.77 -14.10
OXT ACT FA . 40.94 -31.75 -15.06
CH3 ACT FA . 42.80 -30.33 -15.60
C ACT GA . 32.03 -14.18 -13.83
O ACT GA . 30.95 -14.07 -14.51
OXT ACT GA . 32.50 -15.30 -13.45
CH3 ACT GA . 32.82 -12.97 -13.43
C1 GOL HA . -19.51 10.02 -14.07
O1 GOL HA . -18.14 9.62 -14.05
C2 GOL HA . -20.42 8.93 -14.61
O2 GOL HA . -21.43 8.41 -13.65
C3 GOL HA . -20.94 9.65 -15.83
O3 GOL HA . -21.00 8.85 -17.01
C ACT IA . 49.17 16.81 -16.65
O ACT IA . 48.79 17.79 -17.35
OXT ACT IA . 48.47 15.77 -16.49
CH3 ACT IA . 50.50 16.90 -15.96
C ACT JA . 51.80 14.96 -21.24
O ACT JA . 51.15 15.75 -20.50
OXT ACT JA . 52.52 15.32 -22.21
CH3 ACT JA . 51.70 13.52 -20.94
C ACT KA . -26.47 4.01 0.99
O ACT KA . -26.19 4.80 0.07
OXT ACT KA . -26.71 2.79 0.79
CH3 ACT KA . -26.45 4.48 2.42
C ACT LA . -23.22 6.01 -30.06
O ACT LA . -24.37 6.50 -30.24
OXT ACT LA . -22.66 6.18 -28.98
CH3 ACT LA . -22.47 5.21 -31.11
#